data_6CUC
#
_entry.id   6CUC
#
_entity_poly.entity_id   1
_entity_poly.type   'polypeptide(L)'
_entity_poly.pdbx_seq_one_letter_code
;GDCAKEGEVCSWGKKCCDLDNFYCPMEFIPHCKKYKPYVPVTTSFNCAKEGEVCGWGSKCCHGLDCPLAFIPYCEKYRGR
ND
;
_entity_poly.pdbx_strand_id   A
#
# COMPACT_ATOMS: atom_id res chain seq x y z
N GLY A 1 -23.19 18.34 -8.92
CA GLY A 1 -24.25 17.40 -8.60
C GLY A 1 -23.82 15.96 -8.78
N ASP A 2 -24.45 15.06 -8.03
CA ASP A 2 -24.13 13.64 -8.10
C ASP A 2 -22.64 13.42 -7.88
N CYS A 3 -22.12 13.93 -6.77
CA CYS A 3 -20.70 13.79 -6.44
C CYS A 3 -20.44 14.15 -4.98
N ALA A 4 -19.42 13.55 -4.40
CA ALA A 4 -19.06 13.81 -3.01
C ALA A 4 -18.19 15.06 -2.89
N LYS A 5 -18.55 15.93 -1.94
CA LYS A 5 -17.82 17.16 -1.73
C LYS A 5 -16.36 16.87 -1.37
N GLU A 6 -15.56 17.93 -1.24
CA GLU A 6 -14.15 17.78 -0.90
C GLU A 6 -13.98 17.29 0.53
N GLY A 7 -13.28 16.18 0.70
CA GLY A 7 -13.06 15.63 2.03
C GLY A 7 -14.10 14.60 2.40
N GLU A 8 -15.30 14.73 1.85
CA GLU A 8 -16.38 13.80 2.14
C GLU A 8 -16.06 12.40 1.62
N VAL A 9 -16.74 11.41 2.17
CA VAL A 9 -16.51 10.02 1.77
C VAL A 9 -17.08 9.76 0.38
N CYS A 10 -16.47 8.83 -0.35
CA CYS A 10 -16.92 8.47 -1.69
C CYS A 10 -17.25 6.99 -1.78
N SER A 11 -18.29 6.67 -2.54
CA SER A 11 -18.71 5.29 -2.72
C SER A 11 -18.74 4.90 -4.20
N TRP A 12 -19.23 3.71 -4.48
CA TRP A 12 -19.32 3.22 -5.85
C TRP A 12 -20.19 4.14 -6.70
N GLY A 13 -21.28 4.62 -6.11
CA GLY A 13 -22.18 5.51 -6.83
C GLY A 13 -21.84 6.97 -6.62
N LYS A 14 -21.18 7.28 -5.51
CA LYS A 14 -20.80 8.65 -5.20
C LYS A 14 -19.32 8.87 -5.44
N LYS A 15 -19.00 9.60 -6.51
CA LYS A 15 -17.61 9.89 -6.86
C LYS A 15 -17.27 11.33 -6.54
N CYS A 16 -16.03 11.55 -6.12
CA CYS A 16 -15.56 12.89 -5.78
C CYS A 16 -15.83 13.87 -6.92
N CYS A 17 -16.40 15.02 -6.58
CA CYS A 17 -16.71 16.04 -7.57
C CYS A 17 -15.49 16.37 -8.42
N ASP A 18 -14.32 16.35 -7.81
CA ASP A 18 -13.08 16.63 -8.52
C ASP A 18 -12.19 15.39 -8.59
N LEU A 19 -12.23 14.71 -9.72
CA LEU A 19 -11.42 13.51 -9.91
C LEU A 19 -9.97 13.86 -10.24
N ASP A 20 -9.80 14.93 -11.01
CA ASP A 20 -8.45 15.38 -11.39
C ASP A 20 -7.64 15.76 -10.17
N ASN A 21 -8.30 16.36 -9.17
CA ASN A 21 -7.63 16.78 -7.95
C ASN A 21 -7.76 15.70 -6.87
N PHE A 22 -8.99 15.36 -6.52
CA PHE A 22 -9.25 14.35 -5.51
C PHE A 22 -9.53 13.00 -6.14
N TYR A 23 -9.41 11.94 -5.35
CA TYR A 23 -9.65 10.58 -5.84
C TYR A 23 -10.10 9.67 -4.71
N CYS A 24 -10.41 8.42 -5.05
CA CYS A 24 -10.86 7.44 -4.06
C CYS A 24 -9.78 6.39 -3.81
N PRO A 25 -8.88 6.68 -2.85
CA PRO A 25 -7.79 5.77 -2.50
C PRO A 25 -8.28 4.52 -1.80
N MET A 26 -7.57 3.41 -1.99
CA MET A 26 -7.94 2.14 -1.37
C MET A 26 -7.48 2.09 0.09
N GLU A 27 -8.43 2.25 1.00
CA GLU A 27 -8.13 2.22 2.42
C GLU A 27 -9.40 2.01 3.24
N PHE A 28 -9.24 1.98 4.56
CA PHE A 28 -10.38 1.79 5.46
C PHE A 28 -11.50 2.78 5.14
N ILE A 29 -11.17 4.06 5.17
CA ILE A 29 -12.16 5.10 4.88
C ILE A 29 -11.69 6.00 3.73
N PRO A 30 -12.26 5.76 2.54
CA PRO A 30 -11.92 6.54 1.34
C PRO A 30 -12.42 7.98 1.41
N HIS A 31 -11.50 8.93 1.32
CA HIS A 31 -11.86 10.34 1.37
C HIS A 31 -11.59 11.02 0.03
N CYS A 32 -12.07 12.25 -0.11
CA CYS A 32 -11.88 13.01 -1.34
C CYS A 32 -10.82 14.10 -1.15
N LYS A 33 -9.59 13.69 -0.91
CA LYS A 33 -8.49 14.62 -0.71
C LYS A 33 -7.48 14.53 -1.85
N LYS A 34 -6.60 15.52 -1.93
CA LYS A 34 -5.58 15.54 -2.97
C LYS A 34 -4.69 14.29 -2.90
N TYR A 35 -4.01 14.00 -3.99
CA TYR A 35 -3.13 12.83 -4.05
C TYR A 35 -2.16 12.83 -2.89
N LYS A 36 -1.66 11.64 -2.53
CA LYS A 36 -0.72 11.49 -1.43
C LYS A 36 0.51 12.36 -1.66
N PRO A 37 1.25 12.65 -0.59
CA PRO A 37 2.46 13.46 -0.64
C PRO A 37 3.62 12.74 -1.35
N TYR A 38 4.65 13.50 -1.70
CA TYR A 38 5.80 12.93 -2.38
C TYR A 38 6.35 11.72 -1.62
N VAL A 39 7.02 10.83 -2.35
CA VAL A 39 7.60 9.63 -1.74
C VAL A 39 8.78 9.98 -0.85
N PRO A 40 8.80 9.40 0.36
CA PRO A 40 9.87 9.64 1.33
C PRO A 40 11.19 9.01 0.90
N VAL A 41 12.29 9.46 1.51
CA VAL A 41 13.61 8.93 1.19
C VAL A 41 13.64 7.41 1.26
N THR A 42 14.46 6.80 0.42
CA THR A 42 14.58 5.34 0.39
C THR A 42 14.83 4.78 1.77
N THR A 43 14.21 3.64 2.07
CA THR A 43 14.37 2.99 3.36
C THR A 43 15.82 2.58 3.61
N SER A 44 16.14 2.23 4.85
CA SER A 44 17.49 1.83 5.21
C SER A 44 17.67 0.33 5.03
N PHE A 45 18.92 -0.12 5.05
CA PHE A 45 19.24 -1.54 4.88
C PHE A 45 18.75 -2.34 6.09
N ASN A 46 18.19 -3.52 5.82
CA ASN A 46 17.68 -4.38 6.89
C ASN A 46 17.19 -5.71 6.31
N CYS A 47 17.14 -6.73 7.16
CA CYS A 47 16.69 -8.05 6.74
C CYS A 47 15.24 -8.00 6.26
N ALA A 48 14.86 -9.00 5.48
CA ALA A 48 13.50 -9.08 4.95
C ALA A 48 12.51 -9.53 6.03
N LYS A 49 11.63 -8.63 6.44
CA LYS A 49 10.64 -8.93 7.46
C LYS A 49 9.50 -9.77 6.89
N GLU A 50 8.68 -10.32 7.76
CA GLU A 50 7.55 -11.15 7.35
C GLU A 50 6.71 -10.42 6.29
N GLY A 51 6.46 -11.09 5.18
CA GLY A 51 5.67 -10.50 4.12
C GLY A 51 6.53 -10.01 2.96
N GLU A 52 7.76 -9.61 3.27
CA GLU A 52 8.67 -9.11 2.25
C GLU A 52 9.01 -10.21 1.24
N VAL A 53 9.37 -9.79 0.03
CA VAL A 53 9.71 -10.73 -1.03
C VAL A 53 11.20 -11.08 -1.00
N CYS A 54 11.52 -12.30 -1.42
CA CYS A 54 12.90 -12.76 -1.44
C CYS A 54 13.36 -13.05 -2.87
N GLY A 55 14.66 -12.90 -3.11
CA GLY A 55 15.20 -13.16 -4.44
C GLY A 55 16.29 -12.17 -4.82
N TRP A 56 16.15 -10.94 -4.34
CA TRP A 56 17.14 -9.89 -4.63
C TRP A 56 18.17 -9.80 -3.52
N GLY A 57 18.76 -10.93 -3.16
CA GLY A 57 19.77 -10.95 -2.12
C GLY A 57 19.20 -10.54 -0.77
N SER A 58 17.94 -10.88 -0.53
CA SER A 58 17.28 -10.55 0.72
C SER A 58 17.04 -11.79 1.56
N LYS A 59 17.63 -11.83 2.75
CA LYS A 59 17.48 -12.95 3.66
C LYS A 59 16.55 -12.61 4.82
N CYS A 60 15.56 -13.45 5.04
CA CYS A 60 14.60 -13.23 6.13
C CYS A 60 15.32 -13.10 7.47
N CYS A 61 14.74 -12.33 8.38
CA CYS A 61 15.32 -12.12 9.69
C CYS A 61 15.32 -13.41 10.51
N HIS A 62 16.06 -13.42 11.60
CA HIS A 62 16.15 -14.59 12.47
C HIS A 62 14.76 -15.08 12.85
N GLY A 63 14.52 -16.38 12.64
CA GLY A 63 13.23 -16.95 12.97
C GLY A 63 12.30 -17.04 11.77
N LEU A 64 12.56 -16.21 10.76
CA LEU A 64 11.75 -16.20 9.56
C LEU A 64 12.48 -16.91 8.41
N ASP A 65 11.72 -17.32 7.41
CA ASP A 65 12.29 -18.00 6.25
C ASP A 65 11.43 -17.79 5.01
N CYS A 66 12.00 -18.02 3.83
CA CYS A 66 11.28 -17.86 2.58
C CYS A 66 11.14 -19.19 1.86
N PRO A 67 9.92 -19.48 1.37
CA PRO A 67 9.63 -20.71 0.64
C PRO A 67 10.30 -20.76 -0.72
N LEU A 68 10.30 -21.93 -1.34
CA LEU A 68 10.91 -22.11 -2.66
C LEU A 68 9.85 -22.04 -3.75
N ALA A 69 9.69 -20.87 -4.33
CA ALA A 69 8.72 -20.67 -5.40
C ALA A 69 9.03 -19.41 -6.21
N PHE A 70 8.16 -19.07 -7.14
CA PHE A 70 8.35 -17.91 -7.99
C PHE A 70 8.61 -16.66 -7.15
N ILE A 71 7.61 -16.24 -6.38
CA ILE A 71 7.74 -15.07 -5.53
C ILE A 71 7.37 -15.40 -4.08
N PRO A 72 8.34 -15.95 -3.34
CA PRO A 72 8.14 -16.32 -1.94
C PRO A 72 8.01 -15.10 -1.03
N TYR A 73 7.62 -15.34 0.22
CA TYR A 73 7.45 -14.26 1.19
C TYR A 73 7.88 -14.70 2.58
N CYS A 74 8.69 -13.88 3.23
CA CYS A 74 9.18 -14.19 4.57
C CYS A 74 8.01 -14.54 5.50
N GLU A 75 8.21 -15.58 6.31
CA GLU A 75 7.18 -16.02 7.25
C GLU A 75 7.80 -16.82 8.40
N LYS A 76 7.20 -16.69 9.57
CA LYS A 76 7.68 -17.40 10.75
C LYS A 76 7.86 -18.89 10.46
N TYR A 77 9.09 -19.37 10.59
CA TYR A 77 9.39 -20.78 10.34
C TYR A 77 8.46 -21.68 11.13
N ARG A 78 7.69 -22.50 10.42
CA ARG A 78 6.75 -23.42 11.06
C ARG A 78 7.50 -24.58 11.70
N GLY A 1 -22.29 23.16 -9.22
CA GLY A 1 -23.59 22.64 -9.59
C GLY A 1 -23.89 21.31 -8.92
N ASP A 2 -23.26 20.25 -9.42
CA ASP A 2 -23.45 18.92 -8.87
C ASP A 2 -22.13 18.17 -8.74
N CYS A 3 -21.74 17.86 -7.51
CA CYS A 3 -20.49 17.15 -7.26
C CYS A 3 -20.39 16.75 -5.79
N ALA A 4 -19.40 15.92 -5.48
CA ALA A 4 -19.19 15.46 -4.12
C ALA A 4 -18.26 16.39 -3.36
N LYS A 5 -18.69 16.84 -2.19
CA LYS A 5 -17.90 17.74 -1.37
C LYS A 5 -16.63 17.06 -0.88
N GLU A 6 -15.74 17.83 -0.27
CA GLU A 6 -14.48 17.30 0.25
C GLU A 6 -14.74 16.27 1.34
N GLY A 7 -14.25 15.06 1.14
CA GLY A 7 -14.44 14.01 2.13
C GLY A 7 -15.67 13.16 1.84
N GLU A 8 -16.66 13.76 1.20
CA GLU A 8 -17.89 13.04 0.87
C GLU A 8 -17.61 11.86 -0.05
N VAL A 9 -18.55 10.92 -0.10
CA VAL A 9 -18.41 9.74 -0.94
C VAL A 9 -18.63 10.07 -2.41
N CYS A 10 -17.98 9.33 -3.29
CA CYS A 10 -18.12 9.54 -4.73
C CYS A 10 -18.73 8.32 -5.40
N SER A 11 -19.59 8.57 -6.39
CA SER A 11 -20.24 7.49 -7.12
C SER A 11 -20.26 7.78 -8.62
N TRP A 12 -20.93 6.92 -9.37
CA TRP A 12 -21.03 7.08 -10.81
C TRP A 12 -21.76 8.37 -11.18
N GLY A 13 -22.79 8.70 -10.40
CA GLY A 13 -23.55 9.90 -10.65
C GLY A 13 -22.95 11.11 -9.97
N LYS A 14 -22.22 10.88 -8.88
CA LYS A 14 -21.60 11.97 -8.14
C LYS A 14 -20.10 12.05 -8.44
N LYS A 15 -19.70 13.09 -9.17
CA LYS A 15 -18.31 13.29 -9.53
C LYS A 15 -17.70 14.43 -8.73
N CYS A 16 -16.58 14.16 -8.05
CA CYS A 16 -15.90 15.16 -7.26
C CYS A 16 -15.65 16.43 -8.07
N CYS A 17 -15.94 17.58 -7.49
CA CYS A 17 -15.74 18.86 -8.17
C CYS A 17 -14.27 19.05 -8.53
N ASP A 18 -13.38 18.58 -7.67
CA ASP A 18 -11.95 18.69 -7.91
C ASP A 18 -11.30 17.32 -8.00
N LEU A 19 -11.45 16.68 -9.16
CA LEU A 19 -10.87 15.35 -9.38
C LEU A 19 -9.35 15.41 -9.40
N ASP A 20 -8.82 16.50 -9.94
CA ASP A 20 -7.37 16.69 -10.02
C ASP A 20 -6.74 16.65 -8.63
N ASN A 21 -7.45 17.18 -7.65
CA ASN A 21 -6.96 17.21 -6.27
C ASN A 21 -7.41 15.97 -5.51
N PHE A 22 -8.71 15.75 -5.47
CA PHE A 22 -9.28 14.59 -4.77
C PHE A 22 -9.51 13.43 -5.74
N TYR A 23 -9.17 12.22 -5.29
CA TYR A 23 -9.34 11.03 -6.11
C TYR A 23 -10.05 9.93 -5.34
N CYS A 24 -10.63 8.97 -6.06
CA CYS A 24 -11.34 7.87 -5.44
C CYS A 24 -10.56 6.56 -5.60
N PRO A 25 -9.67 6.28 -4.64
CA PRO A 25 -8.85 5.08 -4.65
C PRO A 25 -9.66 3.82 -4.40
N MET A 26 -9.06 2.66 -4.68
CA MET A 26 -9.73 1.38 -4.49
C MET A 26 -9.91 1.08 -3.00
N GLU A 27 -11.14 1.22 -2.52
CA GLU A 27 -11.44 0.96 -1.11
C GLU A 27 -12.93 0.78 -0.90
N PHE A 28 -13.30 0.25 0.26
CA PHE A 28 -14.71 0.03 0.59
C PHE A 28 -15.53 1.30 0.38
N ILE A 29 -15.12 2.37 1.04
CA ILE A 29 -15.82 3.64 0.93
C ILE A 29 -14.87 4.75 0.48
N PRO A 30 -14.95 5.11 -0.81
CA PRO A 30 -14.10 6.16 -1.40
C PRO A 30 -14.47 7.55 -0.89
N HIS A 31 -13.46 8.38 -0.67
CA HIS A 31 -13.67 9.74 -0.19
C HIS A 31 -12.79 10.73 -0.94
N CYS A 32 -13.33 11.93 -1.18
CA CYS A 32 -12.59 12.97 -1.89
C CYS A 32 -11.47 13.53 -1.02
N LYS A 33 -10.35 12.82 -0.98
CA LYS A 33 -9.20 13.24 -0.19
C LYS A 33 -8.02 13.60 -1.09
N LYS A 34 -7.23 14.58 -0.65
CA LYS A 34 -6.06 15.02 -1.43
C LYS A 34 -5.07 13.87 -1.60
N TYR A 35 -4.25 13.96 -2.64
CA TYR A 35 -3.25 12.93 -2.92
C TYR A 35 -2.40 12.65 -1.68
N LYS A 36 -1.82 11.46 -1.63
CA LYS A 36 -0.98 11.06 -0.51
C LYS A 36 0.18 12.04 -0.33
N PRO A 37 0.75 12.04 0.89
CA PRO A 37 1.88 12.94 1.22
C PRO A 37 3.16 12.54 0.50
N TYR A 38 4.14 13.42 0.52
CA TYR A 38 5.42 13.16 -0.13
C TYR A 38 6.05 11.88 0.41
N VAL A 39 6.80 11.19 -0.45
CA VAL A 39 7.46 9.95 -0.07
C VAL A 39 8.68 10.23 0.81
N PRO A 40 8.79 9.48 1.91
CA PRO A 40 9.91 9.63 2.86
C PRO A 40 11.23 9.13 2.27
N VAL A 41 12.33 9.54 2.89
CA VAL A 41 13.66 9.15 2.44
C VAL A 41 13.76 7.63 2.29
N THR A 42 14.48 7.19 1.27
CA THR A 42 14.66 5.77 1.02
C THR A 42 15.17 5.04 2.26
N THR A 43 14.68 3.84 2.48
CA THR A 43 15.08 3.04 3.63
C THR A 43 16.50 2.53 3.47
N SER A 44 17.11 2.11 4.58
CA SER A 44 18.48 1.60 4.57
C SER A 44 18.50 0.10 4.25
N PHE A 45 19.65 -0.39 3.80
CA PHE A 45 19.80 -1.80 3.46
C PHE A 45 19.77 -2.67 4.71
N ASN A 46 19.01 -3.74 4.65
CA ASN A 46 18.90 -4.66 5.78
C ASN A 46 18.33 -6.01 5.34
N CYS A 47 18.80 -7.08 5.97
CA CYS A 47 18.35 -8.43 5.63
C CYS A 47 16.85 -8.57 5.90
N ALA A 48 16.23 -9.53 5.21
CA ALA A 48 14.81 -9.77 5.37
C ALA A 48 14.49 -10.39 6.72
N LYS A 49 13.85 -9.62 7.59
CA LYS A 49 13.49 -10.08 8.92
C LYS A 49 12.27 -11.00 8.88
N GLU A 50 12.06 -11.75 9.95
CA GLU A 50 10.92 -12.66 10.03
C GLU A 50 9.63 -11.95 9.65
N GLY A 51 8.92 -12.49 8.65
CA GLY A 51 7.67 -11.90 8.22
C GLY A 51 7.79 -11.26 6.84
N GLU A 52 8.99 -10.78 6.51
CA GLU A 52 9.22 -10.14 5.22
C GLU A 52 9.09 -11.15 4.08
N VAL A 53 8.67 -10.67 2.92
CA VAL A 53 8.51 -11.53 1.75
C VAL A 53 9.83 -11.74 1.03
N CYS A 54 9.99 -12.91 0.42
CA CYS A 54 11.20 -13.24 -0.30
C CYS A 54 10.91 -13.53 -1.77
N GLY A 55 11.97 -13.69 -2.57
CA GLY A 55 11.80 -13.95 -3.98
C GLY A 55 12.60 -13.01 -4.85
N TRP A 56 12.48 -11.72 -4.58
CA TRP A 56 13.19 -10.71 -5.35
C TRP A 56 14.62 -10.55 -4.83
N GLY A 57 15.37 -11.65 -4.81
CA GLY A 57 16.73 -11.60 -4.33
C GLY A 57 16.83 -11.20 -2.88
N SER A 58 15.83 -11.59 -2.08
CA SER A 58 15.81 -11.27 -0.67
C SER A 58 16.18 -12.49 0.17
N LYS A 59 17.30 -12.37 0.90
CA LYS A 59 17.77 -13.45 1.75
C LYS A 59 17.56 -13.13 3.22
N CYS A 60 16.76 -13.94 3.90
CA CYS A 60 16.49 -13.74 5.31
C CYS A 60 17.78 -13.60 6.11
N CYS A 61 17.69 -12.91 7.25
CA CYS A 61 18.85 -12.70 8.10
C CYS A 61 19.47 -14.02 8.51
N HIS A 62 20.72 -13.98 8.98
CA HIS A 62 21.43 -15.18 9.41
C HIS A 62 20.60 -15.95 10.42
N GLY A 63 20.21 -17.17 10.06
CA GLY A 63 19.42 -17.99 10.96
C GLY A 63 17.99 -18.15 10.49
N LEU A 64 17.53 -17.20 9.68
CA LEU A 64 16.16 -17.24 9.16
C LEU A 64 16.15 -17.71 7.71
N ASP A 65 15.03 -18.30 7.30
CA ASP A 65 14.88 -18.80 5.94
C ASP A 65 13.45 -18.59 5.43
N CYS A 66 13.28 -18.68 4.12
CA CYS A 66 11.96 -18.51 3.51
C CYS A 66 11.47 -19.81 2.88
N PRO A 67 10.17 -20.08 3.01
CA PRO A 67 9.55 -21.30 2.45
C PRO A 67 9.49 -21.26 0.93
N LEU A 68 9.18 -22.40 0.33
CA LEU A 68 9.09 -22.51 -1.12
C LEU A 68 7.64 -22.37 -1.58
N ALA A 69 7.27 -21.14 -1.95
CA ALA A 69 5.91 -20.87 -2.42
C ALA A 69 5.83 -19.54 -3.15
N PHE A 70 4.63 -19.14 -3.53
CA PHE A 70 4.43 -17.88 -4.24
C PHE A 70 4.98 -16.71 -3.44
N ILE A 71 4.36 -16.44 -2.29
CA ILE A 71 4.79 -15.34 -1.44
C ILE A 71 5.23 -15.85 -0.07
N PRO A 72 6.48 -16.34 0.01
CA PRO A 72 7.05 -16.86 1.26
C PRO A 72 7.29 -15.77 2.30
N TYR A 73 7.61 -16.19 3.52
CA TYR A 73 7.87 -15.24 4.60
C TYR A 73 8.97 -15.75 5.52
N CYS A 74 9.95 -14.89 5.80
CA CYS A 74 11.05 -15.25 6.66
C CYS A 74 10.56 -15.83 7.98
N GLU A 75 11.23 -16.88 8.45
CA GLU A 75 10.85 -17.53 9.70
C GLU A 75 12.02 -18.31 10.29
N LYS A 76 11.94 -18.60 11.58
CA LYS A 76 13.00 -19.33 12.26
C LYS A 76 13.35 -20.62 11.52
N TYR A 77 14.59 -20.73 11.07
CA TYR A 77 15.04 -21.90 10.35
C TYR A 77 14.93 -23.16 11.21
N ARG A 78 14.22 -24.17 10.69
CA ARG A 78 14.03 -25.41 11.41
C ARG A 78 15.32 -26.23 11.43
N GLY A 1 -22.58 5.68 -4.15
CA GLY A 1 -22.18 4.30 -4.37
C GLY A 1 -21.08 3.84 -3.42
N ASP A 2 -20.57 2.65 -3.65
CA ASP A 2 -19.51 2.10 -2.82
C ASP A 2 -18.21 2.88 -3.00
N CYS A 3 -17.78 3.56 -1.94
CA CYS A 3 -16.55 4.35 -1.99
C CYS A 3 -16.17 4.83 -0.59
N ALA A 4 -14.98 5.42 -0.48
CA ALA A 4 -14.49 5.92 0.80
C ALA A 4 -14.76 7.42 0.93
N LYS A 5 -14.75 7.91 2.17
CA LYS A 5 -15.00 9.32 2.43
C LYS A 5 -13.74 10.14 2.16
N GLU A 6 -13.87 11.46 2.27
CA GLU A 6 -12.75 12.36 2.02
C GLU A 6 -11.72 12.25 3.14
N GLY A 7 -10.50 11.87 2.78
CA GLY A 7 -9.44 11.74 3.78
C GLY A 7 -9.32 10.33 4.31
N GLU A 8 -10.44 9.59 4.31
CA GLU A 8 -10.45 8.22 4.80
C GLU A 8 -9.52 7.34 3.97
N VAL A 9 -9.06 6.26 4.58
CA VAL A 9 -8.15 5.33 3.90
C VAL A 9 -8.89 4.52 2.84
N CYS A 10 -8.16 4.13 1.80
CA CYS A 10 -8.73 3.35 0.71
C CYS A 10 -8.09 1.97 0.63
N SER A 11 -8.92 0.95 0.41
CA SER A 11 -8.43 -0.41 0.31
C SER A 11 -8.70 -0.99 -1.07
N TRP A 12 -8.46 -2.29 -1.23
CA TRP A 12 -8.68 -2.96 -2.51
C TRP A 12 -10.13 -2.88 -2.92
N GLY A 13 -11.04 -2.97 -1.95
CA GLY A 13 -12.45 -2.89 -2.23
C GLY A 13 -13.01 -1.49 -2.07
N LYS A 14 -12.35 -0.69 -1.24
CA LYS A 14 -12.79 0.69 -1.00
C LYS A 14 -11.92 1.67 -1.76
N LYS A 15 -12.49 2.27 -2.80
CA LYS A 15 -11.77 3.25 -3.62
C LYS A 15 -12.27 4.66 -3.35
N CYS A 16 -11.36 5.63 -3.38
CA CYS A 16 -11.71 7.01 -3.14
C CYS A 16 -12.86 7.45 -4.04
N CYS A 17 -13.97 7.87 -3.43
CA CYS A 17 -15.14 8.31 -4.18
C CYS A 17 -14.75 9.36 -5.21
N ASP A 18 -13.86 10.26 -4.82
CA ASP A 18 -13.41 11.33 -5.71
C ASP A 18 -12.02 11.01 -6.28
N LEU A 19 -11.99 10.42 -7.46
CA LEU A 19 -10.74 10.07 -8.11
C LEU A 19 -10.14 11.28 -8.84
N ASP A 20 -11.01 12.09 -9.43
CA ASP A 20 -10.57 13.28 -10.14
C ASP A 20 -9.81 14.23 -9.22
N ASN A 21 -10.25 14.30 -7.96
CA ASN A 21 -9.62 15.17 -6.97
C ASN A 21 -8.67 14.38 -6.09
N PHE A 22 -9.21 13.37 -5.40
CA PHE A 22 -8.41 12.53 -4.52
C PHE A 22 -7.94 11.27 -5.23
N TYR A 23 -7.05 10.53 -4.58
CA TYR A 23 -6.53 9.30 -5.17
C TYR A 23 -5.80 8.47 -4.11
N CYS A 24 -5.33 7.28 -4.50
CA CYS A 24 -4.62 6.39 -3.59
C CYS A 24 -3.13 6.35 -3.93
N PRO A 25 -2.36 7.27 -3.34
CA PRO A 25 -0.92 7.35 -3.56
C PRO A 25 -0.16 6.18 -2.95
N MET A 26 1.03 5.91 -3.45
CA MET A 26 1.86 4.82 -2.94
C MET A 26 2.58 5.24 -1.67
N GLU A 27 2.08 4.79 -0.52
CA GLU A 27 2.70 5.11 0.76
C GLU A 27 2.19 4.18 1.85
N PHE A 28 2.73 4.34 3.06
CA PHE A 28 2.34 3.51 4.19
C PHE A 28 0.82 3.50 4.36
N ILE A 29 0.25 4.68 4.52
CA ILE A 29 -1.20 4.81 4.69
C ILE A 29 -1.79 5.74 3.64
N PRO A 30 -2.43 5.15 2.61
CA PRO A 30 -3.06 5.90 1.53
C PRO A 30 -4.30 6.65 1.99
N HIS A 31 -4.29 7.97 1.82
CA HIS A 31 -5.42 8.80 2.22
C HIS A 31 -6.08 9.45 1.00
N CYS A 32 -7.41 9.56 1.05
CA CYS A 32 -8.15 10.15 -0.05
C CYS A 32 -8.03 11.68 -0.04
N LYS A 33 -6.81 12.17 -0.25
CA LYS A 33 -6.55 13.60 -0.27
C LYS A 33 -6.14 14.06 -1.66
N LYS A 34 -6.11 15.37 -1.86
CA LYS A 34 -5.73 15.95 -3.14
C LYS A 34 -4.25 15.71 -3.43
N TYR A 35 -3.88 15.81 -4.70
CA TYR A 35 -2.50 15.59 -5.11
C TYR A 35 -1.56 16.51 -4.34
N LYS A 36 -0.28 16.12 -4.26
CA LYS A 36 0.72 16.90 -3.56
C LYS A 36 1.93 17.17 -4.45
N PRO A 37 2.68 18.24 -4.13
CA PRO A 37 3.86 18.63 -4.89
C PRO A 37 5.01 17.64 -4.71
N TYR A 38 6.02 17.75 -5.58
CA TYR A 38 7.17 16.87 -5.52
C TYR A 38 7.95 17.05 -4.22
N VAL A 39 8.11 15.97 -3.47
CA VAL A 39 8.84 16.02 -2.20
C VAL A 39 9.87 14.89 -2.12
N PRO A 40 11.09 15.25 -1.70
CA PRO A 40 12.18 14.28 -1.56
C PRO A 40 11.96 13.31 -0.40
N VAL A 41 11.98 12.01 -0.71
CA VAL A 41 11.78 10.99 0.30
C VAL A 41 13.11 10.37 0.73
N THR A 42 13.28 10.19 2.04
CA THR A 42 14.51 9.61 2.57
C THR A 42 14.48 8.09 2.47
N THR A 43 15.66 7.48 2.54
CA THR A 43 15.78 6.03 2.46
C THR A 43 15.57 5.38 3.81
N SER A 44 14.32 5.29 4.25
CA SER A 44 14.01 4.69 5.54
C SER A 44 13.79 3.19 5.41
N PHE A 45 13.78 2.50 6.54
CA PHE A 45 13.57 1.05 6.54
C PHE A 45 12.10 0.70 6.35
N ASN A 46 11.84 -0.43 5.71
CA ASN A 46 10.48 -0.87 5.46
C ASN A 46 10.43 -2.37 5.15
N CYS A 47 9.31 -3.00 5.47
CA CYS A 47 9.15 -4.43 5.23
C CYS A 47 7.84 -4.71 4.50
N ALA A 48 7.78 -5.85 3.82
CA ALA A 48 6.60 -6.24 3.07
C ALA A 48 5.49 -6.71 4.00
N LYS A 49 4.40 -5.96 4.06
CA LYS A 49 3.27 -6.30 4.91
C LYS A 49 2.44 -7.43 4.29
N GLU A 50 1.60 -8.05 5.10
CA GLU A 50 0.75 -9.14 4.63
C GLU A 50 0.00 -8.75 3.36
N GLY A 51 0.16 -9.53 2.31
CA GLY A 51 -0.51 -9.24 1.05
C GLY A 51 0.46 -8.78 -0.02
N GLU A 52 1.55 -8.15 0.39
CA GLU A 52 2.55 -7.65 -0.55
C GLU A 52 3.26 -8.81 -1.24
N VAL A 53 3.70 -8.58 -2.47
CA VAL A 53 4.40 -9.60 -3.24
C VAL A 53 5.88 -9.65 -2.88
N CYS A 54 6.45 -10.85 -2.95
CA CYS A 54 7.87 -11.03 -2.63
C CYS A 54 8.64 -11.54 -3.84
N GLY A 55 9.95 -11.73 -3.67
CA GLY A 55 10.77 -12.22 -4.76
C GLY A 55 11.73 -11.16 -5.27
N TRP A 56 11.29 -9.91 -5.26
CA TRP A 56 12.12 -8.81 -5.73
C TRP A 56 12.96 -8.24 -4.60
N GLY A 57 13.64 -9.11 -3.86
CA GLY A 57 14.47 -8.69 -2.76
C GLY A 57 13.68 -8.02 -1.66
N SER A 58 12.45 -8.47 -1.47
CA SER A 58 11.57 -7.91 -0.44
C SER A 58 11.27 -8.94 0.64
N LYS A 59 11.62 -8.62 1.88
CA LYS A 59 11.39 -9.52 3.00
C LYS A 59 10.18 -9.07 3.81
N CYS A 60 9.29 -10.02 4.11
CA CYS A 60 8.09 -9.73 4.89
C CYS A 60 8.44 -9.13 6.25
N CYS A 61 7.47 -8.48 6.87
CA CYS A 61 7.67 -7.86 8.17
C CYS A 61 7.87 -8.92 9.25
N HIS A 62 8.28 -8.48 10.43
CA HIS A 62 8.50 -9.38 11.55
C HIS A 62 7.25 -10.18 11.86
N GLY A 63 7.33 -11.50 11.68
CA GLY A 63 6.19 -12.36 11.94
C GLY A 63 5.41 -12.69 10.68
N LEU A 64 6.04 -12.50 9.53
CA LEU A 64 5.40 -12.78 8.25
C LEU A 64 6.39 -13.41 7.28
N ASP A 65 5.87 -14.26 6.39
CA ASP A 65 6.71 -14.92 5.39
C ASP A 65 5.96 -15.08 4.08
N CYS A 66 6.71 -15.38 3.01
CA CYS A 66 6.11 -15.56 1.69
C CYS A 66 6.25 -17.00 1.22
N PRO A 67 5.20 -17.53 0.58
CA PRO A 67 5.19 -18.89 0.05
C PRO A 67 6.13 -19.07 -1.13
N LEU A 68 6.37 -20.33 -1.50
CA LEU A 68 7.24 -20.64 -2.62
C LEU A 68 6.45 -20.80 -3.91
N ALA A 69 6.36 -19.72 -4.68
CA ALA A 69 5.63 -19.74 -5.94
C ALA A 69 6.01 -18.55 -6.81
N PHE A 70 5.32 -18.40 -7.95
CA PHE A 70 5.58 -17.31 -8.87
C PHE A 70 5.41 -15.97 -8.18
N ILE A 71 4.18 -15.65 -7.80
CA ILE A 71 3.88 -14.40 -7.13
C ILE A 71 3.33 -14.63 -5.73
N PRO A 72 4.22 -14.87 -4.76
CA PRO A 72 3.85 -15.11 -3.36
C PRO A 72 3.29 -13.87 -2.68
N TYR A 73 2.73 -14.05 -1.50
CA TYR A 73 2.17 -12.94 -0.74
C TYR A 73 2.42 -13.11 0.75
N CYS A 74 2.93 -12.06 1.39
CA CYS A 74 3.22 -12.09 2.82
C CYS A 74 2.01 -12.58 3.60
N GLU A 75 2.26 -13.41 4.61
CA GLU A 75 1.18 -13.95 5.44
C GLU A 75 1.72 -14.42 6.79
N LYS A 76 0.85 -14.46 7.78
CA LYS A 76 1.23 -14.89 9.12
C LYS A 76 1.96 -16.22 9.08
N TYR A 77 3.21 -16.23 9.53
CA TYR A 77 4.02 -17.43 9.55
C TYR A 77 3.29 -18.57 10.24
N ARG A 78 3.38 -19.76 9.66
CA ARG A 78 2.72 -20.94 10.21
C ARG A 78 3.74 -21.99 10.64
N GLY A 1 -20.33 29.62 -7.61
CA GLY A 1 -21.70 29.68 -8.11
C GLY A 1 -22.44 28.37 -7.95
N ASP A 2 -22.37 27.52 -8.97
CA ASP A 2 -23.04 26.24 -8.93
C ASP A 2 -22.03 25.09 -8.90
N CYS A 3 -21.78 24.56 -7.71
CA CYS A 3 -20.84 23.46 -7.53
C CYS A 3 -20.89 22.93 -6.11
N ALA A 4 -20.25 21.77 -5.90
CA ALA A 4 -20.22 21.15 -4.58
C ALA A 4 -18.99 21.60 -3.79
N LYS A 5 -19.25 22.22 -2.64
CA LYS A 5 -18.17 22.71 -1.79
C LYS A 5 -17.33 21.55 -1.26
N GLU A 6 -16.26 21.87 -0.55
CA GLU A 6 -15.37 20.86 0.01
C GLU A 6 -16.13 19.94 0.98
N GLY A 7 -16.22 18.67 0.64
CA GLY A 7 -16.92 17.72 1.48
C GLY A 7 -18.32 17.41 0.98
N GLU A 8 -18.92 18.38 0.30
CA GLU A 8 -20.27 18.22 -0.22
C GLU A 8 -20.34 17.01 -1.16
N VAL A 9 -21.55 16.52 -1.38
CA VAL A 9 -21.77 15.36 -2.26
C VAL A 9 -21.81 15.79 -3.72
N CYS A 10 -21.41 14.88 -4.60
CA CYS A 10 -21.41 15.15 -6.04
C CYS A 10 -22.46 14.31 -6.75
N SER A 11 -23.10 14.90 -7.75
CA SER A 11 -24.12 14.19 -8.52
C SER A 11 -24.16 14.70 -9.96
N TRP A 12 -25.07 14.13 -10.74
CA TRP A 12 -25.21 14.52 -12.14
C TRP A 12 -25.48 16.02 -12.27
N GLY A 13 -26.23 16.56 -11.32
CA GLY A 13 -26.54 17.99 -11.33
C GLY A 13 -25.57 18.81 -10.51
N LYS A 14 -24.94 18.16 -9.53
CA LYS A 14 -23.98 18.84 -8.66
C LYS A 14 -22.55 18.47 -9.04
N LYS A 15 -21.85 19.40 -9.67
CA LYS A 15 -20.47 19.17 -10.08
C LYS A 15 -19.50 19.96 -9.20
N CYS A 16 -18.56 19.26 -8.57
CA CYS A 16 -17.58 19.89 -7.71
C CYS A 16 -16.88 21.04 -8.43
N CYS A 17 -16.55 22.09 -7.68
CA CYS A 17 -15.88 23.25 -8.24
C CYS A 17 -14.50 22.88 -8.78
N ASP A 18 -13.73 22.15 -7.97
CA ASP A 18 -12.40 21.72 -8.36
C ASP A 18 -12.35 20.22 -8.60
N LEU A 19 -12.86 19.79 -9.75
CA LEU A 19 -12.88 18.38 -10.10
C LEU A 19 -11.46 17.82 -10.20
N ASP A 20 -10.54 18.65 -10.68
CA ASP A 20 -9.15 18.24 -10.82
C ASP A 20 -8.58 17.78 -9.48
N ASN A 21 -9.01 18.41 -8.40
CA ASN A 21 -8.54 18.05 -7.07
C ASN A 21 -9.48 17.04 -6.42
N PHE A 22 -10.76 17.39 -6.34
CA PHE A 22 -11.76 16.51 -5.74
C PHE A 22 -12.44 15.66 -6.81
N TYR A 23 -12.61 14.38 -6.52
CA TYR A 23 -13.25 13.46 -7.45
C TYR A 23 -14.36 12.67 -6.78
N CYS A 24 -15.07 11.86 -7.55
CA CYS A 24 -16.16 11.04 -7.02
C CYS A 24 -15.78 9.57 -7.01
N PRO A 25 -15.13 9.13 -5.92
CA PRO A 25 -14.70 7.74 -5.76
C PRO A 25 -15.87 6.79 -5.56
N MET A 26 -15.65 5.51 -5.84
CA MET A 26 -16.69 4.50 -5.70
C MET A 26 -16.98 4.24 -4.23
N GLU A 27 -18.10 4.79 -3.74
CA GLU A 27 -18.49 4.62 -2.35
C GLU A 27 -19.96 4.99 -2.15
N PHE A 28 -20.50 4.65 -0.98
CA PHE A 28 -21.89 4.94 -0.67
C PHE A 28 -22.21 6.41 -0.91
N ILE A 29 -21.46 7.29 -0.27
CA ILE A 29 -21.65 8.73 -0.42
C ILE A 29 -20.36 9.42 -0.86
N PRO A 30 -20.28 9.75 -2.16
CA PRO A 30 -19.12 10.42 -2.74
C PRO A 30 -18.98 11.86 -2.26
N HIS A 31 -17.82 12.17 -1.67
CA HIS A 31 -17.57 13.52 -1.16
C HIS A 31 -16.39 14.15 -1.90
N CYS A 32 -16.40 15.48 -2.00
CA CYS A 32 -15.33 16.20 -2.67
C CYS A 32 -14.05 16.19 -1.84
N LYS A 33 -13.31 15.09 -1.93
CA LYS A 33 -12.06 14.94 -1.18
C LYS A 33 -10.88 14.85 -2.13
N LYS A 34 -9.84 15.65 -1.86
CA LYS A 34 -8.64 15.65 -2.68
C LYS A 34 -7.93 14.31 -2.61
N TYR A 35 -7.19 13.97 -3.65
CA TYR A 35 -6.45 12.72 -3.70
C TYR A 35 -5.59 12.53 -2.45
N LYS A 36 -5.33 11.28 -2.11
CA LYS A 36 -4.52 10.97 -0.93
C LYS A 36 -3.20 11.72 -0.97
N PRO A 37 -2.55 11.86 0.20
CA PRO A 37 -1.27 12.56 0.33
C PRO A 37 -0.12 11.79 -0.31
N TYR A 38 1.01 12.47 -0.49
CA TYR A 38 2.17 11.84 -1.11
C TYR A 38 2.55 10.55 -0.37
N VAL A 39 3.06 9.58 -1.12
CA VAL A 39 3.45 8.30 -0.54
C VAL A 39 4.84 8.40 0.09
N PRO A 40 4.96 7.87 1.31
CA PRO A 40 6.23 7.87 2.06
C PRO A 40 7.26 6.94 1.44
N VAL A 41 8.54 7.22 1.71
CA VAL A 41 9.63 6.40 1.19
C VAL A 41 9.45 4.94 1.57
N THR A 42 9.90 4.05 0.69
CA THR A 42 9.80 2.62 0.94
C THR A 42 10.55 2.21 2.20
N THR A 43 10.13 1.11 2.80
CA THR A 43 10.76 0.62 4.02
C THR A 43 12.19 0.16 3.76
N SER A 44 12.97 0.02 4.83
CA SER A 44 14.36 -0.41 4.70
C SER A 44 14.45 -1.93 4.53
N PHE A 45 15.56 -2.38 3.99
CA PHE A 45 15.77 -3.81 3.77
C PHE A 45 16.19 -4.50 5.06
N ASN A 46 16.03 -5.83 5.10
CA ASN A 46 16.38 -6.61 6.27
C ASN A 46 16.60 -8.08 5.91
N CYS A 47 17.56 -8.71 6.58
CA CYS A 47 17.86 -10.11 6.32
C CYS A 47 16.67 -11.00 6.66
N ALA A 48 16.65 -12.20 6.10
CA ALA A 48 15.57 -13.15 6.34
C ALA A 48 15.73 -13.82 7.69
N LYS A 49 14.80 -13.54 8.60
CA LYS A 49 14.84 -14.13 9.94
C LYS A 49 14.37 -15.58 9.92
N GLU A 50 14.61 -16.30 11.00
CA GLU A 50 14.21 -17.69 11.11
C GLU A 50 12.74 -17.86 10.75
N GLY A 51 12.45 -18.79 9.84
CA GLY A 51 11.09 -19.03 9.42
C GLY A 51 10.77 -18.42 8.08
N GLU A 52 11.44 -17.32 7.76
CA GLU A 52 11.22 -16.64 6.49
C GLU A 52 11.63 -17.52 5.31
N VAL A 53 11.05 -17.26 4.15
CA VAL A 53 11.34 -18.03 2.95
C VAL A 53 12.51 -17.43 2.17
N CYS A 54 13.26 -18.27 1.49
CA CYS A 54 14.40 -17.82 0.70
C CYS A 54 14.19 -18.11 -0.77
N GLY A 55 14.66 -17.19 -1.62
CA GLY A 55 14.52 -17.36 -3.05
C GLY A 55 14.52 -16.04 -3.80
N TRP A 56 13.98 -15.01 -3.17
CA TRP A 56 13.92 -13.68 -3.78
C TRP A 56 15.15 -12.86 -3.41
N GLY A 57 16.33 -13.47 -3.51
CA GLY A 57 17.56 -12.78 -3.19
C GLY A 57 17.63 -12.40 -1.73
N SER A 58 17.04 -13.22 -0.87
CA SER A 58 17.04 -12.95 0.57
C SER A 58 17.95 -13.95 1.30
N LYS A 59 18.99 -13.42 1.93
CA LYS A 59 19.94 -14.25 2.67
C LYS A 59 19.64 -14.21 4.17
N CYS A 60 19.62 -15.38 4.80
CA CYS A 60 19.35 -15.48 6.22
C CYS A 60 20.36 -14.65 7.02
N CYS A 61 19.93 -14.18 8.19
CA CYS A 61 20.79 -13.38 9.04
C CYS A 61 21.96 -14.20 9.58
N HIS A 62 22.95 -13.52 10.15
CA HIS A 62 24.12 -14.19 10.69
C HIS A 62 23.71 -15.31 11.65
N GLY A 63 24.26 -16.51 11.43
CA GLY A 63 23.93 -17.63 12.28
C GLY A 63 22.84 -18.51 11.69
N LEU A 64 22.02 -17.92 10.82
CA LEU A 64 20.93 -18.65 10.19
C LEU A 64 21.29 -19.05 8.76
N ASP A 65 20.58 -20.04 8.23
CA ASP A 65 20.83 -20.52 6.87
C ASP A 65 19.56 -21.13 6.28
N CYS A 66 19.53 -21.23 4.96
CA CYS A 66 18.37 -21.80 4.26
C CYS A 66 18.76 -23.07 3.52
N PRO A 67 17.97 -24.13 3.69
CA PRO A 67 18.21 -25.42 3.04
C PRO A 67 17.97 -25.38 1.54
N LEU A 68 18.42 -26.41 0.84
CA LEU A 68 18.26 -26.48 -0.61
C LEU A 68 17.04 -27.32 -0.98
N ALA A 69 15.91 -26.65 -1.20
CA ALA A 69 14.67 -27.32 -1.57
C ALA A 69 13.70 -26.36 -2.24
N PHE A 70 12.49 -26.85 -2.51
CA PHE A 70 11.46 -26.04 -3.15
C PHE A 70 11.28 -24.72 -2.40
N ILE A 71 10.78 -24.80 -1.18
CA ILE A 71 10.56 -23.62 -0.36
C ILE A 71 11.22 -23.75 1.01
N PRO A 72 12.52 -23.45 1.06
CA PRO A 72 13.31 -23.53 2.30
C PRO A 72 12.91 -22.45 3.31
N TYR A 73 13.41 -22.58 4.53
CA TYR A 73 13.10 -21.61 5.58
C TYR A 73 14.31 -21.38 6.48
N CYS A 74 14.63 -20.11 6.72
CA CYS A 74 15.76 -19.76 7.56
C CYS A 74 15.71 -20.49 8.90
N GLU A 75 16.86 -20.99 9.34
CA GLU A 75 16.94 -21.72 10.60
C GLU A 75 18.37 -21.71 11.14
N LYS A 76 18.49 -21.69 12.46
CA LYS A 76 19.80 -21.68 13.12
C LYS A 76 20.69 -22.78 12.56
N TYR A 77 21.82 -22.40 11.97
CA TYR A 77 22.75 -23.37 11.40
C TYR A 77 23.36 -24.24 12.50
N ARG A 78 23.38 -25.55 12.26
CA ARG A 78 23.93 -26.49 13.23
C ARG A 78 25.36 -26.89 12.83
N GLY A 1 -24.18 23.10 -5.17
CA GLY A 1 -25.41 22.63 -5.79
C GLY A 1 -25.35 21.15 -6.14
N ASP A 2 -24.78 20.84 -7.30
CA ASP A 2 -24.67 19.46 -7.75
C ASP A 2 -23.22 18.96 -7.63
N CYS A 3 -22.91 18.32 -6.51
CA CYS A 3 -21.57 17.80 -6.27
C CYS A 3 -21.54 16.93 -5.02
N ALA A 4 -20.43 16.23 -4.82
CA ALA A 4 -20.27 15.36 -3.66
C ALA A 4 -19.34 15.99 -2.63
N LYS A 5 -19.77 15.98 -1.36
CA LYS A 5 -18.98 16.54 -0.29
C LYS A 5 -17.62 15.88 -0.20
N GLU A 6 -16.71 16.46 0.58
CA GLU A 6 -15.37 15.92 0.75
C GLU A 6 -15.43 14.55 1.43
N GLY A 7 -14.83 13.56 0.78
CA GLY A 7 -14.81 12.21 1.33
C GLY A 7 -15.94 11.36 0.79
N GLU A 8 -17.05 12.00 0.43
CA GLU A 8 -18.21 11.30 -0.11
C GLU A 8 -17.86 10.59 -1.42
N VAL A 9 -18.65 9.58 -1.76
CA VAL A 9 -18.42 8.83 -3.00
C VAL A 9 -18.83 9.64 -4.23
N CYS A 10 -18.11 9.45 -5.32
CA CYS A 10 -18.39 10.16 -6.56
C CYS A 10 -18.70 9.19 -7.70
N SER A 11 -19.51 9.63 -8.65
CA SER A 11 -19.87 8.79 -9.79
C SER A 11 -19.87 9.60 -11.08
N TRP A 12 -20.30 8.97 -12.17
CA TRP A 12 -20.34 9.62 -13.47
C TRP A 12 -21.21 10.88 -13.41
N GLY A 13 -22.28 10.83 -12.62
CA GLY A 13 -23.16 11.96 -12.49
C GLY A 13 -22.83 12.82 -11.29
N LYS A 14 -22.20 12.22 -10.28
CA LYS A 14 -21.82 12.93 -9.07
C LYS A 14 -20.34 13.29 -9.08
N LYS A 15 -20.05 14.57 -9.22
CA LYS A 15 -18.67 15.05 -9.24
C LYS A 15 -18.32 15.77 -7.95
N CYS A 16 -17.15 15.45 -7.40
CA CYS A 16 -16.70 16.06 -6.15
C CYS A 16 -16.76 17.58 -6.25
N CYS A 17 -17.27 18.21 -5.19
CA CYS A 17 -17.40 19.67 -5.16
C CYS A 17 -16.04 20.33 -5.43
N ASP A 18 -15.00 19.80 -4.81
CA ASP A 18 -13.65 20.33 -4.98
C ASP A 18 -12.83 19.44 -5.92
N LEU A 19 -12.75 19.84 -7.18
CA LEU A 19 -12.00 19.08 -8.17
C LEU A 19 -10.52 19.47 -8.14
N ASP A 20 -10.25 20.75 -7.90
CA ASP A 20 -8.88 21.24 -7.85
C ASP A 20 -8.11 20.57 -6.71
N ASN A 21 -8.79 20.30 -5.61
CA ASN A 21 -8.16 19.67 -4.46
C ASN A 21 -8.43 18.17 -4.45
N PHE A 22 -9.71 17.80 -4.48
CA PHE A 22 -10.09 16.39 -4.49
C PHE A 22 -10.35 15.90 -5.90
N TYR A 23 -10.37 14.58 -6.06
CA TYR A 23 -10.60 13.98 -7.38
C TYR A 23 -11.15 12.56 -7.24
N CYS A 24 -11.46 11.95 -8.37
CA CYS A 24 -11.99 10.59 -8.38
C CYS A 24 -10.96 9.60 -8.90
N PRO A 25 -10.12 9.07 -7.99
CA PRO A 25 -9.08 8.11 -8.34
C PRO A 25 -9.65 6.75 -8.76
N MET A 26 -8.83 5.95 -9.42
CA MET A 26 -9.25 4.63 -9.86
C MET A 26 -9.09 3.60 -8.75
N GLU A 27 -10.21 3.17 -8.18
CA GLU A 27 -10.19 2.18 -7.10
C GLU A 27 -11.58 1.57 -6.90
N PHE A 28 -11.64 0.54 -6.06
CA PHE A 28 -12.91 -0.14 -5.78
C PHE A 28 -13.98 0.86 -5.39
N ILE A 29 -13.66 1.74 -4.44
CA ILE A 29 -14.60 2.74 -3.96
C ILE A 29 -14.02 4.14 -4.11
N PRO A 30 -14.47 4.87 -5.16
CA PRO A 30 -14.01 6.23 -5.43
C PRO A 30 -14.52 7.24 -4.39
N HIS A 31 -13.59 7.91 -3.72
CA HIS A 31 -13.95 8.90 -2.71
C HIS A 31 -13.60 10.30 -3.17
N CYS A 32 -13.95 11.29 -2.36
CA CYS A 32 -13.68 12.69 -2.69
C CYS A 32 -12.60 13.25 -1.79
N LYS A 33 -11.43 12.62 -1.80
CA LYS A 33 -10.30 13.06 -0.98
C LYS A 33 -9.17 13.56 -1.85
N LYS A 34 -8.16 14.16 -1.22
CA LYS A 34 -7.01 14.69 -1.94
C LYS A 34 -5.95 13.60 -2.14
N TYR A 35 -5.07 13.82 -3.11
CA TYR A 35 -4.01 12.86 -3.40
C TYR A 35 -3.24 12.49 -2.14
N LYS A 36 -2.62 11.32 -2.16
CA LYS A 36 -1.85 10.85 -1.01
C LYS A 36 -0.62 11.72 -0.79
N PRO A 37 -0.07 11.66 0.43
CA PRO A 37 1.12 12.45 0.81
C PRO A 37 2.38 11.95 0.11
N TYR A 38 3.43 12.77 0.15
CA TYR A 38 4.69 12.41 -0.47
C TYR A 38 5.28 11.14 0.15
N VAL A 39 5.96 10.36 -0.68
CA VAL A 39 6.57 9.11 -0.21
C VAL A 39 7.97 9.35 0.34
N PRO A 40 8.25 8.78 1.52
CA PRO A 40 9.55 8.92 2.17
C PRO A 40 10.66 8.17 1.43
N VAL A 41 11.91 8.57 1.70
CA VAL A 41 13.05 7.93 1.05
C VAL A 41 13.02 6.42 1.24
N THR A 42 13.49 5.69 0.24
CA THR A 42 13.53 4.23 0.30
C THR A 42 14.23 3.75 1.56
N THR A 43 13.69 2.70 2.17
CA THR A 43 14.26 2.13 3.38
C THR A 43 15.72 1.72 3.16
N SER A 44 16.40 1.38 4.25
CA SER A 44 17.80 0.97 4.18
C SER A 44 17.91 -0.50 3.78
N PHE A 45 19.06 -0.87 3.24
CA PHE A 45 19.30 -2.24 2.81
C PHE A 45 19.63 -3.13 4.01
N ASN A 46 18.95 -4.27 4.10
CA ASN A 46 19.17 -5.20 5.19
C ASN A 46 18.39 -6.50 4.97
N CYS A 47 19.10 -7.62 5.02
CA CYS A 47 18.48 -8.92 4.82
C CYS A 47 17.43 -9.20 5.90
N ALA A 48 16.54 -10.16 5.61
CA ALA A 48 15.48 -10.51 6.56
C ALA A 48 16.03 -11.42 7.66
N LYS A 49 16.07 -10.89 8.88
CA LYS A 49 16.56 -11.66 10.02
C LYS A 49 15.52 -12.67 10.49
N GLU A 50 15.94 -13.59 11.36
CA GLU A 50 15.04 -14.62 11.88
C GLU A 50 13.77 -13.99 12.44
N GLY A 51 12.63 -14.50 12.02
CA GLY A 51 11.35 -13.99 12.49
C GLY A 51 10.70 -13.06 11.48
N GLU A 52 11.51 -12.37 10.70
CA GLU A 52 11.01 -11.45 9.68
C GLU A 52 10.17 -12.18 8.64
N VAL A 53 9.24 -11.47 8.02
CA VAL A 53 8.38 -12.05 6.99
C VAL A 53 9.02 -11.95 5.62
N CYS A 54 8.71 -12.91 4.75
CA CYS A 54 9.25 -12.93 3.40
C CYS A 54 8.14 -12.79 2.37
N GLY A 55 8.44 -12.09 1.28
CA GLY A 55 7.45 -11.88 0.23
C GLY A 55 7.62 -10.55 -0.47
N TRP A 56 8.04 -9.54 0.28
CA TRP A 56 8.23 -8.20 -0.28
C TRP A 56 9.66 -8.02 -0.78
N GLY A 57 10.13 -8.99 -1.56
CA GLY A 57 11.48 -8.91 -2.10
C GLY A 57 12.54 -8.97 -1.01
N SER A 58 12.25 -9.70 0.06
CA SER A 58 13.17 -9.83 1.17
C SER A 58 13.72 -11.26 1.26
N LYS A 59 15.04 -11.38 1.23
CA LYS A 59 15.70 -12.68 1.31
C LYS A 59 16.40 -12.85 2.65
N CYS A 60 16.15 -13.98 3.32
CA CYS A 60 16.77 -14.26 4.61
C CYS A 60 18.29 -14.15 4.52
N CYS A 61 18.92 -13.80 5.63
CA CYS A 61 20.37 -13.66 5.68
C CYS A 61 21.05 -15.02 5.53
N HIS A 62 22.36 -15.01 5.33
CA HIS A 62 23.14 -16.23 5.18
C HIS A 62 22.89 -17.18 6.35
N GLY A 63 22.53 -18.41 6.04
CA GLY A 63 22.27 -19.39 7.08
C GLY A 63 20.79 -19.54 7.38
N LEU A 64 20.02 -18.50 7.07
CA LEU A 64 18.58 -18.52 7.32
C LEU A 64 17.81 -18.79 6.03
N ASP A 65 16.56 -19.22 6.17
CA ASP A 65 15.71 -19.51 5.01
C ASP A 65 14.23 -19.32 5.36
N CYS A 66 13.41 -19.13 4.34
CA CYS A 66 11.98 -18.94 4.54
C CYS A 66 11.19 -20.09 3.91
N PRO A 67 10.24 -20.63 4.67
CA PRO A 67 9.39 -21.74 4.21
C PRO A 67 8.41 -21.31 3.12
N LEU A 68 7.80 -22.29 2.46
CA LEU A 68 6.85 -22.00 1.39
C LEU A 68 5.42 -22.06 1.91
N ALA A 69 4.88 -20.90 2.28
CA ALA A 69 3.52 -20.81 2.80
C ALA A 69 2.96 -19.40 2.66
N PHE A 70 1.77 -19.18 3.20
CA PHE A 70 1.13 -17.88 3.14
C PHE A 70 2.07 -16.78 3.66
N ILE A 71 2.39 -16.85 4.95
CA ILE A 71 3.28 -15.87 5.57
C ILE A 71 4.42 -16.56 6.31
N PRO A 72 5.47 -16.93 5.55
CA PRO A 72 6.64 -17.60 6.12
C PRO A 72 7.47 -16.67 7.00
N TYR A 73 8.43 -17.25 7.72
CA TYR A 73 9.30 -16.46 8.59
C TYR A 73 10.72 -17.01 8.59
N CYS A 74 11.68 -16.11 8.42
CA CYS A 74 13.09 -16.51 8.38
C CYS A 74 13.45 -17.34 9.60
N GLU A 75 14.23 -18.41 9.38
CA GLU A 75 14.64 -19.29 10.46
C GLU A 75 15.90 -20.06 10.08
N LYS A 76 16.74 -20.33 11.08
CA LYS A 76 17.98 -21.06 10.86
C LYS A 76 17.73 -22.36 10.09
N TYR A 77 18.33 -22.46 8.91
CA TYR A 77 18.16 -23.65 8.08
C TYR A 77 18.49 -24.91 8.86
N ARG A 78 17.51 -25.81 8.99
CA ARG A 78 17.70 -27.05 9.71
C ARG A 78 18.69 -27.96 8.99
N GLY A 1 -17.79 30.88 -5.55
CA GLY A 1 -17.84 31.04 -6.99
C GLY A 1 -18.56 29.90 -7.68
N ASP A 2 -18.17 29.61 -8.91
CA ASP A 2 -18.78 28.53 -9.67
C ASP A 2 -18.07 27.20 -9.41
N CYS A 3 -18.30 26.64 -8.22
CA CYS A 3 -17.69 25.37 -7.84
C CYS A 3 -18.28 24.86 -6.52
N ALA A 4 -17.92 23.64 -6.16
CA ALA A 4 -18.40 23.04 -4.93
C ALA A 4 -17.42 23.26 -3.79
N LYS A 5 -17.94 23.65 -2.63
CA LYS A 5 -17.11 23.90 -1.45
C LYS A 5 -16.33 22.65 -1.08
N GLU A 6 -15.28 22.83 -0.28
CA GLU A 6 -14.45 21.71 0.16
C GLU A 6 -15.27 20.71 0.97
N GLY A 7 -15.43 19.52 0.42
CA GLY A 7 -16.20 18.48 1.11
C GLY A 7 -17.61 18.34 0.56
N GLU A 8 -18.14 19.45 0.04
CA GLU A 8 -19.49 19.44 -0.52
C GLU A 8 -19.60 18.45 -1.68
N VAL A 9 -20.83 18.06 -1.99
CA VAL A 9 -21.07 17.11 -3.08
C VAL A 9 -20.82 17.76 -4.44
N CYS A 10 -20.41 16.95 -5.40
CA CYS A 10 -20.13 17.43 -6.75
C CYS A 10 -21.04 16.76 -7.77
N SER A 11 -21.48 17.52 -8.77
CA SER A 11 -22.36 17.00 -9.81
C SER A 11 -21.82 17.34 -11.19
N TRP A 12 -22.55 16.92 -12.22
CA TRP A 12 -22.14 17.19 -13.60
C TRP A 12 -21.97 18.68 -13.85
N GLY A 13 -22.83 19.48 -13.21
CA GLY A 13 -22.75 20.92 -13.38
C GLY A 13 -21.93 21.59 -12.30
N LYS A 14 -21.83 20.94 -11.15
CA LYS A 14 -21.07 21.47 -10.03
C LYS A 14 -19.71 20.77 -9.91
N LYS A 15 -18.65 21.50 -10.21
CA LYS A 15 -17.30 20.95 -10.14
C LYS A 15 -16.54 21.52 -8.93
N CYS A 16 -15.62 20.73 -8.40
CA CYS A 16 -14.83 21.16 -7.24
C CYS A 16 -13.79 22.19 -7.66
N CYS A 17 -13.74 23.30 -6.91
CA CYS A 17 -12.78 24.36 -7.20
C CYS A 17 -11.36 23.82 -7.31
N ASP A 18 -11.00 22.96 -6.36
CA ASP A 18 -9.67 22.36 -6.34
C ASP A 18 -9.70 20.95 -6.94
N LEU A 19 -9.55 20.86 -8.26
CA LEU A 19 -9.57 19.58 -8.94
C LEU A 19 -8.22 18.88 -8.80
N ASP A 20 -7.15 19.66 -8.81
CA ASP A 20 -5.79 19.11 -8.68
C ASP A 20 -5.61 18.44 -7.33
N ASN A 21 -6.23 19.01 -6.29
CA ASN A 21 -6.13 18.47 -4.94
C ASN A 21 -7.28 17.51 -4.66
N PHE A 22 -8.50 18.00 -4.81
CA PHE A 22 -9.69 17.19 -4.57
C PHE A 22 -10.27 16.67 -5.88
N TYR A 23 -11.03 15.59 -5.79
CA TYR A 23 -11.64 14.98 -6.98
C TYR A 23 -12.96 14.31 -6.62
N CYS A 24 -13.65 13.79 -7.63
CA CYS A 24 -14.92 13.12 -7.43
C CYS A 24 -14.78 11.61 -7.63
N PRO A 25 -14.45 10.90 -6.53
CA PRO A 25 -14.28 9.45 -6.55
C PRO A 25 -15.60 8.72 -6.74
N MET A 26 -15.52 7.52 -7.33
CA MET A 26 -16.71 6.72 -7.57
C MET A 26 -17.22 6.09 -6.27
N GLU A 27 -18.33 6.61 -5.77
CA GLU A 27 -18.92 6.10 -4.53
C GLU A 27 -20.36 6.57 -4.38
N PHE A 28 -21.02 6.15 -3.30
CA PHE A 28 -22.40 6.52 -3.04
C PHE A 28 -22.58 8.03 -3.13
N ILE A 29 -21.81 8.77 -2.33
CA ILE A 29 -21.89 10.22 -2.32
C ILE A 29 -20.53 10.85 -2.61
N PRO A 30 -20.34 11.31 -3.85
CA PRO A 30 -19.08 11.95 -4.28
C PRO A 30 -18.87 13.30 -3.62
N HIS A 31 -17.76 13.45 -2.91
CA HIS A 31 -17.44 14.71 -2.23
C HIS A 31 -16.18 15.33 -2.84
N CYS A 32 -15.91 16.58 -2.45
CA CYS A 32 -14.75 17.30 -2.96
C CYS A 32 -13.59 17.22 -1.97
N LYS A 33 -13.16 15.99 -1.67
CA LYS A 33 -12.05 15.77 -0.74
C LYS A 33 -10.84 15.20 -1.46
N LYS A 34 -9.72 15.13 -0.75
CA LYS A 34 -8.48 14.60 -1.33
C LYS A 34 -8.42 13.08 -1.17
N TYR A 35 -7.59 12.44 -1.97
CA TYR A 35 -7.44 10.99 -1.92
C TYR A 35 -7.16 10.52 -0.49
N LYS A 36 -7.48 9.27 -0.21
CA LYS A 36 -7.26 8.70 1.11
C LYS A 36 -5.87 8.10 1.22
N PRO A 37 -5.39 7.93 2.46
CA PRO A 37 -4.06 7.36 2.73
C PRO A 37 -3.99 5.88 2.40
N TYR A 38 -3.02 5.52 1.55
CA TYR A 38 -2.84 4.13 1.14
C TYR A 38 -2.65 3.23 2.36
N VAL A 39 -3.23 2.03 2.29
CA VAL A 39 -3.11 1.07 3.38
C VAL A 39 -2.60 -0.27 2.88
N PRO A 40 -1.63 -0.84 3.60
CA PRO A 40 -1.03 -2.13 3.24
C PRO A 40 -2.00 -3.30 3.47
N VAL A 41 -2.21 -4.09 2.43
CA VAL A 41 -3.11 -5.24 2.51
C VAL A 41 -2.45 -6.40 3.25
N THR A 42 -3.24 -7.09 4.08
CA THR A 42 -2.73 -8.22 4.84
C THR A 42 -2.09 -9.26 3.93
N THR A 43 -1.29 -10.15 4.52
CA THR A 43 -0.62 -11.20 3.76
C THR A 43 0.37 -10.60 2.77
N SER A 44 1.03 -9.52 3.17
CA SER A 44 2.01 -8.86 2.30
C SER A 44 3.31 -9.64 2.25
N PHE A 45 4.17 -9.29 1.30
CA PHE A 45 5.45 -9.97 1.14
C PHE A 45 6.51 -9.35 2.05
N ASN A 46 7.59 -10.09 2.29
CA ASN A 46 8.66 -9.61 3.14
C ASN A 46 9.85 -10.57 3.11
N CYS A 47 11.04 -10.05 3.40
CA CYS A 47 12.25 -10.86 3.41
C CYS A 47 12.16 -11.96 4.46
N ALA A 48 13.08 -12.92 4.38
CA ALA A 48 13.11 -14.03 5.34
C ALA A 48 14.03 -13.71 6.51
N LYS A 49 13.44 -13.57 7.70
CA LYS A 49 14.20 -13.27 8.90
C LYS A 49 14.90 -14.52 9.42
N GLU A 50 15.81 -14.33 10.38
CA GLU A 50 16.54 -15.45 10.97
C GLU A 50 15.59 -16.54 11.44
N GLY A 51 15.81 -17.77 10.98
CA GLY A 51 14.96 -18.87 11.37
C GLY A 51 14.01 -19.30 10.26
N GLU A 52 13.63 -18.33 9.42
CA GLU A 52 12.71 -18.62 8.32
C GLU A 52 13.34 -19.60 7.32
N VAL A 53 12.50 -20.30 6.58
CA VAL A 53 12.97 -21.26 5.59
C VAL A 53 13.15 -20.61 4.23
N CYS A 54 14.11 -21.12 3.46
CA CYS A 54 14.38 -20.59 2.13
C CYS A 54 14.11 -21.64 1.06
N GLY A 55 13.65 -21.18 -0.10
CA GLY A 55 13.36 -22.09 -1.19
C GLY A 55 12.17 -21.64 -2.02
N TRP A 56 11.19 -21.02 -1.36
CA TRP A 56 9.98 -20.55 -2.04
C TRP A 56 10.17 -19.11 -2.53
N GLY A 57 11.30 -18.85 -3.17
CA GLY A 57 11.58 -17.53 -3.69
C GLY A 57 11.71 -16.50 -2.59
N SER A 58 12.21 -16.92 -1.43
CA SER A 58 12.39 -16.03 -0.29
C SER A 58 13.86 -15.81 0.01
N LYS A 59 14.28 -14.56 -0.05
CA LYS A 59 15.67 -14.21 0.21
C LYS A 59 15.83 -13.64 1.63
N CYS A 60 16.87 -14.09 2.32
CA CYS A 60 17.14 -13.63 3.68
C CYS A 60 17.29 -12.11 3.72
N CYS A 61 16.86 -11.51 4.82
CA CYS A 61 16.95 -10.06 4.98
C CYS A 61 18.40 -9.60 4.99
N HIS A 62 18.60 -8.29 4.94
CA HIS A 62 19.95 -7.72 4.94
C HIS A 62 20.73 -8.16 6.17
N GLY A 63 21.89 -8.78 5.95
CA GLY A 63 22.70 -9.24 7.06
C GLY A 63 22.43 -10.68 7.42
N LEU A 64 21.82 -11.42 6.50
CA LEU A 64 21.50 -12.82 6.72
C LEU A 64 21.71 -13.65 5.46
N ASP A 65 21.86 -14.95 5.62
CA ASP A 65 22.06 -15.84 4.49
C ASP A 65 21.50 -17.24 4.79
N CYS A 66 21.25 -18.00 3.73
CA CYS A 66 20.71 -19.35 3.88
C CYS A 66 21.69 -20.39 3.34
N PRO A 67 21.92 -21.46 4.13
CA PRO A 67 22.84 -22.54 3.75
C PRO A 67 22.30 -23.37 2.59
N LEU A 68 23.16 -24.20 2.01
CA LEU A 68 22.77 -25.06 0.90
C LEU A 68 22.44 -26.46 1.39
N ALA A 69 21.15 -26.72 1.61
CA ALA A 69 20.71 -28.02 2.07
C ALA A 69 19.23 -28.23 1.79
N PHE A 70 18.69 -29.35 2.27
CA PHE A 70 17.27 -29.66 2.06
C PHE A 70 16.39 -28.50 2.50
N ILE A 71 16.41 -28.20 3.80
CA ILE A 71 15.61 -27.12 4.36
C ILE A 71 16.47 -26.17 5.19
N PRO A 72 17.15 -25.23 4.51
CA PRO A 72 18.01 -24.25 5.17
C PRO A 72 17.21 -23.23 5.98
N TYR A 73 17.92 -22.44 6.77
CA TYR A 73 17.28 -21.42 7.61
C TYR A 73 18.13 -20.17 7.69
N CYS A 74 17.52 -19.01 7.48
CA CYS A 74 18.22 -17.74 7.54
C CYS A 74 19.01 -17.61 8.83
N GLU A 75 20.24 -17.10 8.72
CA GLU A 75 21.10 -16.93 9.89
C GLU A 75 22.15 -15.85 9.64
N LYS A 76 22.58 -15.19 10.70
CA LYS A 76 23.57 -14.14 10.61
C LYS A 76 24.80 -14.62 9.83
N TYR A 77 25.08 -13.95 8.71
CA TYR A 77 26.22 -14.32 7.87
C TYR A 77 27.52 -14.29 8.68
N ARG A 78 28.35 -15.30 8.47
CA ARG A 78 29.63 -15.39 9.18
C ARG A 78 30.77 -14.94 8.28
N GLY A 1 -21.22 9.72 -15.27
CA GLY A 1 -20.62 8.98 -14.19
C GLY A 1 -20.78 9.68 -12.85
N ASP A 2 -20.08 9.18 -11.83
CA ASP A 2 -20.13 9.79 -10.50
C ASP A 2 -18.79 9.67 -9.80
N CYS A 3 -18.72 10.20 -8.58
CA CYS A 3 -17.48 10.16 -7.80
C CYS A 3 -17.74 10.60 -6.36
N ALA A 4 -16.74 10.39 -5.51
CA ALA A 4 -16.86 10.76 -4.10
C ALA A 4 -16.23 12.12 -3.84
N LYS A 5 -16.63 12.75 -2.73
CA LYS A 5 -16.11 14.06 -2.36
C LYS A 5 -14.71 13.94 -1.77
N GLU A 6 -14.07 15.08 -1.53
CA GLU A 6 -12.73 15.10 -0.97
C GLU A 6 -12.74 14.67 0.49
N GLY A 7 -12.05 13.58 0.79
CA GLY A 7 -12.00 13.07 2.15
C GLY A 7 -13.06 12.03 2.42
N GLU A 8 -14.18 12.12 1.71
CA GLU A 8 -15.27 11.17 1.88
C GLU A 8 -14.82 9.75 1.54
N VAL A 9 -15.41 8.77 2.23
CA VAL A 9 -15.07 7.38 2.00
C VAL A 9 -15.41 6.95 0.57
N CYS A 10 -14.65 6.00 0.05
CA CYS A 10 -14.86 5.49 -1.31
C CYS A 10 -15.34 4.05 -1.29
N SER A 11 -16.25 3.73 -2.19
CA SER A 11 -16.80 2.38 -2.28
C SER A 11 -16.40 1.72 -3.59
N TRP A 12 -16.95 0.52 -3.83
CA TRP A 12 -16.65 -0.22 -5.06
C TRP A 12 -17.12 0.56 -6.29
N GLY A 13 -18.24 1.26 -6.15
CA GLY A 13 -18.77 2.03 -7.27
C GLY A 13 -18.43 3.50 -7.17
N LYS A 14 -18.18 3.97 -5.95
CA LYS A 14 -17.84 5.37 -5.72
C LYS A 14 -16.34 5.53 -5.53
N LYS A 15 -15.68 6.09 -6.54
CA LYS A 15 -14.23 6.32 -6.48
C LYS A 15 -13.92 7.80 -6.32
N CYS A 16 -12.73 8.08 -5.80
CA CYS A 16 -12.31 9.46 -5.59
C CYS A 16 -12.33 10.25 -6.90
N CYS A 17 -13.08 11.33 -6.92
CA CYS A 17 -13.19 12.17 -8.12
C CYS A 17 -11.82 12.56 -8.63
N ASP A 18 -10.88 12.78 -7.72
CA ASP A 18 -9.52 13.16 -8.09
C ASP A 18 -8.53 12.08 -7.69
N LEU A 19 -8.13 11.26 -8.66
CA LEU A 19 -7.19 10.18 -8.40
C LEU A 19 -5.75 10.70 -8.38
N ASP A 20 -5.47 11.67 -9.23
CA ASP A 20 -4.14 12.26 -9.30
C ASP A 20 -3.76 12.92 -7.98
N ASN A 21 -4.76 13.52 -7.32
CA ASN A 21 -4.53 14.18 -6.05
C ASN A 21 -4.88 13.27 -4.88
N PHE A 22 -6.13 12.81 -4.85
CA PHE A 22 -6.58 11.92 -3.78
C PHE A 22 -6.47 10.46 -4.21
N TYR A 23 -6.56 9.55 -3.24
CA TYR A 23 -6.47 8.13 -3.52
C TYR A 23 -6.98 7.31 -2.33
N CYS A 24 -7.35 6.07 -2.60
CA CYS A 24 -7.86 5.18 -1.56
C CYS A 24 -6.88 4.03 -1.30
N PRO A 25 -5.93 4.28 -0.38
CA PRO A 25 -4.92 3.27 -0.01
C PRO A 25 -5.51 2.10 0.76
N MET A 26 -4.70 1.06 0.97
CA MET A 26 -5.15 -0.12 1.69
C MET A 26 -5.09 0.11 3.20
N GLU A 27 -6.26 0.24 3.82
CA GLU A 27 -6.33 0.47 5.26
C GLU A 27 -7.74 0.17 5.78
N PHE A 28 -7.92 0.31 7.09
CA PHE A 28 -9.21 0.06 7.72
C PHE A 28 -10.32 0.83 7.01
N ILE A 29 -10.16 2.15 6.95
CA ILE A 29 -11.15 3.01 6.30
C ILE A 29 -10.51 3.85 5.20
N PRO A 30 -10.71 3.44 3.94
CA PRO A 30 -10.16 4.14 2.78
C PRO A 30 -10.84 5.48 2.54
N HIS A 31 -10.05 6.55 2.56
CA HIS A 31 -10.57 7.89 2.34
C HIS A 31 -10.03 8.48 1.04
N CYS A 32 -10.49 9.69 0.71
CA CYS A 32 -10.06 10.36 -0.50
C CYS A 32 -9.28 11.64 -0.17
N LYS A 33 -8.11 11.46 0.43
CA LYS A 33 -7.28 12.60 0.81
C LYS A 33 -5.98 12.61 -0.01
N LYS A 34 -5.25 13.71 0.05
CA LYS A 34 -3.99 13.85 -0.66
C LYS A 34 -2.94 12.90 -0.10
N TYR A 35 -1.91 12.62 -0.89
CA TYR A 35 -0.84 11.72 -0.48
C TYR A 35 -0.27 12.15 0.87
N LYS A 36 0.37 11.22 1.56
CA LYS A 36 0.96 11.49 2.87
C LYS A 36 1.95 12.66 2.78
N PRO A 37 2.23 13.28 3.92
CA PRO A 37 3.16 14.41 4.01
C PRO A 37 4.61 14.00 3.74
N TYR A 38 5.47 14.98 3.51
CA TYR A 38 6.88 14.72 3.24
C TYR A 38 7.48 13.83 4.33
N VAL A 39 8.12 12.74 3.92
CA VAL A 39 8.74 11.81 4.86
C VAL A 39 10.25 11.96 4.85
N PRO A 40 10.84 12.03 6.06
CA PRO A 40 12.29 12.17 6.23
C PRO A 40 13.04 10.92 5.81
N VAL A 41 14.35 11.07 5.58
CA VAL A 41 15.18 9.95 5.17
C VAL A 41 15.14 8.83 6.21
N THR A 42 14.73 7.64 5.79
CA THR A 42 14.65 6.49 6.68
C THR A 42 15.89 5.61 6.56
N THR A 43 16.09 4.76 7.55
CA THR A 43 17.24 3.86 7.57
C THR A 43 17.34 3.08 6.27
N SER A 44 18.56 2.91 5.76
CA SER A 44 18.78 2.19 4.53
C SER A 44 18.21 0.78 4.60
N PHE A 45 17.37 0.43 3.63
CA PHE A 45 16.75 -0.89 3.59
C PHE A 45 17.45 -1.80 2.59
N ASN A 46 17.67 -3.05 2.98
CA ASN A 46 18.33 -4.01 2.12
C ASN A 46 17.60 -5.35 2.13
N CYS A 47 16.28 -5.29 2.22
CA CYS A 47 15.45 -6.50 2.24
C CYS A 47 14.11 -6.26 1.54
N ALA A 48 13.48 -7.35 1.13
CA ALA A 48 12.19 -7.26 0.45
C ALA A 48 11.08 -6.90 1.43
N LYS A 49 10.52 -5.71 1.28
CA LYS A 49 9.44 -5.25 2.14
C LYS A 49 8.12 -5.91 1.77
N GLU A 50 7.12 -5.76 2.64
CA GLU A 50 5.81 -6.35 2.40
C GLU A 50 5.29 -5.97 1.02
N GLY A 51 4.90 -6.97 0.24
CA GLY A 51 4.38 -6.72 -1.09
C GLY A 51 5.39 -7.04 -2.18
N GLU A 52 6.67 -6.90 -1.84
CA GLU A 52 7.74 -7.18 -2.80
C GLU A 52 7.74 -8.65 -3.20
N VAL A 53 8.28 -8.92 -4.38
CA VAL A 53 8.35 -10.30 -4.88
C VAL A 53 9.64 -10.98 -4.44
N CYS A 54 9.58 -12.30 -4.28
CA CYS A 54 10.74 -13.08 -3.85
C CYS A 54 11.15 -14.06 -4.94
N GLY A 55 12.35 -14.64 -4.78
CA GLY A 55 12.84 -15.59 -5.76
C GLY A 55 14.07 -15.09 -6.48
N TRP A 56 14.14 -13.79 -6.71
CA TRP A 56 15.27 -13.18 -7.40
C TRP A 56 16.33 -12.72 -6.41
N GLY A 57 16.64 -13.57 -5.43
CA GLY A 57 17.63 -13.23 -4.43
C GLY A 57 17.14 -12.15 -3.48
N SER A 58 15.85 -12.15 -3.20
CA SER A 58 15.25 -11.16 -2.31
C SER A 58 14.66 -11.83 -1.07
N LYS A 59 15.18 -11.47 0.10
CA LYS A 59 14.70 -12.04 1.36
C LYS A 59 13.85 -11.02 2.12
N CYS A 60 12.72 -11.49 2.65
CA CYS A 60 11.83 -10.61 3.41
C CYS A 60 12.49 -10.14 4.70
N CYS A 61 12.23 -8.88 5.05
CA CYS A 61 12.80 -8.30 6.27
C CYS A 61 12.36 -9.08 7.50
N HIS A 62 12.99 -8.79 8.63
CA HIS A 62 12.66 -9.45 9.88
C HIS A 62 11.17 -9.31 10.20
N GLY A 63 10.52 -10.45 10.46
CA GLY A 63 9.10 -10.43 10.77
C GLY A 63 8.24 -10.79 9.58
N LEU A 64 8.79 -10.58 8.38
CA LEU A 64 8.07 -10.89 7.15
C LEU A 64 8.55 -12.21 6.54
N ASP A 65 7.72 -12.79 5.68
CA ASP A 65 8.06 -14.05 5.02
C ASP A 65 7.38 -14.16 3.67
N CYS A 66 7.89 -15.05 2.82
CA CYS A 66 7.34 -15.25 1.49
C CYS A 66 6.79 -16.67 1.34
N PRO A 67 5.57 -16.78 0.81
CA PRO A 67 4.92 -18.07 0.60
C PRO A 67 5.57 -18.89 -0.51
N LEU A 68 5.22 -20.18 -0.58
CA LEU A 68 5.79 -21.06 -1.59
C LEU A 68 4.85 -21.18 -2.79
N ALA A 69 5.10 -20.38 -3.81
CA ALA A 69 4.28 -20.40 -5.02
C ALA A 69 5.03 -19.77 -6.19
N PHE A 70 4.33 -19.65 -7.33
CA PHE A 70 4.94 -19.07 -8.52
C PHE A 70 5.57 -17.71 -8.22
N ILE A 71 4.74 -16.74 -7.86
CA ILE A 71 5.22 -15.40 -7.55
C ILE A 71 4.71 -14.94 -6.18
N PRO A 72 5.41 -15.36 -5.12
CA PRO A 72 5.05 -15.01 -3.75
C PRO A 72 5.30 -13.53 -3.44
N TYR A 73 4.80 -13.08 -2.30
CA TYR A 73 4.97 -11.68 -1.90
C TYR A 73 5.17 -11.58 -0.39
N CYS A 74 6.19 -10.81 0.01
CA CYS A 74 6.48 -10.63 1.43
C CYS A 74 5.25 -10.19 2.20
N GLU A 75 5.05 -10.80 3.38
CA GLU A 75 3.90 -10.47 4.20
C GLU A 75 4.17 -10.81 5.67
N LYS A 76 3.59 -10.02 6.57
CA LYS A 76 3.77 -10.25 8.00
C LYS A 76 3.47 -11.70 8.37
N TYR A 77 4.47 -12.38 8.90
CA TYR A 77 4.32 -13.78 9.30
C TYR A 77 3.25 -13.93 10.37
N ARG A 78 2.45 -14.98 10.26
CA ARG A 78 1.39 -15.24 11.21
C ARG A 78 1.73 -16.42 12.11
N GLY A 1 -25.10 29.41 -7.71
CA GLY A 1 -25.14 28.48 -8.83
C GLY A 1 -25.34 27.04 -8.37
N ASP A 2 -24.85 26.09 -9.16
CA ASP A 2 -24.98 24.68 -8.84
C ASP A 2 -23.62 24.04 -8.63
N CYS A 3 -23.55 23.06 -7.73
CA CYS A 3 -22.30 22.37 -7.45
C CYS A 3 -22.54 21.18 -6.53
N ALA A 4 -21.51 20.35 -6.36
CA ALA A 4 -21.61 19.17 -5.51
C ALA A 4 -21.04 19.45 -4.12
N LYS A 5 -21.88 19.30 -3.09
CA LYS A 5 -21.45 19.53 -1.72
C LYS A 5 -20.38 18.53 -1.30
N GLU A 6 -19.84 18.71 -0.10
CA GLU A 6 -18.81 17.82 0.42
C GLU A 6 -19.36 16.41 0.65
N GLY A 7 -18.66 15.42 0.10
CA GLY A 7 -19.10 14.05 0.25
C GLY A 7 -19.96 13.57 -0.90
N GLU A 8 -20.67 14.51 -1.53
CA GLU A 8 -21.54 14.19 -2.66
C GLU A 8 -20.71 13.74 -3.86
N VAL A 9 -21.37 13.07 -4.80
CA VAL A 9 -20.70 12.59 -6.00
C VAL A 9 -20.52 13.71 -7.01
N CYS A 10 -19.44 13.64 -7.77
CA CYS A 10 -19.13 14.64 -8.78
C CYS A 10 -19.09 14.03 -10.18
N SER A 11 -19.65 14.75 -11.15
CA SER A 11 -19.67 14.27 -12.53
C SER A 11 -19.33 15.40 -13.50
N TRP A 12 -19.46 15.12 -14.80
CA TRP A 12 -19.17 16.11 -15.82
C TRP A 12 -20.08 17.32 -15.69
N GLY A 13 -21.34 17.08 -15.36
CA GLY A 13 -22.30 18.16 -15.20
C GLY A 13 -22.33 18.71 -13.79
N LYS A 14 -21.94 17.88 -12.83
CA LYS A 14 -21.93 18.29 -11.43
C LYS A 14 -20.51 18.59 -10.96
N LYS A 15 -20.22 19.86 -10.75
CA LYS A 15 -18.90 20.28 -10.29
C LYS A 15 -18.90 20.56 -8.79
N CYS A 16 -18.01 19.90 -8.07
CA CYS A 16 -17.91 20.08 -6.62
C CYS A 16 -17.78 21.56 -6.27
N CYS A 17 -18.50 21.97 -5.23
CA CYS A 17 -18.46 23.36 -4.78
C CYS A 17 -17.03 23.80 -4.46
N ASP A 18 -16.25 22.88 -3.92
CA ASP A 18 -14.86 23.17 -3.57
C ASP A 18 -13.90 22.26 -4.33
N LEU A 19 -13.69 22.58 -5.60
CA LEU A 19 -12.79 21.79 -6.45
C LEU A 19 -11.35 21.92 -5.97
N ASP A 20 -11.00 23.10 -5.48
CA ASP A 20 -9.64 23.35 -4.99
C ASP A 20 -9.28 22.38 -3.87
N ASN A 21 -10.26 22.03 -3.05
CA ASN A 21 -10.04 21.11 -1.94
C ASN A 21 -10.36 19.68 -2.35
N PHE A 22 -11.59 19.46 -2.80
CA PHE A 22 -12.02 18.13 -3.23
C PHE A 22 -11.84 17.96 -4.74
N TYR A 23 -11.49 16.75 -5.15
CA TYR A 23 -11.29 16.46 -6.57
C TYR A 23 -12.08 15.22 -6.99
N CYS A 24 -12.04 14.91 -8.28
CA CYS A 24 -12.76 13.76 -8.81
C CYS A 24 -11.78 12.64 -9.21
N PRO A 25 -11.45 11.78 -8.24
CA PRO A 25 -10.52 10.66 -8.47
C PRO A 25 -11.12 9.59 -9.38
N MET A 26 -10.27 8.94 -10.16
CA MET A 26 -10.71 7.89 -11.07
C MET A 26 -11.06 6.62 -10.30
N GLU A 27 -12.36 6.38 -10.13
CA GLU A 27 -12.83 5.20 -9.41
C GLU A 27 -14.31 4.95 -9.70
N PHE A 28 -14.83 3.85 -9.16
CA PHE A 28 -16.23 3.49 -9.36
C PHE A 28 -17.15 4.66 -9.01
N ILE A 29 -17.04 5.15 -7.79
CA ILE A 29 -17.85 6.28 -7.33
C ILE A 29 -16.99 7.42 -6.83
N PRO A 30 -16.83 8.46 -7.66
CA PRO A 30 -16.03 9.63 -7.33
C PRO A 30 -16.67 10.48 -6.24
N HIS A 31 -15.96 10.67 -5.13
CA HIS A 31 -16.46 11.46 -4.03
C HIS A 31 -15.63 12.73 -3.83
N CYS A 32 -16.20 13.72 -3.17
CA CYS A 32 -15.51 14.98 -2.91
C CYS A 32 -14.72 14.91 -1.62
N LYS A 33 -13.54 14.29 -1.68
CA LYS A 33 -12.69 14.16 -0.51
C LYS A 33 -11.40 14.97 -0.68
N LYS A 34 -10.73 15.25 0.44
CA LYS A 34 -9.48 16.01 0.41
C LYS A 34 -8.35 15.17 -0.16
N TYR A 35 -7.41 15.84 -0.82
CA TYR A 35 -6.26 15.16 -1.42
C TYR A 35 -5.51 14.34 -0.37
N LYS A 36 -4.83 13.29 -0.82
CA LYS A 36 -4.06 12.43 0.08
C LYS A 36 -2.64 12.95 0.23
N PRO A 37 -1.97 12.52 1.31
CA PRO A 37 -0.59 12.93 1.59
C PRO A 37 0.41 12.31 0.62
N TYR A 38 1.62 12.83 0.62
CA TYR A 38 2.67 12.34 -0.27
C TYR A 38 2.87 10.84 -0.11
N VAL A 39 3.15 10.16 -1.21
CA VAL A 39 3.36 8.72 -1.19
C VAL A 39 4.69 8.37 -0.53
N PRO A 40 4.65 7.39 0.39
CA PRO A 40 5.85 6.93 1.11
C PRO A 40 6.83 6.19 0.22
N VAL A 41 8.10 6.20 0.59
CA VAL A 41 9.14 5.54 -0.18
C VAL A 41 8.98 4.02 -0.13
N THR A 42 9.22 3.36 -1.25
CA THR A 42 9.10 1.91 -1.33
C THR A 42 9.97 1.23 -0.29
N THR A 43 9.41 0.24 0.39
CA THR A 43 10.12 -0.50 1.42
C THR A 43 11.44 -1.08 0.88
N SER A 44 12.50 -0.92 1.64
CA SER A 44 13.82 -1.43 1.24
C SER A 44 13.85 -2.95 1.32
N PHE A 45 14.67 -3.56 0.46
CA PHE A 45 14.80 -5.01 0.43
C PHE A 45 16.00 -5.47 1.24
N ASN A 46 15.94 -6.69 1.75
CA ASN A 46 17.02 -7.25 2.56
C ASN A 46 16.82 -8.74 2.78
N CYS A 47 17.93 -9.47 2.89
CA CYS A 47 17.87 -10.91 3.11
C CYS A 47 17.21 -11.23 4.44
N ALA A 48 17.02 -12.53 4.70
CA ALA A 48 16.39 -12.96 5.95
C ALA A 48 17.44 -13.38 6.97
N LYS A 49 17.52 -12.62 8.06
CA LYS A 49 18.48 -12.91 9.12
C LYS A 49 18.00 -14.05 10.00
N GLU A 50 18.89 -14.57 10.84
CA GLU A 50 18.54 -15.67 11.74
C GLU A 50 17.28 -15.35 12.53
N GLY A 51 16.31 -16.26 12.47
CA GLY A 51 15.06 -16.05 13.20
C GLY A 51 13.92 -15.66 12.27
N GLU A 52 14.24 -14.99 11.18
CA GLU A 52 13.24 -14.55 10.22
C GLU A 52 12.56 -15.76 9.56
N VAL A 53 11.35 -15.55 9.09
CA VAL A 53 10.58 -16.62 8.43
C VAL A 53 10.85 -16.64 6.93
N CYS A 54 10.78 -17.84 6.35
CA CYS A 54 11.01 -17.99 4.92
C CYS A 54 9.76 -18.50 4.22
N GLY A 55 9.60 -18.12 2.95
CA GLY A 55 8.43 -18.55 2.19
C GLY A 55 7.91 -17.46 1.29
N TRP A 56 8.02 -16.21 1.73
CA TRP A 56 7.54 -15.07 0.95
C TRP A 56 8.64 -14.54 0.05
N GLY A 57 9.32 -15.44 -0.67
CA GLY A 57 10.38 -15.04 -1.57
C GLY A 57 11.54 -14.40 -0.84
N SER A 58 11.79 -14.84 0.39
CA SER A 58 12.88 -14.30 1.20
C SER A 58 13.93 -15.37 1.48
N LYS A 59 15.14 -15.16 0.99
CA LYS A 59 16.23 -16.10 1.20
C LYS A 59 17.09 -15.68 2.38
N CYS A 60 17.62 -16.67 3.11
CA CYS A 60 18.46 -16.39 4.27
C CYS A 60 19.77 -15.73 3.84
N CYS A 61 20.29 -14.87 4.71
CA CYS A 61 21.54 -14.17 4.42
C CYS A 61 22.70 -15.14 4.32
N HIS A 62 23.86 -14.65 3.88
CA HIS A 62 25.05 -15.48 3.74
C HIS A 62 25.40 -16.14 5.06
N GLY A 63 25.53 -17.47 5.03
CA GLY A 63 25.87 -18.21 6.23
C GLY A 63 24.64 -18.65 7.00
N LEU A 64 23.50 -18.67 6.33
CA LEU A 64 22.25 -19.08 6.96
C LEU A 64 21.39 -19.90 5.99
N ASP A 65 20.45 -20.66 6.55
CA ASP A 65 19.56 -21.47 5.73
C ASP A 65 18.23 -21.70 6.45
N CYS A 66 17.21 -22.07 5.67
CA CYS A 66 15.88 -22.31 6.23
C CYS A 66 15.47 -23.77 6.02
N PRO A 67 14.95 -24.39 7.09
CA PRO A 67 14.51 -25.78 7.06
C PRO A 67 13.26 -25.98 6.21
N LEU A 68 12.94 -27.23 5.91
CA LEU A 68 11.76 -27.54 5.09
C LEU A 68 10.58 -27.92 5.97
N ALA A 69 9.73 -26.94 6.26
CA ALA A 69 8.56 -27.16 7.09
C ALA A 69 7.52 -26.06 6.88
N PHE A 70 6.45 -26.11 7.67
CA PHE A 70 5.38 -25.12 7.57
C PHE A 70 5.94 -23.70 7.65
N ILE A 71 6.49 -23.36 8.82
CA ILE A 71 7.06 -22.03 9.03
C ILE A 71 8.49 -22.13 9.53
N PRO A 72 9.43 -22.31 8.59
CA PRO A 72 10.86 -22.42 8.91
C PRO A 72 11.45 -21.09 9.40
N TYR A 73 12.67 -21.15 9.90
CA TYR A 73 13.35 -19.95 10.40
C TYR A 73 14.84 -20.01 10.09
N CYS A 74 15.36 -18.91 9.54
CA CYS A 74 16.79 -18.83 9.20
C CYS A 74 17.65 -19.23 10.39
N GLU A 75 18.72 -19.98 10.11
CA GLU A 75 19.63 -20.43 11.16
C GLU A 75 20.99 -20.77 10.58
N LYS A 76 22.04 -20.64 11.38
CA LYS A 76 23.40 -20.94 10.95
C LYS A 76 23.47 -22.34 10.33
N TYR A 77 23.85 -22.40 9.06
CA TYR A 77 23.95 -23.67 8.35
C TYR A 77 24.83 -24.64 9.12
N ARG A 78 24.36 -25.88 9.23
CA ARG A 78 25.10 -26.92 9.95
C ARG A 78 26.25 -27.44 9.11
N GLY A 1 -22.37 22.87 -14.35
CA GLY A 1 -23.74 22.41 -14.15
C GLY A 1 -23.97 21.88 -12.75
N ASP A 2 -23.91 20.56 -12.61
CA ASP A 2 -24.12 19.92 -11.32
C ASP A 2 -22.87 19.16 -10.87
N CYS A 3 -22.51 19.32 -9.60
CA CYS A 3 -21.33 18.65 -9.06
C CYS A 3 -21.26 18.83 -7.55
N ALA A 4 -20.33 18.12 -6.91
CA ALA A 4 -20.16 18.19 -5.47
C ALA A 4 -19.04 19.18 -5.11
N LYS A 5 -19.35 20.09 -4.17
CA LYS A 5 -18.37 21.08 -3.73
C LYS A 5 -17.18 20.42 -3.05
N GLU A 6 -16.11 21.18 -2.88
CA GLU A 6 -14.91 20.65 -2.23
C GLU A 6 -15.19 20.28 -0.79
N GLY A 7 -14.82 19.06 -0.42
CA GLY A 7 -15.05 18.58 0.93
C GLY A 7 -16.33 17.80 1.08
N GLU A 8 -17.31 18.13 0.23
CA GLU A 8 -18.61 17.45 0.27
C GLU A 8 -18.47 16.01 -0.22
N VAL A 9 -19.46 15.19 0.13
CA VAL A 9 -19.46 13.78 -0.28
C VAL A 9 -19.85 13.63 -1.74
N CYS A 10 -19.33 12.58 -2.39
CA CYS A 10 -19.62 12.32 -3.79
C CYS A 10 -20.43 11.03 -3.95
N SER A 11 -21.33 11.01 -4.92
CA SER A 11 -22.16 9.84 -5.17
C SER A 11 -22.16 9.50 -6.66
N TRP A 12 -22.89 8.43 -7.00
CA TRP A 12 -22.97 8.00 -8.40
C TRP A 12 -23.56 9.10 -9.27
N GLY A 13 -24.59 9.77 -8.76
CA GLY A 13 -25.22 10.83 -9.51
C GLY A 13 -24.53 12.18 -9.32
N LYS A 14 -23.86 12.33 -8.19
CA LYS A 14 -23.15 13.57 -7.88
C LYS A 14 -21.65 13.41 -8.09
N LYS A 15 -21.13 14.06 -9.12
CA LYS A 15 -19.70 13.99 -9.43
C LYS A 15 -18.99 15.26 -8.98
N CYS A 16 -17.85 15.09 -8.34
CA CYS A 16 -17.06 16.23 -7.86
C CYS A 16 -16.82 17.24 -8.98
N CYS A 17 -16.81 18.52 -8.63
CA CYS A 17 -16.59 19.58 -9.61
C CYS A 17 -15.18 19.50 -10.19
N ASP A 18 -14.22 19.12 -9.36
CA ASP A 18 -12.84 18.99 -9.80
C ASP A 18 -12.30 17.59 -9.50
N LEU A 19 -12.58 16.66 -10.40
CA LEU A 19 -12.12 15.28 -10.25
C LEU A 19 -10.61 15.20 -10.39
N ASP A 20 -10.05 16.02 -11.27
CA ASP A 20 -8.61 16.03 -11.50
C ASP A 20 -7.86 16.34 -10.20
N ASN A 21 -8.44 17.20 -9.36
CA ASN A 21 -7.83 17.56 -8.09
C ASN A 21 -8.32 16.65 -6.98
N PHE A 22 -9.63 16.62 -6.77
CA PHE A 22 -10.23 15.80 -5.73
C PHE A 22 -10.67 14.45 -6.29
N TYR A 23 -10.50 13.40 -5.49
CA TYR A 23 -10.87 12.06 -5.91
C TYR A 23 -11.69 11.36 -4.83
N CYS A 24 -12.44 10.33 -5.22
CA CYS A 24 -13.26 9.57 -4.29
C CYS A 24 -12.68 8.19 -4.04
N PRO A 25 -11.79 8.10 -3.03
CA PRO A 25 -11.14 6.84 -2.66
C PRO A 25 -12.11 5.85 -2.02
N MET A 26 -11.71 4.58 -1.98
CA MET A 26 -12.55 3.54 -1.40
C MET A 26 -12.60 3.67 0.12
N GLU A 27 -13.72 4.15 0.63
CA GLU A 27 -13.89 4.33 2.07
C GLU A 27 -15.37 4.50 2.43
N PHE A 28 -15.67 4.49 3.72
CA PHE A 28 -17.04 4.64 4.19
C PHE A 28 -17.69 5.88 3.59
N ILE A 29 -17.05 7.04 3.80
CA ILE A 29 -17.56 8.29 3.27
C ILE A 29 -16.52 8.99 2.41
N PRO A 30 -16.69 8.89 1.09
CA PRO A 30 -15.77 9.51 0.12
C PRO A 30 -15.87 11.04 0.13
N HIS A 31 -14.74 11.70 0.37
CA HIS A 31 -14.71 13.16 0.39
C HIS A 31 -13.81 13.70 -0.72
N CYS A 32 -14.15 14.90 -1.20
CA CYS A 32 -13.36 15.53 -2.27
C CYS A 32 -12.15 16.25 -1.69
N LYS A 33 -11.07 15.52 -1.49
CA LYS A 33 -9.84 16.09 -0.95
C LYS A 33 -8.68 15.93 -1.94
N LYS A 34 -7.78 16.90 -1.95
CA LYS A 34 -6.62 16.87 -2.83
C LYS A 34 -5.86 15.55 -2.68
N TYR A 35 -5.19 15.14 -3.74
CA TYR A 35 -4.41 13.90 -3.73
C TYR A 35 -3.44 13.88 -2.56
N LYS A 36 -3.16 12.69 -2.05
CA LYS A 36 -2.24 12.53 -0.93
C LYS A 36 -0.90 13.18 -1.22
N PRO A 37 -0.13 13.48 -0.16
CA PRO A 37 1.18 14.10 -0.28
C PRO A 37 2.22 13.17 -0.89
N TYR A 38 3.36 13.73 -1.30
CA TYR A 38 4.42 12.94 -1.90
C TYR A 38 4.80 11.77 -1.01
N VAL A 39 5.32 10.71 -1.63
CA VAL A 39 5.74 9.52 -0.90
C VAL A 39 6.98 9.79 -0.06
N PRO A 40 6.94 9.36 1.21
CA PRO A 40 8.05 9.54 2.15
C PRO A 40 9.26 8.68 1.78
N VAL A 41 10.43 9.05 2.30
CA VAL A 41 11.65 8.31 2.04
C VAL A 41 11.48 6.82 2.36
N THR A 42 12.10 5.97 1.56
CA THR A 42 12.02 4.53 1.75
C THR A 42 12.41 4.15 3.18
N THR A 43 11.61 3.27 3.78
CA THR A 43 11.87 2.82 5.15
C THR A 43 13.24 2.17 5.26
N SER A 44 13.64 1.84 6.49
CA SER A 44 14.92 1.22 6.74
C SER A 44 14.93 -0.22 6.22
N PHE A 45 16.13 -0.80 6.12
CA PHE A 45 16.28 -2.16 5.64
C PHE A 45 16.38 -3.14 6.81
N ASN A 46 16.05 -4.40 6.56
CA ASN A 46 16.11 -5.43 7.59
C ASN A 46 16.08 -6.82 6.97
N CYS A 47 16.83 -7.75 7.57
CA CYS A 47 16.89 -9.11 7.08
C CYS A 47 15.51 -9.78 7.13
N ALA A 48 15.36 -10.86 6.38
CA ALA A 48 14.10 -11.59 6.34
C ALA A 48 13.95 -12.50 7.56
N LYS A 49 13.00 -12.17 8.42
CA LYS A 49 12.75 -12.95 9.62
C LYS A 49 12.01 -14.24 9.29
N GLU A 50 11.95 -15.14 10.26
CA GLU A 50 11.27 -16.42 10.07
C GLU A 50 9.86 -16.22 9.52
N GLY A 51 9.54 -16.95 8.45
CA GLY A 51 8.24 -16.83 7.84
C GLY A 51 8.25 -15.96 6.60
N GLU A 52 9.16 -14.99 6.57
CA GLU A 52 9.28 -14.08 5.44
C GLU A 52 9.66 -14.83 4.17
N VAL A 53 9.31 -14.28 3.02
CA VAL A 53 9.62 -14.90 1.74
C VAL A 53 10.97 -14.42 1.22
N CYS A 54 11.63 -15.28 0.45
CA CYS A 54 12.94 -14.95 -0.12
C CYS A 54 12.87 -14.91 -1.65
N GLY A 55 13.62 -13.99 -2.23
CA GLY A 55 13.63 -13.87 -3.69
C GLY A 55 13.84 -12.43 -4.14
N TRP A 56 13.31 -11.49 -3.38
CA TRP A 56 13.43 -10.08 -3.72
C TRP A 56 14.67 -9.47 -3.06
N GLY A 57 15.80 -10.15 -3.20
CA GLY A 57 17.04 -9.67 -2.61
C GLY A 57 16.99 -9.63 -1.10
N SER A 58 16.26 -10.56 -0.51
CA SER A 58 16.12 -10.63 0.95
C SER A 58 16.81 -11.87 1.49
N LYS A 59 17.77 -11.66 2.38
CA LYS A 59 18.51 -12.77 2.99
C LYS A 59 18.07 -12.98 4.44
N CYS A 60 17.79 -14.23 4.79
CA CYS A 60 17.37 -14.56 6.15
C CYS A 60 18.39 -14.08 7.17
N CYS A 61 17.92 -13.74 8.37
CA CYS A 61 18.79 -13.27 9.43
C CYS A 61 19.72 -14.39 9.91
N HIS A 62 20.72 -14.02 10.70
CA HIS A 62 21.69 -14.98 11.22
C HIS A 62 20.97 -16.13 11.93
N GLY A 63 21.31 -17.36 11.54
CA GLY A 63 20.70 -18.52 12.16
C GLY A 63 19.55 -19.07 11.32
N LEU A 64 18.97 -18.22 10.49
CA LEU A 64 17.85 -18.63 9.63
C LEU A 64 18.33 -18.88 8.21
N ASP A 65 17.53 -19.63 7.46
CA ASP A 65 17.87 -19.94 6.07
C ASP A 65 16.61 -20.17 5.24
N CYS A 66 16.73 -20.04 3.93
CA CYS A 66 15.61 -20.23 3.03
C CYS A 66 15.83 -21.43 2.11
N PRO A 67 14.84 -22.31 2.02
CA PRO A 67 14.90 -23.51 1.18
C PRO A 67 14.87 -23.17 -0.31
N LEU A 68 15.20 -24.15 -1.14
CA LEU A 68 15.21 -23.97 -2.59
C LEU A 68 13.91 -24.48 -3.21
N ALA A 69 12.97 -23.56 -3.41
CA ALA A 69 11.69 -23.92 -4.01
C ALA A 69 11.00 -22.70 -4.60
N PHE A 70 9.77 -22.88 -5.08
CA PHE A 70 9.01 -21.79 -5.67
C PHE A 70 8.96 -20.58 -4.74
N ILE A 71 8.33 -20.76 -3.59
CA ILE A 71 8.22 -19.68 -2.60
C ILE A 71 8.66 -20.15 -1.22
N PRO A 72 9.98 -20.13 -0.98
CA PRO A 72 10.56 -20.55 0.29
C PRO A 72 10.24 -19.57 1.42
N TYR A 73 10.53 -19.98 2.65
CA TYR A 73 10.28 -19.13 3.82
C TYR A 73 11.39 -19.30 4.85
N CYS A 74 11.89 -18.17 5.35
CA CYS A 74 12.95 -18.19 6.36
C CYS A 74 12.58 -19.10 7.53
N GLU A 75 13.54 -19.89 7.99
CA GLU A 75 13.31 -20.79 9.11
C GLU A 75 14.62 -21.15 9.80
N LYS A 76 14.56 -21.31 11.12
CA LYS A 76 15.73 -21.66 11.90
C LYS A 76 16.45 -22.88 11.31
N TYR A 77 17.70 -22.68 10.90
CA TYR A 77 18.49 -23.76 10.32
C TYR A 77 18.49 -24.99 11.23
N ARG A 78 18.14 -26.13 10.67
CA ARG A 78 18.11 -27.38 11.42
C ARG A 78 19.52 -27.93 11.63
N GLY A 1 -23.18 3.59 -12.65
CA GLY A 1 -21.98 3.41 -11.87
C GLY A 1 -21.57 4.65 -11.10
N ASP A 2 -21.43 4.52 -9.79
CA ASP A 2 -21.05 5.64 -8.95
C ASP A 2 -19.58 5.57 -8.57
N CYS A 3 -19.03 6.68 -8.09
CA CYS A 3 -17.62 6.73 -7.68
C CYS A 3 -17.33 8.03 -6.95
N ALA A 4 -16.28 8.02 -6.14
CA ALA A 4 -15.88 9.18 -5.37
C ALA A 4 -14.85 10.02 -6.14
N LYS A 5 -14.98 11.34 -6.04
CA LYS A 5 -14.07 12.24 -6.73
C LYS A 5 -12.66 12.11 -6.17
N GLU A 6 -11.70 12.78 -6.82
CA GLU A 6 -10.31 12.74 -6.38
C GLU A 6 -10.13 13.48 -5.06
N GLY A 7 -9.58 12.78 -4.07
CA GLY A 7 -9.37 13.38 -2.77
C GLY A 7 -10.51 13.12 -1.81
N GLU A 8 -11.71 12.95 -2.36
CA GLU A 8 -12.89 12.69 -1.54
C GLU A 8 -12.75 11.37 -0.79
N VAL A 9 -13.33 11.31 0.41
CA VAL A 9 -13.27 10.11 1.22
C VAL A 9 -14.00 8.95 0.55
N CYS A 10 -13.47 7.74 0.73
CA CYS A 10 -14.07 6.56 0.14
C CYS A 10 -14.60 5.62 1.22
N SER A 11 -15.74 4.99 0.93
CA SER A 11 -16.36 4.07 1.89
C SER A 11 -16.63 2.72 1.24
N TRP A 12 -17.37 1.87 1.94
CA TRP A 12 -17.70 0.54 1.44
C TRP A 12 -18.49 0.63 0.14
N GLY A 13 -19.35 1.64 0.04
CA GLY A 13 -20.15 1.83 -1.15
C GLY A 13 -19.55 2.82 -2.12
N LYS A 14 -18.74 3.74 -1.58
CA LYS A 14 -18.10 4.76 -2.40
C LYS A 14 -16.63 4.40 -2.67
N LYS A 15 -16.34 4.02 -3.91
CA LYS A 15 -14.99 3.65 -4.29
C LYS A 15 -14.37 4.73 -5.18
N CYS A 16 -13.08 4.99 -4.96
CA CYS A 16 -12.37 6.00 -5.73
C CYS A 16 -12.54 5.76 -7.24
N CYS A 17 -13.03 6.77 -7.94
CA CYS A 17 -13.24 6.67 -9.38
C CYS A 17 -11.97 6.19 -10.08
N ASP A 18 -10.83 6.67 -9.62
CA ASP A 18 -9.55 6.29 -10.20
C ASP A 18 -8.80 5.32 -9.29
N LEU A 19 -8.95 4.03 -9.56
CA LEU A 19 -8.29 2.99 -8.76
C LEU A 19 -6.85 2.80 -9.22
N ASP A 20 -6.62 2.90 -10.52
CA ASP A 20 -5.28 2.74 -11.08
C ASP A 20 -4.32 3.79 -10.52
N ASN A 21 -4.85 5.01 -10.32
CA ASN A 21 -4.05 6.10 -9.79
C ASN A 21 -4.25 6.25 -8.28
N PHE A 22 -5.49 6.47 -7.88
CA PHE A 22 -5.81 6.63 -6.46
C PHE A 22 -6.27 5.31 -5.86
N TYR A 23 -6.38 5.27 -4.54
CA TYR A 23 -6.80 4.06 -3.83
C TYR A 23 -7.20 4.38 -2.40
N CYS A 24 -7.67 3.37 -1.68
CA CYS A 24 -8.08 3.54 -0.29
C CYS A 24 -7.10 2.88 0.66
N PRO A 25 -6.07 3.65 1.06
CA PRO A 25 -5.03 3.16 1.98
C PRO A 25 -5.56 2.94 3.40
N MET A 26 -4.76 2.25 4.22
CA MET A 26 -5.15 1.98 5.60
C MET A 26 -4.77 3.14 6.52
N GLU A 27 -5.76 3.92 6.93
CA GLU A 27 -5.52 5.06 7.81
C GLU A 27 -6.82 5.52 8.45
N PHE A 28 -6.70 6.44 9.42
CA PHE A 28 -7.87 6.95 10.12
C PHE A 28 -8.91 7.47 9.13
N ILE A 29 -8.47 8.27 8.18
CA ILE A 29 -9.38 8.82 7.17
C ILE A 29 -8.90 8.47 5.76
N PRO A 30 -9.57 7.47 5.15
CA PRO A 30 -9.24 7.03 3.80
C PRO A 30 -9.61 8.05 2.73
N HIS A 31 -8.62 8.49 1.97
CA HIS A 31 -8.85 9.48 0.91
C HIS A 31 -8.63 8.85 -0.47
N CYS A 32 -8.85 9.64 -1.50
CA CYS A 32 -8.69 9.17 -2.88
C CYS A 32 -7.53 9.89 -3.56
N LYS A 33 -6.34 9.75 -2.98
CA LYS A 33 -5.15 10.38 -3.53
C LYS A 33 -4.17 9.33 -4.03
N LYS A 34 -3.13 9.78 -4.73
CA LYS A 34 -2.11 8.88 -5.26
C LYS A 34 -1.12 8.47 -4.17
N TYR A 35 -0.47 7.33 -4.37
CA TYR A 35 0.50 6.82 -3.41
C TYR A 35 1.54 7.89 -3.07
N LYS A 36 2.17 7.74 -1.91
CA LYS A 36 3.19 8.69 -1.47
C LYS A 36 4.51 8.46 -2.20
N PRO A 37 5.37 9.48 -2.21
CA PRO A 37 6.68 9.41 -2.86
C PRO A 37 7.64 8.48 -2.14
N TYR A 38 8.73 8.12 -2.81
CA TYR A 38 9.73 7.23 -2.23
C TYR A 38 10.23 7.76 -0.89
N VAL A 39 10.41 6.86 0.07
CA VAL A 39 10.87 7.24 1.39
C VAL A 39 12.38 7.03 1.53
N PRO A 40 13.08 8.03 2.08
CA PRO A 40 14.53 7.98 2.28
C PRO A 40 14.92 6.98 3.36
N VAL A 41 16.17 6.52 3.31
CA VAL A 41 16.67 5.56 4.29
C VAL A 41 16.61 6.15 5.70
N THR A 42 16.17 5.32 6.64
CA THR A 42 16.07 5.75 8.03
C THR A 42 17.07 5.00 8.91
N THR A 43 17.62 5.71 9.90
CA THR A 43 18.59 5.13 10.81
C THR A 43 18.01 3.92 11.54
N SER A 44 16.71 3.98 11.82
CA SER A 44 16.02 2.90 12.52
C SER A 44 15.74 1.75 11.57
N PHE A 45 15.55 0.56 12.14
CA PHE A 45 15.27 -0.63 11.35
C PHE A 45 13.80 -0.69 10.96
N ASN A 46 13.53 -0.89 9.67
CA ASN A 46 12.16 -0.95 9.17
C ASN A 46 12.05 -1.98 8.06
N CYS A 47 11.25 -3.03 8.30
CA CYS A 47 11.05 -4.08 7.32
C CYS A 47 9.58 -4.21 6.94
N ALA A 48 9.32 -4.83 5.80
CA ALA A 48 7.95 -5.02 5.32
C ALA A 48 7.25 -6.14 6.09
N LYS A 49 6.25 -5.77 6.88
CA LYS A 49 5.50 -6.75 7.67
C LYS A 49 4.53 -7.52 6.78
N GLU A 50 3.98 -8.59 7.32
CA GLU A 50 3.02 -9.42 6.58
C GLU A 50 1.91 -8.57 5.98
N GLY A 51 1.67 -8.74 4.69
CA GLY A 51 0.63 -7.97 4.02
C GLY A 51 1.19 -6.82 3.20
N GLU A 52 2.32 -6.28 3.63
CA GLU A 52 2.95 -5.18 2.93
C GLU A 52 3.40 -5.60 1.52
N VAL A 53 3.53 -4.63 0.63
CA VAL A 53 3.94 -4.89 -0.74
C VAL A 53 5.45 -4.79 -0.89
N CYS A 54 6.00 -5.57 -1.82
CA CYS A 54 7.44 -5.56 -2.06
C CYS A 54 7.74 -5.06 -3.47
N GLY A 55 8.85 -4.32 -3.60
CA GLY A 55 9.23 -3.80 -4.89
C GLY A 55 10.01 -2.50 -4.79
N TRP A 56 9.67 -1.68 -3.79
CA TRP A 56 10.35 -0.42 -3.59
C TRP A 56 11.54 -0.57 -2.66
N GLY A 57 12.36 -1.60 -2.91
CA GLY A 57 13.52 -1.84 -2.08
C GLY A 57 13.16 -2.18 -0.65
N SER A 58 12.02 -2.84 -0.47
CA SER A 58 11.56 -3.22 0.85
C SER A 58 11.49 -4.73 1.00
N LYS A 59 12.28 -5.27 1.93
CA LYS A 59 12.31 -6.71 2.16
C LYS A 59 11.44 -7.09 3.36
N CYS A 60 10.99 -8.33 3.39
CA CYS A 60 10.14 -8.82 4.48
C CYS A 60 10.98 -9.11 5.72
N CYS A 61 10.36 -8.95 6.89
CA CYS A 61 11.04 -9.18 8.15
C CYS A 61 11.44 -10.65 8.29
N HIS A 62 12.26 -10.95 9.29
CA HIS A 62 12.72 -12.31 9.52
C HIS A 62 11.54 -13.27 9.63
N GLY A 63 11.58 -14.36 8.86
CA GLY A 63 10.51 -15.33 8.89
C GLY A 63 9.50 -15.11 7.78
N LEU A 64 9.43 -13.89 7.28
CA LEU A 64 8.50 -13.56 6.20
C LEU A 64 9.22 -13.50 4.85
N ASP A 65 8.45 -13.59 3.78
CA ASP A 65 9.01 -13.55 2.43
C ASP A 65 7.97 -13.06 1.43
N CYS A 66 8.44 -12.60 0.27
CA CYS A 66 7.56 -12.10 -0.77
C CYS A 66 7.64 -12.97 -2.02
N PRO A 67 6.48 -13.36 -2.56
CA PRO A 67 6.39 -14.19 -3.75
C PRO A 67 6.84 -13.45 -5.01
N LEU A 68 7.04 -14.20 -6.09
CA LEU A 68 7.48 -13.62 -7.36
C LEU A 68 6.29 -13.39 -8.29
N ALA A 69 5.75 -12.18 -8.26
CA ALA A 69 4.61 -11.83 -9.10
C ALA A 69 4.50 -10.31 -9.28
N PHE A 70 3.43 -9.88 -9.93
CA PHE A 70 3.20 -8.46 -10.17
C PHE A 70 3.29 -7.67 -8.86
N ILE A 71 2.34 -7.92 -7.96
CA ILE A 71 2.31 -7.24 -6.68
C ILE A 71 2.24 -8.24 -5.52
N PRO A 72 3.41 -8.76 -5.13
CA PRO A 72 3.51 -9.74 -4.04
C PRO A 72 3.23 -9.12 -2.68
N TYR A 73 3.08 -9.95 -1.66
CA TYR A 73 2.81 -9.49 -0.31
C TYR A 73 3.52 -10.35 0.72
N CYS A 74 4.19 -9.70 1.66
CA CYS A 74 4.91 -10.41 2.71
C CYS A 74 4.02 -11.43 3.40
N GLU A 75 4.55 -12.61 3.64
CA GLU A 75 3.81 -13.67 4.29
C GLU A 75 4.74 -14.69 4.95
N LYS A 76 4.28 -15.27 6.06
CA LYS A 76 5.08 -16.25 6.78
C LYS A 76 5.60 -17.34 5.85
N TYR A 77 6.91 -17.46 5.74
CA TYR A 77 7.53 -18.46 4.88
C TYR A 77 6.99 -19.85 5.19
N ARG A 78 6.41 -20.50 4.18
CA ARG A 78 5.86 -21.84 4.35
C ARG A 78 6.87 -22.78 4.98
N GLY A 1 -26.04 17.36 -10.12
CA GLY A 1 -25.40 16.76 -8.96
C GLY A 1 -24.95 15.33 -9.22
N ASP A 2 -23.84 15.19 -9.95
CA ASP A 2 -23.31 13.88 -10.28
C ASP A 2 -21.81 13.82 -9.96
N CYS A 3 -21.49 13.67 -8.68
CA CYS A 3 -20.09 13.60 -8.25
C CYS A 3 -19.99 13.20 -6.78
N ALA A 4 -18.85 12.64 -6.40
CA ALA A 4 -18.63 12.23 -5.02
C ALA A 4 -18.03 13.36 -4.19
N LYS A 5 -18.67 13.66 -3.07
CA LYS A 5 -18.20 14.72 -2.19
C LYS A 5 -16.83 14.37 -1.59
N GLU A 6 -16.26 15.31 -0.85
CA GLU A 6 -14.96 15.11 -0.23
C GLU A 6 -15.01 13.97 0.79
N GLY A 7 -14.11 13.01 0.63
CA GLY A 7 -14.07 11.88 1.55
C GLY A 7 -14.88 10.70 1.04
N GLU A 8 -15.91 10.97 0.26
CA GLU A 8 -16.76 9.92 -0.28
C GLU A 8 -15.95 8.99 -1.19
N VAL A 9 -16.50 7.79 -1.43
CA VAL A 9 -15.83 6.82 -2.27
C VAL A 9 -16.14 7.06 -3.75
N CYS A 10 -15.16 6.81 -4.60
CA CYS A 10 -15.32 7.00 -6.03
C CYS A 10 -15.33 5.66 -6.77
N SER A 11 -16.17 5.56 -7.79
CA SER A 11 -16.28 4.33 -8.58
C SER A 11 -16.33 4.64 -10.07
N TRP A 12 -16.64 3.62 -10.87
CA TRP A 12 -16.72 3.79 -12.31
C TRP A 12 -17.83 4.77 -12.69
N GLY A 13 -18.92 4.75 -11.93
CA GLY A 13 -20.03 5.64 -12.19
C GLY A 13 -19.98 6.89 -11.34
N LYS A 14 -19.32 6.81 -10.19
CA LYS A 14 -19.20 7.94 -9.28
C LYS A 14 -17.81 8.57 -9.37
N LYS A 15 -17.74 9.76 -9.97
CA LYS A 15 -16.48 10.46 -10.11
C LYS A 15 -16.40 11.65 -9.16
N CYS A 16 -15.26 11.78 -8.48
CA CYS A 16 -15.07 12.87 -7.53
C CYS A 16 -15.38 14.21 -8.19
N CYS A 17 -15.76 15.18 -7.36
CA CYS A 17 -16.11 16.52 -7.85
C CYS A 17 -14.84 17.35 -8.05
N ASP A 18 -13.87 17.16 -7.16
CA ASP A 18 -12.61 17.90 -7.25
C ASP A 18 -11.47 16.97 -7.67
N LEU A 19 -11.60 16.39 -8.85
CA LEU A 19 -10.59 15.48 -9.38
C LEU A 19 -9.21 16.14 -9.35
N ASP A 20 -9.18 17.44 -9.59
CA ASP A 20 -7.93 18.19 -9.60
C ASP A 20 -7.22 18.07 -8.25
N ASN A 21 -8.00 18.00 -7.18
CA ASN A 21 -7.44 17.88 -5.84
C ASN A 21 -7.35 16.41 -5.42
N PHE A 22 -8.51 15.76 -5.36
CA PHE A 22 -8.56 14.36 -4.96
C PHE A 22 -8.55 13.45 -6.18
N TYR A 23 -8.05 12.22 -6.00
CA TYR A 23 -7.98 11.26 -7.10
C TYR A 23 -8.43 9.88 -6.63
N CYS A 24 -8.47 8.94 -7.56
CA CYS A 24 -8.88 7.57 -7.25
C CYS A 24 -7.70 6.61 -7.28
N PRO A 25 -7.02 6.47 -6.14
CA PRO A 25 -5.85 5.59 -6.00
C PRO A 25 -6.23 4.11 -6.08
N MET A 26 -5.24 3.28 -6.35
CA MET A 26 -5.47 1.84 -6.46
C MET A 26 -5.45 1.19 -5.07
N GLU A 27 -6.63 0.84 -4.57
CA GLU A 27 -6.75 0.21 -3.27
C GLU A 27 -8.12 -0.45 -3.10
N PHE A 28 -8.28 -1.21 -2.03
CA PHE A 28 -9.53 -1.91 -1.76
C PHE A 28 -10.70 -0.93 -1.79
N ILE A 29 -10.61 0.12 -0.99
CA ILE A 29 -11.67 1.13 -0.95
C ILE A 29 -11.12 2.52 -1.24
N PRO A 30 -11.35 2.99 -2.47
CA PRO A 30 -10.89 4.32 -2.91
C PRO A 30 -11.64 5.45 -2.22
N HIS A 31 -10.96 6.58 -2.04
CA HIS A 31 -11.56 7.74 -1.40
C HIS A 31 -11.08 9.04 -2.04
N CYS A 32 -11.75 10.14 -1.73
CA CYS A 32 -11.39 11.44 -2.28
C CYS A 32 -10.52 12.22 -1.29
N LYS A 33 -9.30 11.75 -1.09
CA LYS A 33 -8.37 12.40 -0.17
C LYS A 33 -7.18 12.98 -0.93
N LYS A 34 -6.71 14.15 -0.49
CA LYS A 34 -5.57 14.80 -1.13
C LYS A 34 -4.33 13.92 -1.07
N TYR A 35 -3.47 14.04 -2.07
CA TYR A 35 -2.24 13.25 -2.13
C TYR A 35 -1.45 13.39 -0.84
N LYS A 36 -0.60 12.40 -0.57
CA LYS A 36 0.22 12.40 0.63
C LYS A 36 1.41 13.35 0.48
N PRO A 37 1.95 13.80 1.62
CA PRO A 37 3.11 14.71 1.64
C PRO A 37 4.39 14.04 1.17
N TYR A 38 5.41 14.84 0.88
CA TYR A 38 6.69 14.32 0.41
C TYR A 38 7.57 13.94 1.60
N VAL A 39 8.14 12.73 1.55
CA VAL A 39 9.00 12.24 2.61
C VAL A 39 10.47 12.33 2.20
N PRO A 40 11.30 12.86 3.11
CA PRO A 40 12.74 13.01 2.87
C PRO A 40 13.47 11.67 2.83
N VAL A 41 14.67 11.67 2.29
CA VAL A 41 15.47 10.47 2.19
C VAL A 41 15.58 9.76 3.54
N THR A 42 15.17 8.50 3.58
CA THR A 42 15.21 7.73 4.82
C THR A 42 16.49 6.90 4.89
N THR A 43 16.82 6.44 6.09
CA THR A 43 18.01 5.63 6.30
C THR A 43 18.06 4.45 5.34
N SER A 44 19.20 3.78 5.30
CA SER A 44 19.38 2.64 4.41
C SER A 44 18.38 1.53 4.74
N PHE A 45 17.84 0.88 3.71
CA PHE A 45 16.87 -0.18 3.89
C PHE A 45 17.54 -1.55 3.73
N ASN A 46 16.87 -2.59 4.22
CA ASN A 46 17.39 -3.95 4.13
C ASN A 46 16.26 -4.97 4.04
N CYS A 47 16.43 -5.94 3.16
CA CYS A 47 15.42 -6.98 2.97
C CYS A 47 15.22 -7.78 4.26
N ALA A 48 14.05 -8.40 4.39
CA ALA A 48 13.72 -9.19 5.56
C ALA A 48 14.48 -10.52 5.56
N LYS A 49 15.40 -10.68 6.49
CA LYS A 49 16.20 -11.89 6.59
C LYS A 49 15.38 -13.03 7.22
N GLU A 50 15.91 -14.24 7.14
CA GLU A 50 15.22 -15.40 7.70
C GLU A 50 14.81 -15.15 9.14
N GLY A 51 13.54 -15.41 9.45
CA GLY A 51 13.05 -15.21 10.80
C GLY A 51 12.27 -13.92 10.94
N GLU A 52 12.62 -12.92 10.13
CA GLU A 52 11.95 -11.62 10.18
C GLU A 52 10.47 -11.77 9.82
N VAL A 53 9.66 -10.83 10.28
CA VAL A 53 8.23 -10.84 10.01
C VAL A 53 7.90 -10.09 8.73
N CYS A 54 6.86 -10.52 8.03
CA CYS A 54 6.44 -9.88 6.79
C CYS A 54 5.04 -9.29 6.93
N GLY A 55 4.74 -8.28 6.12
CA GLY A 55 3.44 -7.65 6.16
C GLY A 55 3.53 -6.14 6.05
N TRP A 56 4.56 -5.57 6.66
CA TRP A 56 4.75 -4.11 6.62
C TRP A 56 5.62 -3.71 5.45
N GLY A 57 5.26 -4.18 4.25
CA GLY A 57 6.03 -3.85 3.06
C GLY A 57 7.43 -4.40 3.11
N SER A 58 7.61 -5.54 3.76
CA SER A 58 8.92 -6.16 3.88
C SER A 58 9.00 -7.43 3.04
N LYS A 59 9.89 -7.43 2.05
CA LYS A 59 10.07 -8.58 1.17
C LYS A 59 11.34 -9.34 1.54
N CYS A 60 11.20 -10.66 1.70
CA CYS A 60 12.33 -11.50 2.04
C CYS A 60 13.44 -11.39 0.99
N CYS A 61 14.68 -11.58 1.44
CA CYS A 61 15.83 -11.50 0.54
C CYS A 61 15.77 -12.59 -0.53
N HIS A 62 16.60 -12.45 -1.55
CA HIS A 62 16.64 -13.43 -2.64
C HIS A 62 16.82 -14.84 -2.09
N GLY A 63 15.95 -15.75 -2.49
CA GLY A 63 16.03 -17.12 -2.04
C GLY A 63 15.09 -17.40 -0.88
N LEU A 64 14.71 -16.36 -0.16
CA LEU A 64 13.81 -16.50 0.98
C LEU A 64 12.39 -16.08 0.60
N ASP A 65 11.42 -16.53 1.39
CA ASP A 65 10.01 -16.21 1.14
C ASP A 65 9.21 -16.28 2.43
N CYS A 66 8.04 -15.65 2.42
CA CYS A 66 7.17 -15.64 3.59
C CYS A 66 5.87 -16.38 3.30
N PRO A 67 5.44 -17.24 4.24
CA PRO A 67 4.21 -18.02 4.11
C PRO A 67 2.96 -17.15 4.21
N LEU A 68 1.81 -17.72 3.85
CA LEU A 68 0.55 -17.01 3.89
C LEU A 68 -0.20 -17.31 5.18
N ALA A 69 -0.03 -16.45 6.18
CA ALA A 69 -0.71 -16.63 7.47
C ALA A 69 -0.75 -15.32 8.25
N PHE A 70 -1.23 -15.39 9.48
CA PHE A 70 -1.33 -14.21 10.33
C PHE A 70 0.01 -13.50 10.43
N ILE A 71 0.99 -14.15 11.04
CA ILE A 71 2.32 -13.59 11.20
C ILE A 71 3.39 -14.52 10.64
N PRO A 72 3.59 -14.46 9.31
CA PRO A 72 4.59 -15.30 8.63
C PRO A 72 6.02 -14.89 8.98
N TYR A 73 6.98 -15.72 8.56
CA TYR A 73 8.39 -15.45 8.83
C TYR A 73 9.25 -15.90 7.65
N CYS A 74 10.17 -15.03 7.24
CA CYS A 74 11.07 -15.35 6.13
C CYS A 74 11.75 -16.70 6.34
N GLU A 75 11.90 -17.45 5.27
CA GLU A 75 12.55 -18.76 5.34
C GLU A 75 13.01 -19.23 3.96
N LYS A 76 14.15 -19.89 3.92
CA LYS A 76 14.70 -20.39 2.67
C LYS A 76 13.66 -21.20 1.89
N TYR A 77 13.33 -20.72 0.70
CA TYR A 77 12.35 -21.41 -0.14
C TYR A 77 12.75 -22.85 -0.40
N ARG A 78 11.84 -23.78 -0.15
CA ARG A 78 12.10 -25.19 -0.35
C ARG A 78 11.94 -25.57 -1.82
N GLY A 1 -23.06 24.22 -12.02
CA GLY A 1 -24.04 23.24 -11.59
C GLY A 1 -23.90 22.89 -10.12
N ASP A 2 -24.42 21.73 -9.74
CA ASP A 2 -24.35 21.27 -8.36
C ASP A 2 -23.06 20.51 -8.10
N CYS A 3 -22.62 20.49 -6.85
CA CYS A 3 -21.40 19.79 -6.48
C CYS A 3 -21.24 19.74 -4.96
N ALA A 4 -20.27 18.96 -4.50
CA ALA A 4 -20.02 18.82 -3.07
C ALA A 4 -18.78 19.60 -2.65
N LYS A 5 -18.92 20.47 -1.66
CA LYS A 5 -17.82 21.28 -1.18
C LYS A 5 -16.67 20.39 -0.69
N GLU A 6 -15.48 20.98 -0.57
CA GLU A 6 -14.31 20.24 -0.11
C GLU A 6 -14.55 19.65 1.27
N GLY A 7 -14.33 18.34 1.39
CA GLY A 7 -14.53 17.67 2.67
C GLY A 7 -15.90 17.05 2.79
N GLU A 8 -16.88 17.63 2.11
CA GLU A 8 -18.25 17.13 2.14
C GLU A 8 -18.37 15.82 1.36
N VAL A 9 -19.18 14.91 1.86
CA VAL A 9 -19.39 13.62 1.21
C VAL A 9 -19.99 13.79 -0.19
N CYS A 10 -19.67 12.86 -1.08
CA CYS A 10 -20.17 12.92 -2.45
C CYS A 10 -21.04 11.70 -2.76
N SER A 11 -22.15 11.92 -3.45
CA SER A 11 -23.05 10.83 -3.80
C SER A 11 -23.16 10.69 -5.32
N TRP A 12 -24.06 9.83 -5.77
CA TRP A 12 -24.26 9.60 -7.20
C TRP A 12 -24.68 10.89 -7.90
N GLY A 13 -25.47 11.71 -7.21
CA GLY A 13 -25.91 12.96 -7.79
C GLY A 13 -25.03 14.13 -7.40
N LYS A 14 -24.34 14.00 -6.27
CA LYS A 14 -23.46 15.06 -5.79
C LYS A 14 -22.00 14.69 -6.03
N LYS A 15 -21.36 15.41 -6.95
CA LYS A 15 -19.96 15.16 -7.29
C LYS A 15 -19.07 16.28 -6.74
N CYS A 16 -17.86 15.92 -6.34
CA CYS A 16 -16.90 16.89 -5.80
C CYS A 16 -16.73 18.07 -6.75
N CYS A 17 -16.87 19.28 -6.21
CA CYS A 17 -16.73 20.49 -7.01
C CYS A 17 -15.42 20.48 -7.78
N ASP A 18 -14.37 19.96 -7.17
CA ASP A 18 -13.06 19.89 -7.80
C ASP A 18 -12.68 18.44 -8.10
N LEU A 19 -12.81 18.04 -9.37
CA LEU A 19 -12.48 16.69 -9.78
C LEU A 19 -10.99 16.56 -10.07
N ASP A 20 -10.40 17.60 -10.63
CA ASP A 20 -8.98 17.61 -10.95
C ASP A 20 -8.14 17.39 -9.70
N ASN A 21 -8.56 17.98 -8.59
CA ASN A 21 -7.85 17.85 -7.33
C ASN A 21 -8.49 16.77 -6.45
N PHE A 22 -9.77 16.94 -6.14
CA PHE A 22 -10.48 15.99 -5.32
C PHE A 22 -11.23 14.98 -6.17
N TYR A 23 -11.76 13.94 -5.54
CA TYR A 23 -12.50 12.90 -6.25
C TYR A 23 -13.18 11.95 -5.26
N CYS A 24 -13.94 11.00 -5.80
CA CYS A 24 -14.65 10.02 -4.98
C CYS A 24 -14.02 8.64 -5.10
N PRO A 25 -12.97 8.39 -4.31
CA PRO A 25 -12.27 7.11 -4.31
C PRO A 25 -13.11 5.97 -3.74
N MET A 26 -12.66 4.74 -3.95
CA MET A 26 -13.38 3.56 -3.45
C MET A 26 -13.07 3.33 -1.97
N GLU A 27 -14.02 3.65 -1.11
CA GLU A 27 -13.86 3.48 0.33
C GLU A 27 -15.20 3.52 1.05
N PHE A 28 -15.19 3.18 2.33
CA PHE A 28 -16.41 3.17 3.13
C PHE A 28 -17.14 4.51 3.01
N ILE A 29 -16.43 5.59 3.30
CA ILE A 29 -17.01 6.93 3.23
C ILE A 29 -16.21 7.83 2.30
N PRO A 30 -16.73 8.03 1.09
CA PRO A 30 -16.07 8.87 0.07
C PRO A 30 -16.11 10.36 0.44
N HIS A 31 -14.94 10.98 0.53
CA HIS A 31 -14.84 12.38 0.87
C HIS A 31 -14.26 13.19 -0.29
N CYS A 32 -14.44 14.51 -0.25
CA CYS A 32 -13.94 15.38 -1.30
C CYS A 32 -12.66 16.07 -0.85
N LYS A 33 -11.75 15.31 -0.26
CA LYS A 33 -10.48 15.85 0.21
C LYS A 33 -9.31 15.28 -0.60
N LYS A 34 -8.44 16.17 -1.07
CA LYS A 34 -7.28 15.76 -1.85
C LYS A 34 -6.43 14.75 -1.09
N TYR A 35 -6.16 13.61 -1.71
CA TYR A 35 -5.35 12.57 -1.08
C TYR A 35 -3.87 12.79 -1.35
N LYS A 36 -3.03 12.21 -0.49
CA LYS A 36 -1.58 12.35 -0.64
C LYS A 36 -1.08 11.59 -1.85
N PRO A 37 0.06 12.04 -2.40
CA PRO A 37 0.66 11.41 -3.58
C PRO A 37 1.24 10.04 -3.27
N TYR A 38 0.81 9.03 -4.03
CA TYR A 38 1.29 7.67 -3.83
C TYR A 38 2.81 7.60 -3.98
N VAL A 39 3.44 6.79 -3.13
CA VAL A 39 4.90 6.63 -3.16
C VAL A 39 5.28 5.29 -3.77
N PRO A 40 6.25 5.32 -4.70
CA PRO A 40 6.73 4.11 -5.37
C PRO A 40 7.52 3.20 -4.44
N VAL A 41 7.47 1.90 -4.72
CA VAL A 41 8.19 0.92 -3.90
C VAL A 41 9.69 1.01 -4.12
N THR A 42 10.44 1.08 -3.02
CA THR A 42 11.89 1.17 -3.10
C THR A 42 12.55 -0.05 -2.47
N THR A 43 13.82 -0.26 -2.78
CA THR A 43 14.57 -1.40 -2.25
C THR A 43 15.53 -0.95 -1.15
N SER A 44 15.00 -0.71 0.05
CA SER A 44 15.81 -0.28 1.18
C SER A 44 16.34 -1.48 1.95
N PHE A 45 17.31 -1.23 2.82
CA PHE A 45 17.92 -2.29 3.62
C PHE A 45 16.93 -2.80 4.66
N ASN A 46 16.75 -4.12 4.71
CA ASN A 46 15.84 -4.74 5.65
C ASN A 46 15.94 -6.26 5.59
N CYS A 47 15.55 -6.92 6.68
CA CYS A 47 15.60 -8.37 6.76
C CYS A 47 14.69 -9.01 5.70
N ALA A 48 14.91 -10.28 5.43
CA ALA A 48 14.11 -11.01 4.44
C ALA A 48 12.84 -11.59 5.08
N LYS A 49 11.70 -11.02 4.71
CA LYS A 49 10.42 -11.47 5.24
C LYS A 49 10.03 -12.82 4.64
N GLU A 50 8.99 -13.44 5.20
CA GLU A 50 8.52 -14.73 4.72
C GLU A 50 8.33 -14.72 3.21
N GLY A 51 8.94 -15.68 2.53
CA GLY A 51 8.82 -15.75 1.09
C GLY A 51 10.03 -15.20 0.37
N GLU A 52 10.71 -14.25 1.01
CA GLU A 52 11.89 -13.62 0.43
C GLU A 52 13.01 -14.65 0.27
N VAL A 53 13.83 -14.45 -0.76
CA VAL A 53 14.94 -15.35 -1.05
C VAL A 53 16.16 -15.01 -0.18
N CYS A 54 16.99 -16.02 0.08
CA CYS A 54 18.18 -15.83 0.90
C CYS A 54 19.45 -16.05 0.06
N GLY A 55 20.60 -15.87 0.70
CA GLY A 55 21.86 -16.06 0.01
C GLY A 55 22.39 -14.76 -0.59
N TRP A 56 21.49 -13.96 -1.13
CA TRP A 56 21.87 -12.68 -1.74
C TRP A 56 21.96 -11.59 -0.69
N GLY A 57 22.73 -11.85 0.37
CA GLY A 57 22.88 -10.87 1.42
C GLY A 57 21.57 -10.55 2.13
N SER A 58 20.67 -11.53 2.15
CA SER A 58 19.37 -11.37 2.79
C SER A 58 19.21 -12.33 3.98
N LYS A 59 19.08 -11.77 5.17
CA LYS A 59 18.93 -12.57 6.38
C LYS A 59 17.49 -12.49 6.90
N CYS A 60 16.86 -13.65 7.05
CA CYS A 60 15.49 -13.72 7.54
C CYS A 60 15.34 -12.92 8.84
N CYS A 61 14.24 -12.17 8.94
CA CYS A 61 13.99 -11.36 10.12
C CYS A 61 14.11 -12.20 11.40
N HIS A 62 14.25 -11.52 12.53
CA HIS A 62 14.37 -12.20 13.82
C HIS A 62 13.23 -13.19 14.02
N GLY A 63 13.55 -14.48 14.02
CA GLY A 63 12.54 -15.50 14.22
C GLY A 63 12.27 -16.28 12.95
N LEU A 64 12.57 -15.68 11.81
CA LEU A 64 12.36 -16.34 10.52
C LEU A 64 13.65 -16.98 10.02
N ASP A 65 13.50 -18.01 9.19
CA ASP A 65 14.66 -18.70 8.62
C ASP A 65 14.28 -19.44 7.34
N CYS A 66 15.25 -19.63 6.47
CA CYS A 66 15.02 -20.32 5.20
C CYS A 66 15.86 -21.58 5.10
N PRO A 67 15.38 -22.57 4.33
CA PRO A 67 16.07 -23.85 4.14
C PRO A 67 17.34 -23.70 3.31
N LEU A 68 18.14 -24.75 3.29
CA LEU A 68 19.39 -24.75 2.53
C LEU A 68 19.20 -25.36 1.16
N ALA A 69 19.16 -24.52 0.13
CA ALA A 69 18.98 -24.99 -1.24
C ALA A 69 19.30 -23.89 -2.24
N PHE A 70 19.06 -24.16 -3.52
CA PHE A 70 19.33 -23.20 -4.57
C PHE A 70 18.60 -21.88 -4.31
N ILE A 71 17.28 -21.93 -4.38
CA ILE A 71 16.45 -20.74 -4.16
C ILE A 71 15.63 -20.89 -2.88
N PRO A 72 16.27 -20.64 -1.73
CA PRO A 72 15.62 -20.72 -0.42
C PRO A 72 14.60 -19.61 -0.21
N TYR A 73 13.74 -19.79 0.78
CA TYR A 73 12.70 -18.82 1.09
C TYR A 73 12.44 -18.75 2.59
N CYS A 74 12.45 -17.53 3.13
CA CYS A 74 12.21 -17.32 4.55
C CYS A 74 10.84 -17.84 4.96
N GLU A 75 10.78 -18.56 6.07
CA GLU A 75 9.53 -19.11 6.57
C GLU A 75 9.50 -19.12 8.09
N LYS A 76 8.29 -19.11 8.66
CA LYS A 76 8.13 -19.10 10.10
C LYS A 76 8.93 -20.23 10.75
N TYR A 77 9.87 -19.86 11.61
CA TYR A 77 10.71 -20.84 12.29
C TYR A 77 10.08 -21.27 13.60
N ARG A 78 10.02 -22.58 13.83
CA ARG A 78 9.44 -23.13 15.05
C ARG A 78 10.22 -22.66 16.28
N GLY A 1 -24.25 14.87 -12.45
CA GLY A 1 -24.18 13.50 -11.98
C GLY A 1 -24.15 13.42 -10.46
N ASP A 2 -23.90 12.22 -9.95
CA ASP A 2 -23.85 12.01 -8.50
C ASP A 2 -22.48 11.50 -8.08
N CYS A 3 -21.58 12.43 -7.78
CA CYS A 3 -20.23 12.09 -7.36
C CYS A 3 -19.48 13.32 -6.86
N ALA A 4 -18.36 13.09 -6.17
CA ALA A 4 -17.56 14.18 -5.65
C ALA A 4 -16.32 14.42 -6.51
N LYS A 5 -16.09 15.68 -6.87
CA LYS A 5 -14.95 16.04 -7.70
C LYS A 5 -13.64 15.63 -7.03
N GLU A 6 -12.55 15.69 -7.78
CA GLU A 6 -11.24 15.31 -7.27
C GLU A 6 -10.77 16.32 -6.21
N GLY A 7 -10.47 15.81 -5.01
CA GLY A 7 -10.01 16.67 -3.94
C GLY A 7 -11.09 16.96 -2.92
N GLU A 8 -12.35 16.93 -3.37
CA GLU A 8 -13.47 17.19 -2.48
C GLU A 8 -13.70 16.02 -1.52
N VAL A 9 -14.41 16.28 -0.43
CA VAL A 9 -14.70 15.26 0.56
C VAL A 9 -15.72 14.26 0.05
N CYS A 10 -15.62 13.02 0.52
CA CYS A 10 -16.54 11.97 0.11
C CYS A 10 -17.25 11.36 1.32
N SER A 11 -18.52 11.02 1.15
CA SER A 11 -19.31 10.43 2.23
C SER A 11 -19.99 9.15 1.77
N TRP A 12 -20.83 8.58 2.63
CA TRP A 12 -21.55 7.35 2.31
C TRP A 12 -22.39 7.53 1.05
N GLY A 13 -23.00 8.71 0.91
CA GLY A 13 -23.83 8.99 -0.25
C GLY A 13 -23.05 9.65 -1.37
N LYS A 14 -21.97 10.33 -1.01
CA LYS A 14 -21.14 11.01 -2.00
C LYS A 14 -19.86 10.23 -2.28
N LYS A 15 -19.80 9.60 -3.44
CA LYS A 15 -18.63 8.82 -3.82
C LYS A 15 -17.83 9.54 -4.90
N CYS A 16 -16.51 9.38 -4.86
CA CYS A 16 -15.62 10.01 -5.83
C CYS A 16 -16.02 9.62 -7.25
N CYS A 17 -16.06 10.62 -8.15
CA CYS A 17 -16.42 10.38 -9.54
C CYS A 17 -15.58 9.25 -10.14
N ASP A 18 -14.31 9.19 -9.73
CA ASP A 18 -13.41 8.16 -10.23
C ASP A 18 -12.97 7.23 -9.11
N LEU A 19 -13.55 6.03 -9.08
CA LEU A 19 -13.22 5.05 -8.06
C LEU A 19 -11.95 4.30 -8.41
N ASP A 20 -11.76 4.04 -9.70
CA ASP A 20 -10.57 3.32 -10.17
C ASP A 20 -9.31 4.10 -9.86
N ASN A 21 -9.40 5.43 -9.95
CA ASN A 21 -8.25 6.29 -9.68
C ASN A 21 -8.30 6.82 -8.25
N PHE A 22 -9.40 7.48 -7.90
CA PHE A 22 -9.57 8.04 -6.57
C PHE A 22 -10.37 7.09 -5.67
N TYR A 23 -10.29 7.31 -4.36
CA TYR A 23 -10.99 6.47 -3.41
C TYR A 23 -11.14 7.18 -2.06
N CYS A 24 -11.83 6.54 -1.13
CA CYS A 24 -12.04 7.10 0.20
C CYS A 24 -11.22 6.35 1.24
N PRO A 25 -9.96 6.79 1.44
CA PRO A 25 -9.05 6.18 2.41
C PRO A 25 -9.47 6.45 3.85
N MET A 26 -8.89 5.70 4.78
CA MET A 26 -9.20 5.87 6.19
C MET A 26 -8.34 6.96 6.82
N GLU A 27 -8.95 8.11 7.08
CA GLU A 27 -8.23 9.23 7.67
C GLU A 27 -9.22 10.26 8.24
N PHE A 28 -8.68 11.29 8.90
CA PHE A 28 -9.50 12.33 9.48
C PHE A 28 -10.48 12.90 8.46
N ILE A 29 -9.94 13.40 7.36
CA ILE A 29 -10.76 13.97 6.29
C ILE A 29 -10.50 13.28 4.96
N PRO A 30 -11.42 12.37 4.57
CA PRO A 30 -11.31 11.64 3.31
C PRO A 30 -11.52 12.52 2.09
N HIS A 31 -10.51 12.57 1.22
CA HIS A 31 -10.58 13.38 0.01
C HIS A 31 -10.60 12.50 -1.23
N CYS A 32 -10.91 13.10 -2.38
CA CYS A 32 -10.96 12.37 -3.63
C CYS A 32 -9.69 12.59 -4.44
N LYS A 33 -8.57 12.13 -3.91
CA LYS A 33 -7.28 12.27 -4.57
C LYS A 33 -6.74 10.91 -4.99
N LYS A 34 -5.80 10.91 -5.95
CA LYS A 34 -5.19 9.67 -6.44
C LYS A 34 -4.25 9.09 -5.39
N TYR A 35 -3.96 7.79 -5.53
CA TYR A 35 -3.07 7.11 -4.60
C TYR A 35 -1.77 7.86 -4.45
N LYS A 36 -1.07 7.62 -3.33
CA LYS A 36 0.20 8.27 -3.06
C LYS A 36 1.37 7.37 -3.46
N PRO A 37 2.54 7.99 -3.66
CA PRO A 37 3.75 7.25 -4.05
C PRO A 37 4.30 6.40 -2.91
N TYR A 38 5.21 5.49 -3.24
CA TYR A 38 5.81 4.60 -2.26
C TYR A 38 6.36 5.40 -1.07
N VAL A 39 6.33 4.79 0.11
CA VAL A 39 6.82 5.44 1.32
C VAL A 39 8.17 4.88 1.73
N PRO A 40 9.12 5.78 2.04
CA PRO A 40 10.47 5.40 2.46
C PRO A 40 10.50 4.74 3.84
N VAL A 41 11.60 4.05 4.13
CA VAL A 41 11.75 3.38 5.41
C VAL A 41 11.47 4.33 6.57
N THR A 42 10.57 3.93 7.45
CA THR A 42 10.21 4.75 8.61
C THR A 42 10.75 4.15 9.91
N THR A 43 10.80 4.96 10.95
CA THR A 43 11.30 4.51 12.24
C THR A 43 10.59 3.23 12.69
N SER A 44 9.31 3.12 12.33
CA SER A 44 8.52 1.95 12.70
C SER A 44 9.03 0.70 11.98
N PHE A 45 8.58 -0.46 12.45
CA PHE A 45 8.99 -1.72 11.86
C PHE A 45 7.95 -2.21 10.84
N ASN A 46 8.36 -3.13 9.98
CA ASN A 46 7.47 -3.68 8.96
C ASN A 46 8.02 -4.99 8.41
N CYS A 47 7.11 -5.88 8.01
CA CYS A 47 7.49 -7.17 7.46
C CYS A 47 8.29 -7.01 6.18
N ALA A 48 9.04 -8.05 5.81
CA ALA A 48 9.84 -8.02 4.60
C ALA A 48 8.98 -8.22 3.35
N LYS A 49 8.84 -7.17 2.56
CA LYS A 49 8.04 -7.23 1.35
C LYS A 49 8.77 -8.02 0.26
N GLU A 50 8.04 -8.36 -0.80
CA GLU A 50 8.62 -9.12 -1.90
C GLU A 50 9.90 -8.45 -2.41
N GLY A 51 10.97 -9.25 -2.49
CA GLY A 51 12.24 -8.72 -2.96
C GLY A 51 13.21 -8.47 -1.83
N GLU A 52 12.69 -8.15 -0.65
CA GLU A 52 13.52 -7.89 0.52
C GLU A 52 14.33 -9.13 0.89
N VAL A 53 15.46 -8.90 1.56
CA VAL A 53 16.32 -10.00 1.99
C VAL A 53 15.95 -10.49 3.38
N CYS A 54 16.16 -11.77 3.64
CA CYS A 54 15.85 -12.37 4.92
C CYS A 54 17.11 -12.87 5.62
N GLY A 55 17.13 -12.79 6.94
CA GLY A 55 18.28 -13.23 7.70
C GLY A 55 18.42 -12.50 9.03
N TRP A 56 18.03 -11.24 9.04
CA TRP A 56 18.12 -10.43 10.26
C TRP A 56 16.83 -10.52 11.06
N GLY A 57 16.30 -11.73 11.23
CA GLY A 57 15.08 -11.92 11.97
C GLY A 57 13.88 -11.25 11.31
N SER A 58 13.90 -11.21 9.98
CA SER A 58 12.82 -10.60 9.22
C SER A 58 11.99 -11.66 8.51
N LYS A 59 10.71 -11.76 8.88
CA LYS A 59 9.82 -12.73 8.27
C LYS A 59 8.96 -12.07 7.19
N CYS A 60 8.89 -12.71 6.03
CA CYS A 60 8.10 -12.19 4.92
C CYS A 60 6.66 -11.95 5.35
N CYS A 61 5.99 -11.02 4.67
CA CYS A 61 4.61 -10.69 4.97
C CYS A 61 3.68 -11.85 4.62
N HIS A 62 2.44 -11.78 5.09
CA HIS A 62 1.46 -12.82 4.82
C HIS A 62 1.37 -13.11 3.31
N GLY A 63 1.49 -14.39 2.96
CA GLY A 63 1.42 -14.77 1.56
C GLY A 63 2.79 -14.90 0.93
N LEU A 64 3.78 -14.22 1.51
CA LEU A 64 5.14 -14.26 1.00
C LEU A 64 6.00 -15.22 1.81
N ASP A 65 7.11 -15.65 1.23
CA ASP A 65 8.03 -16.57 1.90
C ASP A 65 9.45 -16.39 1.39
N CYS A 66 10.42 -16.83 2.19
CA CYS A 66 11.82 -16.72 1.80
C CYS A 66 12.44 -18.11 1.64
N PRO A 67 13.14 -18.31 0.51
CA PRO A 67 13.80 -19.59 0.22
C PRO A 67 15.00 -19.84 1.12
N LEU A 68 15.49 -21.08 1.10
CA LEU A 68 16.64 -21.45 1.92
C LEU A 68 17.92 -21.40 1.10
N ALA A 69 18.63 -20.28 1.19
CA ALA A 69 19.89 -20.10 0.47
C ALA A 69 20.73 -18.99 1.10
N PHE A 70 21.85 -18.67 0.46
CA PHE A 70 22.74 -17.64 0.96
C PHE A 70 21.98 -16.34 1.20
N ILE A 71 21.47 -15.75 0.14
CA ILE A 71 20.71 -14.50 0.23
C ILE A 71 19.36 -14.63 -0.44
N PRO A 72 18.37 -15.19 0.29
CA PRO A 72 17.02 -15.38 -0.22
C PRO A 72 16.28 -14.05 -0.38
N TYR A 73 15.12 -14.10 -1.03
CA TYR A 73 14.31 -12.90 -1.25
C TYR A 73 12.82 -13.23 -1.16
N CYS A 74 12.10 -12.43 -0.38
CA CYS A 74 10.66 -12.64 -0.20
C CYS A 74 9.95 -12.74 -1.55
N GLU A 75 9.05 -13.69 -1.67
CA GLU A 75 8.30 -13.88 -2.91
C GLU A 75 6.97 -14.59 -2.64
N LYS A 76 5.96 -14.25 -3.42
CA LYS A 76 4.64 -14.85 -3.27
C LYS A 76 4.73 -16.37 -3.26
N TYR A 77 4.30 -16.97 -2.16
CA TYR A 77 4.34 -18.43 -2.03
C TYR A 77 3.62 -19.10 -3.18
N ARG A 78 4.26 -20.09 -3.78
CA ARG A 78 3.67 -20.82 -4.90
C ARG A 78 2.31 -21.39 -4.52
N GLY A 1 -23.68 11.66 -2.80
CA GLY A 1 -24.13 12.81 -3.57
C GLY A 1 -23.25 13.09 -4.77
N ASP A 2 -23.16 12.11 -5.67
CA ASP A 2 -22.34 12.25 -6.87
C ASP A 2 -20.88 12.49 -6.52
N CYS A 3 -20.41 11.80 -5.48
CA CYS A 3 -19.02 11.94 -5.04
C CYS A 3 -18.66 10.85 -4.03
N ALA A 4 -17.38 10.50 -3.96
CA ALA A 4 -16.92 9.49 -3.04
C ALA A 4 -16.66 10.07 -1.66
N LYS A 5 -17.34 9.52 -0.65
CA LYS A 5 -17.18 9.98 0.72
C LYS A 5 -15.72 9.87 1.17
N GLU A 6 -15.42 10.48 2.32
CA GLU A 6 -14.07 10.43 2.86
C GLU A 6 -13.62 9.00 3.10
N GLY A 7 -12.55 8.60 2.41
CA GLY A 7 -12.03 7.25 2.56
C GLY A 7 -12.60 6.30 1.52
N GLU A 8 -13.81 6.58 1.05
CA GLU A 8 -14.46 5.74 0.05
C GLU A 8 -13.65 5.73 -1.25
N VAL A 9 -13.64 4.58 -1.92
CA VAL A 9 -12.92 4.44 -3.17
C VAL A 9 -13.48 5.36 -4.25
N CYS A 10 -12.59 5.87 -5.11
CA CYS A 10 -13.01 6.76 -6.18
C CYS A 10 -12.62 6.19 -7.54
N SER A 11 -13.54 6.31 -8.50
CA SER A 11 -13.29 5.80 -9.85
C SER A 11 -13.39 6.92 -10.87
N TRP A 12 -13.34 6.55 -12.16
CA TRP A 12 -13.43 7.52 -13.23
C TRP A 12 -14.72 8.33 -13.13
N GLY A 13 -15.80 7.67 -12.72
CA GLY A 13 -17.08 8.34 -12.58
C GLY A 13 -17.33 8.85 -11.18
N LYS A 14 -16.68 8.23 -10.21
CA LYS A 14 -16.83 8.62 -8.81
C LYS A 14 -15.61 9.41 -8.34
N LYS A 15 -15.78 10.72 -8.17
CA LYS A 15 -14.70 11.58 -7.72
C LYS A 15 -14.92 12.03 -6.28
N CYS A 16 -13.84 12.18 -5.53
CA CYS A 16 -13.93 12.61 -4.14
C CYS A 16 -14.64 13.95 -4.03
N CYS A 17 -15.61 14.02 -3.13
CA CYS A 17 -16.38 15.25 -2.92
C CYS A 17 -15.45 16.44 -2.69
N ASP A 18 -14.39 16.21 -1.93
CA ASP A 18 -13.42 17.26 -1.62
C ASP A 18 -12.09 16.98 -2.32
N LEU A 19 -11.88 17.62 -3.45
CA LEU A 19 -10.64 17.45 -4.22
C LEU A 19 -9.50 18.22 -3.58
N ASP A 20 -9.82 19.39 -3.02
CA ASP A 20 -8.81 20.23 -2.37
C ASP A 20 -8.14 19.48 -1.22
N ASN A 21 -8.91 18.66 -0.52
CA ASN A 21 -8.40 17.89 0.60
C ASN A 21 -8.02 16.48 0.17
N PHE A 22 -9.00 15.74 -0.34
CA PHE A 22 -8.77 14.37 -0.79
C PHE A 22 -8.50 14.33 -2.29
N TYR A 23 -7.93 13.22 -2.75
CA TYR A 23 -7.60 13.07 -4.16
C TYR A 23 -7.34 11.60 -4.50
N CYS A 24 -7.34 11.29 -5.79
CA CYS A 24 -7.11 9.92 -6.24
C CYS A 24 -5.74 9.80 -6.90
N PRO A 25 -4.72 9.47 -6.09
CA PRO A 25 -3.35 9.31 -6.56
C PRO A 25 -3.17 8.06 -7.42
N MET A 26 -2.05 8.00 -8.14
CA MET A 26 -1.76 6.86 -9.00
C MET A 26 -1.38 5.63 -8.18
N GLU A 27 -2.30 4.68 -8.10
CA GLU A 27 -2.07 3.46 -7.34
C GLU A 27 -3.07 2.37 -7.73
N PHE A 28 -2.86 1.17 -7.20
CA PHE A 28 -3.75 0.05 -7.49
C PHE A 28 -5.21 0.42 -7.24
N ILE A 29 -5.50 0.85 -6.02
CA ILE A 29 -6.86 1.23 -5.65
C ILE A 29 -6.89 2.66 -5.11
N PRO A 30 -7.33 3.60 -5.96
CA PRO A 30 -7.43 5.02 -5.59
C PRO A 30 -8.53 5.28 -4.57
N HIS A 31 -8.15 5.84 -3.42
CA HIS A 31 -9.11 6.14 -2.37
C HIS A 31 -9.21 7.64 -2.14
N CYS A 32 -10.09 8.04 -1.23
CA CYS A 32 -10.28 9.45 -0.91
C CYS A 32 -9.62 9.82 0.41
N LYS A 33 -8.29 9.86 0.41
CA LYS A 33 -7.54 10.20 1.62
C LYS A 33 -6.82 11.54 1.45
N LYS A 34 -6.87 12.36 2.50
CA LYS A 34 -6.22 13.66 2.46
C LYS A 34 -4.73 13.52 2.16
N TYR A 35 -4.13 14.60 1.66
CA TYR A 35 -2.71 14.59 1.32
C TYR A 35 -1.86 14.34 2.56
N LYS A 36 -0.64 13.86 2.35
CA LYS A 36 0.28 13.58 3.44
C LYS A 36 1.39 14.62 3.51
N PRO A 37 2.01 14.74 4.69
CA PRO A 37 3.11 15.70 4.91
C PRO A 37 4.37 15.33 4.15
N TYR A 38 5.31 16.26 4.06
CA TYR A 38 6.56 16.03 3.36
C TYR A 38 7.30 14.84 3.95
N VAL A 39 7.99 14.10 3.08
CA VAL A 39 8.74 12.93 3.52
C VAL A 39 10.14 12.91 2.90
N PRO A 40 11.15 12.64 3.74
CA PRO A 40 12.55 12.59 3.30
C PRO A 40 12.83 11.38 2.42
N VAL A 41 13.77 11.53 1.49
CA VAL A 41 14.14 10.44 0.59
C VAL A 41 14.65 9.23 1.36
N THR A 42 14.08 8.07 1.07
CA THR A 42 14.47 6.83 1.73
C THR A 42 14.93 5.78 0.73
N THR A 43 15.76 4.84 1.18
CA THR A 43 16.28 3.79 0.32
C THR A 43 15.14 3.00 -0.30
N SER A 44 15.26 2.72 -1.60
CA SER A 44 14.23 1.97 -2.32
C SER A 44 14.26 0.50 -1.91
N PHE A 45 13.10 -0.02 -1.52
CA PHE A 45 12.99 -1.41 -1.11
C PHE A 45 12.40 -2.26 -2.22
N ASN A 46 12.98 -3.44 -2.43
CA ASN A 46 12.51 -4.36 -3.47
C ASN A 46 12.42 -5.79 -2.94
N CYS A 47 12.05 -5.92 -1.67
CA CYS A 47 11.93 -7.22 -1.05
C CYS A 47 10.64 -7.32 -0.23
N ALA A 48 10.20 -8.55 0.03
CA ALA A 48 8.98 -8.77 0.81
C ALA A 48 9.23 -8.54 2.29
N LYS A 49 8.62 -7.49 2.84
CA LYS A 49 8.77 -7.17 4.25
C LYS A 49 7.95 -8.11 5.12
N GLU A 50 8.20 -8.08 6.42
CA GLU A 50 7.49 -8.94 7.36
C GLU A 50 5.98 -8.81 7.17
N GLY A 51 5.31 -9.95 7.03
CA GLY A 51 3.87 -9.94 6.85
C GLY A 51 3.47 -10.17 5.41
N GLU A 52 4.32 -9.76 4.48
CA GLU A 52 4.05 -9.92 3.05
C GLU A 52 3.99 -11.40 2.68
N VAL A 53 3.27 -11.71 1.61
CA VAL A 53 3.14 -13.08 1.14
C VAL A 53 4.23 -13.44 0.14
N CYS A 54 4.60 -14.71 0.12
CA CYS A 54 5.64 -15.19 -0.80
C CYS A 54 5.08 -16.18 -1.80
N GLY A 55 5.59 -16.14 -3.03
CA GLY A 55 5.12 -17.05 -4.06
C GLY A 55 5.30 -16.48 -5.46
N TRP A 56 5.17 -15.17 -5.58
CA TRP A 56 5.32 -14.50 -6.87
C TRP A 56 6.76 -14.06 -7.08
N GLY A 57 7.70 -14.95 -6.79
CA GLY A 57 9.10 -14.64 -6.97
C GLY A 57 9.56 -13.52 -6.05
N SER A 58 8.97 -13.45 -4.86
CA SER A 58 9.32 -12.43 -3.88
C SER A 58 10.07 -13.03 -2.70
N LYS A 59 11.32 -12.62 -2.53
CA LYS A 59 12.14 -13.11 -1.43
C LYS A 59 12.16 -12.13 -0.27
N CYS A 60 11.98 -12.65 0.94
CA CYS A 60 11.98 -11.81 2.14
C CYS A 60 13.29 -11.03 2.26
N CYS A 61 13.21 -9.87 2.89
CA CYS A 61 14.40 -9.02 3.08
C CYS A 61 15.41 -9.69 4.00
N HIS A 62 16.59 -9.12 4.09
CA HIS A 62 17.65 -9.67 4.94
C HIS A 62 17.16 -9.81 6.38
N GLY A 63 17.34 -11.00 6.93
CA GLY A 63 16.91 -11.26 8.30
C GLY A 63 15.54 -11.92 8.37
N LEU A 64 14.75 -11.74 7.32
CA LEU A 64 13.42 -12.32 7.26
C LEU A 64 13.40 -13.58 6.41
N ASP A 65 12.38 -14.41 6.60
CA ASP A 65 12.25 -15.66 5.86
C ASP A 65 10.79 -16.05 5.70
N CYS A 66 10.51 -16.91 4.74
CA CYS A 66 9.15 -17.37 4.49
C CYS A 66 9.04 -18.89 4.66
N PRO A 67 8.06 -19.32 5.46
CA PRO A 67 7.82 -20.74 5.73
C PRO A 67 7.29 -21.48 4.50
N LEU A 68 7.31 -22.80 4.57
CA LEU A 68 6.83 -23.63 3.46
C LEU A 68 5.40 -24.09 3.71
N ALA A 69 4.44 -23.35 3.16
CA ALA A 69 3.03 -23.67 3.31
C ALA A 69 2.19 -23.04 2.20
N PHE A 70 0.87 -23.19 2.31
CA PHE A 70 -0.04 -22.63 1.32
C PHE A 70 0.25 -21.15 1.09
N ILE A 71 0.05 -20.34 2.12
CA ILE A 71 0.29 -18.91 2.03
C ILE A 71 1.16 -18.42 3.18
N PRO A 72 2.49 -18.57 3.03
CA PRO A 72 3.46 -18.16 4.05
C PRO A 72 3.55 -16.64 4.17
N TYR A 73 4.23 -16.17 5.20
CA TYR A 73 4.40 -14.74 5.44
C TYR A 73 5.78 -14.43 5.99
N CYS A 74 6.44 -13.45 5.39
CA CYS A 74 7.78 -13.05 5.83
C CYS A 74 7.80 -12.78 7.33
N GLU A 75 8.84 -13.29 8.00
CA GLU A 75 8.97 -13.11 9.44
C GLU A 75 10.43 -13.22 9.87
N LYS A 76 10.80 -12.48 10.91
CA LYS A 76 12.17 -12.50 11.42
C LYS A 76 12.64 -13.92 11.66
N TYR A 77 13.69 -14.33 10.96
CA TYR A 77 14.24 -15.68 11.10
C TYR A 77 14.84 -15.88 12.50
N ARG A 78 14.33 -16.88 13.22
CA ARG A 78 14.81 -17.16 14.56
C ARG A 78 15.54 -18.51 14.59
N GLY A 1 -24.42 10.01 -10.17
CA GLY A 1 -23.31 9.65 -11.00
C GLY A 1 -22.61 8.39 -10.55
N ASP A 2 -21.39 8.17 -11.02
CA ASP A 2 -20.62 6.99 -10.65
C ASP A 2 -19.20 7.36 -10.23
N CYS A 3 -19.09 7.96 -9.04
CA CYS A 3 -17.79 8.38 -8.52
C CYS A 3 -17.91 8.83 -7.07
N ALA A 4 -16.76 9.03 -6.43
CA ALA A 4 -16.74 9.47 -5.04
C ALA A 4 -16.63 10.99 -4.94
N LYS A 5 -17.42 11.57 -4.05
CA LYS A 5 -17.42 13.01 -3.85
C LYS A 5 -16.03 13.52 -3.44
N GLU A 6 -15.87 14.83 -3.41
CA GLU A 6 -14.60 15.43 -3.03
C GLU A 6 -14.22 15.07 -1.60
N GLY A 7 -13.10 14.37 -1.45
CA GLY A 7 -12.65 13.97 -0.12
C GLY A 7 -13.11 12.57 0.24
N GLU A 8 -14.25 12.15 -0.30
CA GLU A 8 -14.80 10.83 -0.03
C GLU A 8 -13.77 9.75 -0.33
N VAL A 9 -13.99 8.57 0.24
CA VAL A 9 -13.08 7.44 0.03
C VAL A 9 -13.27 6.83 -1.36
N CYS A 10 -12.19 6.28 -1.91
CA CYS A 10 -12.24 5.66 -3.23
C CYS A 10 -11.83 4.19 -3.16
N SER A 11 -12.51 3.37 -3.95
CA SER A 11 -12.23 1.93 -3.98
C SER A 11 -12.01 1.45 -5.41
N TRP A 12 -11.87 0.14 -5.57
CA TRP A 12 -11.65 -0.45 -6.89
C TRP A 12 -12.81 -0.13 -7.83
N GLY A 13 -14.02 -0.08 -7.27
CA GLY A 13 -15.20 0.23 -8.07
C GLY A 13 -15.57 1.70 -8.02
N LYS A 14 -15.18 2.36 -6.94
CA LYS A 14 -15.47 3.78 -6.77
C LYS A 14 -14.24 4.64 -7.04
N LYS A 15 -14.30 5.43 -8.11
CA LYS A 15 -13.19 6.29 -8.48
C LYS A 15 -13.52 7.75 -8.18
N CYS A 16 -12.49 8.60 -8.18
CA CYS A 16 -12.68 10.02 -7.92
C CYS A 16 -13.01 10.78 -9.20
N CYS A 17 -14.15 11.45 -9.20
CA CYS A 17 -14.59 12.21 -10.36
C CYS A 17 -13.49 13.16 -10.83
N ASP A 18 -12.75 13.72 -9.89
CA ASP A 18 -11.67 14.64 -10.20
C ASP A 18 -10.31 13.96 -10.08
N LEU A 19 -9.87 13.34 -11.18
CA LEU A 19 -8.58 12.65 -11.20
C LEU A 19 -7.43 13.64 -11.38
N ASP A 20 -7.67 14.67 -12.18
CA ASP A 20 -6.66 15.69 -12.43
C ASP A 20 -6.30 16.43 -11.15
N ASN A 21 -7.29 16.65 -10.30
CA ASN A 21 -7.09 17.36 -9.04
C ASN A 21 -6.86 16.37 -7.90
N PHE A 22 -7.83 15.49 -7.67
CA PHE A 22 -7.73 14.50 -6.61
C PHE A 22 -7.19 13.18 -7.14
N TYR A 23 -6.83 12.28 -6.25
CA TYR A 23 -6.30 10.98 -6.63
C TYR A 23 -6.47 9.97 -5.50
N CYS A 24 -6.08 8.73 -5.76
CA CYS A 24 -6.19 7.67 -4.77
C CYS A 24 -4.81 7.26 -4.24
N PRO A 25 -4.37 7.96 -3.17
CA PRO A 25 -3.08 7.69 -2.55
C PRO A 25 -3.04 6.35 -1.82
N MET A 26 -1.90 5.67 -1.89
CA MET A 26 -1.74 4.38 -1.23
C MET A 26 -1.60 4.55 0.28
N GLU A 27 -2.67 4.24 1.00
CA GLU A 27 -2.66 4.36 2.45
C GLU A 27 -3.82 3.57 3.06
N PHE A 28 -3.88 3.56 4.39
CA PHE A 28 -4.94 2.84 5.11
C PHE A 28 -6.31 3.24 4.58
N ILE A 29 -6.60 4.54 4.63
CA ILE A 29 -7.89 5.05 4.17
C ILE A 29 -7.69 6.13 3.10
N PRO A 30 -7.90 5.74 1.83
CA PRO A 30 -7.75 6.66 0.69
C PRO A 30 -8.86 7.70 0.65
N HIS A 31 -8.51 8.90 0.18
CA HIS A 31 -9.47 9.99 0.09
C HIS A 31 -9.25 10.80 -1.18
N CYS A 32 -10.34 11.21 -1.82
CA CYS A 32 -10.27 11.99 -3.05
C CYS A 32 -9.93 13.44 -2.74
N LYS A 33 -8.71 13.67 -2.26
CA LYS A 33 -8.26 15.02 -1.92
C LYS A 33 -7.09 15.43 -2.81
N LYS A 34 -6.72 16.71 -2.74
CA LYS A 34 -5.63 17.24 -3.54
C LYS A 34 -4.30 16.60 -3.12
N TYR A 35 -3.32 16.67 -4.01
CA TYR A 35 -2.00 16.09 -3.74
C TYR A 35 -1.46 16.59 -2.40
N LYS A 36 -0.60 15.79 -1.78
CA LYS A 36 -0.01 16.14 -0.50
C LYS A 36 1.44 16.58 -0.67
N PRO A 37 1.96 17.32 0.33
CA PRO A 37 3.33 17.82 0.31
C PRO A 37 4.37 16.71 0.46
N TYR A 38 5.62 17.03 0.16
CA TYR A 38 6.70 16.05 0.27
C TYR A 38 6.70 15.38 1.64
N VAL A 39 7.03 14.09 1.65
CA VAL A 39 7.08 13.33 2.90
C VAL A 39 8.44 13.46 3.58
N PRO A 40 8.42 13.73 4.90
CA PRO A 40 9.64 13.88 5.69
C PRO A 40 10.39 12.56 5.86
N VAL A 41 11.65 12.65 6.25
CA VAL A 41 12.47 11.47 6.46
C VAL A 41 11.78 10.46 7.38
N THR A 42 11.68 9.23 6.92
CA THR A 42 11.03 8.17 7.70
C THR A 42 12.06 7.22 8.29
N THR A 43 11.65 6.46 9.30
CA THR A 43 12.53 5.50 9.96
C THR A 43 13.21 4.59 8.93
N SER A 44 14.24 3.88 9.38
CA SER A 44 14.97 2.97 8.50
C SER A 44 14.10 1.78 8.10
N PHE A 45 14.46 1.13 6.99
CA PHE A 45 13.71 -0.02 6.50
C PHE A 45 14.37 -1.32 6.95
N ASN A 46 13.61 -2.41 6.88
CA ASN A 46 14.12 -3.72 7.28
C ASN A 46 13.39 -4.83 6.53
N CYS A 47 14.15 -5.84 6.11
CA CYS A 47 13.58 -6.97 5.39
C CYS A 47 12.55 -7.71 6.23
N ALA A 48 11.69 -8.47 5.58
CA ALA A 48 10.66 -9.24 6.27
C ALA A 48 11.22 -10.50 6.89
N LYS A 49 11.28 -10.55 8.22
CA LYS A 49 11.80 -11.70 8.93
C LYS A 49 10.80 -12.86 8.91
N GLU A 50 11.26 -14.03 9.33
CA GLU A 50 10.41 -15.22 9.35
C GLU A 50 9.10 -14.92 10.09
N GLY A 51 7.99 -15.27 9.45
CA GLY A 51 6.69 -15.03 10.05
C GLY A 51 6.00 -13.80 9.50
N GLU A 52 6.79 -12.82 9.09
CA GLU A 52 6.25 -11.58 8.54
C GLU A 52 5.46 -11.85 7.27
N VAL A 53 4.52 -10.97 6.95
CA VAL A 53 3.70 -11.11 5.76
C VAL A 53 4.32 -10.37 4.57
N CYS A 54 4.06 -10.87 3.37
CA CYS A 54 4.59 -10.26 2.16
C CYS A 54 3.46 -9.73 1.27
N GLY A 55 3.71 -8.61 0.61
CA GLY A 55 2.70 -8.02 -0.25
C GLY A 55 2.89 -6.53 -0.42
N TRP A 56 3.37 -5.86 0.61
CA TRP A 56 3.59 -4.42 0.57
C TRP A 56 5.02 -4.11 0.13
N GLY A 57 5.46 -4.78 -0.93
CA GLY A 57 6.80 -4.56 -1.44
C GLY A 57 7.88 -4.94 -0.46
N SER A 58 7.60 -5.96 0.35
CA SER A 58 8.55 -6.43 1.36
C SER A 58 9.11 -7.80 0.97
N LYS A 59 10.43 -7.85 0.76
CA LYS A 59 11.08 -9.08 0.39
C LYS A 59 11.74 -9.73 1.61
N CYS A 60 11.58 -11.05 1.73
CA CYS A 60 12.15 -11.79 2.84
C CYS A 60 13.67 -11.63 2.89
N CYS A 61 14.24 -11.74 4.09
CA CYS A 61 15.68 -11.60 4.27
C CYS A 61 16.41 -12.77 3.62
N HIS A 62 17.74 -12.64 3.51
CA HIS A 62 18.56 -13.69 2.92
C HIS A 62 18.32 -15.03 3.61
N GLY A 63 18.00 -16.04 2.81
CA GLY A 63 17.75 -17.37 3.35
C GLY A 63 16.27 -17.66 3.51
N LEU A 64 15.47 -16.61 3.59
CA LEU A 64 14.03 -16.76 3.74
C LEU A 64 13.32 -16.51 2.41
N ASP A 65 12.09 -17.01 2.31
CA ASP A 65 11.29 -16.84 1.10
C ASP A 65 9.80 -16.79 1.42
N CYS A 66 9.02 -16.22 0.50
CA CYS A 66 7.59 -16.11 0.69
C CYS A 66 6.83 -16.88 -0.40
N PRO A 67 5.91 -17.76 0.03
CA PRO A 67 5.11 -18.56 -0.89
C PRO A 67 4.09 -17.73 -1.66
N LEU A 68 3.52 -18.32 -2.71
CA LEU A 68 2.54 -17.63 -3.54
C LEU A 68 1.12 -18.00 -3.12
N ALA A 69 0.53 -17.16 -2.28
CA ALA A 69 -0.83 -17.39 -1.80
C ALA A 69 -1.47 -16.10 -1.31
N PHE A 70 -2.68 -16.21 -0.76
CA PHE A 70 -3.39 -15.05 -0.25
C PHE A 70 -2.51 -14.23 0.69
N ILE A 71 -2.13 -14.84 1.81
CA ILE A 71 -1.29 -14.18 2.79
C ILE A 71 -0.11 -15.06 3.20
N PRO A 72 0.95 -15.04 2.39
CA PRO A 72 2.16 -15.82 2.65
C PRO A 72 2.95 -15.31 3.85
N TYR A 73 3.93 -16.09 4.29
CA TYR A 73 4.75 -15.71 5.43
C TYR A 73 6.20 -16.15 5.23
N CYS A 74 7.13 -15.22 5.46
CA CYS A 74 8.55 -15.50 5.30
C CYS A 74 8.94 -16.76 6.08
N GLU A 75 9.73 -17.62 5.44
CA GLU A 75 10.17 -18.86 6.07
C GLU A 75 11.47 -19.35 5.45
N LYS A 76 12.31 -19.97 6.26
CA LYS A 76 13.59 -20.50 5.79
C LYS A 76 13.40 -21.37 4.55
N TYR A 77 14.02 -20.95 3.45
CA TYR A 77 13.91 -21.69 2.19
C TYR A 77 14.82 -22.92 2.21
N ARG A 78 14.27 -24.05 1.78
CA ARG A 78 15.02 -25.30 1.74
C ARG A 78 15.17 -25.80 0.32
N GLY A 1 -25.88 29.54 -9.44
CA GLY A 1 -24.65 28.83 -9.74
C GLY A 1 -24.91 27.48 -10.39
N ASP A 2 -23.93 27.00 -11.15
CA ASP A 2 -24.06 25.72 -11.83
C ASP A 2 -22.96 24.76 -11.38
N CYS A 3 -23.05 24.31 -10.13
CA CYS A 3 -22.07 23.39 -9.58
C CYS A 3 -22.51 22.88 -8.21
N ALA A 4 -21.85 21.83 -7.72
CA ALA A 4 -22.18 21.26 -6.42
C ALA A 4 -21.13 21.65 -5.38
N LYS A 5 -21.59 22.21 -4.26
CA LYS A 5 -20.71 22.62 -3.19
C LYS A 5 -19.88 21.44 -2.68
N GLU A 6 -18.88 21.75 -1.86
CA GLU A 6 -18.01 20.72 -1.30
C GLU A 6 -18.80 19.78 -0.38
N GLY A 7 -18.50 18.48 -0.46
CA GLY A 7 -19.18 17.51 0.36
C GLY A 7 -20.37 16.88 -0.35
N GLU A 8 -20.97 17.64 -1.27
CA GLU A 8 -22.13 17.16 -2.01
C GLU A 8 -21.70 16.19 -3.10
N VAL A 9 -22.64 15.39 -3.59
CA VAL A 9 -22.36 14.42 -4.65
C VAL A 9 -22.39 15.08 -6.02
N CYS A 10 -21.62 14.53 -6.95
CA CYS A 10 -21.56 15.07 -8.31
C CYS A 10 -22.25 14.14 -9.29
N SER A 11 -22.93 14.71 -10.27
CA SER A 11 -23.64 13.93 -11.28
C SER A 11 -23.13 14.27 -12.68
N TRP A 12 -23.84 13.76 -13.69
CA TRP A 12 -23.46 14.01 -15.08
C TRP A 12 -23.66 15.47 -15.44
N GLY A 13 -24.74 16.07 -14.94
CA GLY A 13 -25.02 17.46 -15.23
C GLY A 13 -24.49 18.39 -14.15
N LYS A 14 -24.33 17.87 -12.93
CA LYS A 14 -23.82 18.66 -11.82
C LYS A 14 -22.37 18.32 -11.52
N LYS A 15 -21.49 19.29 -11.76
CA LYS A 15 -20.06 19.10 -11.51
C LYS A 15 -19.62 19.83 -10.26
N CYS A 16 -18.40 19.54 -9.81
CA CYS A 16 -17.85 20.18 -8.61
C CYS A 16 -17.41 21.61 -8.91
N CYS A 17 -17.64 22.50 -7.95
CA CYS A 17 -17.25 23.90 -8.11
C CYS A 17 -15.74 24.06 -8.14
N ASP A 18 -15.05 23.24 -7.36
CA ASP A 18 -13.59 23.28 -7.31
C ASP A 18 -12.99 21.96 -7.80
N LEU A 19 -13.05 21.75 -9.11
CA LEU A 19 -12.51 20.53 -9.71
C LEU A 19 -11.00 20.46 -9.53
N ASP A 20 -10.35 21.62 -9.51
CA ASP A 20 -8.91 21.68 -9.35
C ASP A 20 -8.47 21.05 -8.04
N ASN A 21 -9.31 21.19 -7.02
CA ASN A 21 -9.02 20.63 -5.71
C ASN A 21 -9.73 19.30 -5.51
N PHE A 22 -11.06 19.31 -5.61
CA PHE A 22 -11.85 18.10 -5.45
C PHE A 22 -12.14 17.46 -6.80
N TYR A 23 -12.51 16.17 -6.77
CA TYR A 23 -12.80 15.44 -8.00
C TYR A 23 -13.80 14.32 -7.73
N CYS A 24 -14.22 13.65 -8.79
CA CYS A 24 -15.17 12.55 -8.67
C CYS A 24 -14.50 11.20 -8.94
N PRO A 25 -13.94 10.60 -7.87
CA PRO A 25 -13.25 9.31 -7.97
C PRO A 25 -14.22 8.16 -8.24
N MET A 26 -13.70 7.08 -8.81
CA MET A 26 -14.51 5.91 -9.12
C MET A 26 -15.02 5.25 -7.85
N GLU A 27 -16.29 5.51 -7.52
CA GLU A 27 -16.90 4.95 -6.33
C GLU A 27 -18.43 5.04 -6.39
N PHE A 28 -19.09 4.35 -5.48
CA PHE A 28 -20.56 4.36 -5.43
C PHE A 28 -21.09 5.79 -5.43
N ILE A 29 -20.66 6.58 -4.45
CA ILE A 29 -21.09 7.96 -4.34
C ILE A 29 -19.90 8.91 -4.31
N PRO A 30 -19.64 9.56 -5.46
CA PRO A 30 -18.53 10.50 -5.60
C PRO A 30 -18.77 11.80 -4.82
N HIS A 31 -17.86 12.09 -3.88
CA HIS A 31 -17.98 13.29 -3.07
C HIS A 31 -16.84 14.27 -3.37
N CYS A 32 -17.14 15.56 -3.27
CA CYS A 32 -16.14 16.59 -3.54
C CYS A 32 -15.14 16.69 -2.40
N LYS A 33 -14.25 15.71 -2.31
CA LYS A 33 -13.23 15.68 -1.27
C LYS A 33 -11.83 15.85 -1.86
N LYS A 34 -10.95 16.47 -1.10
CA LYS A 34 -9.58 16.70 -1.55
C LYS A 34 -8.80 15.38 -1.58
N TYR A 35 -7.78 15.33 -2.44
CA TYR A 35 -6.96 14.14 -2.58
C TYR A 35 -6.35 13.74 -1.23
N LYS A 36 -5.98 12.46 -1.12
CA LYS A 36 -5.39 11.95 0.11
C LYS A 36 -3.98 12.51 0.32
N PRO A 37 -3.50 12.46 1.58
CA PRO A 37 -2.16 12.95 1.93
C PRO A 37 -1.06 12.08 1.36
N TYR A 38 0.17 12.58 1.38
CA TYR A 38 1.32 11.85 0.87
C TYR A 38 1.53 10.56 1.66
N VAL A 39 1.92 9.50 0.95
CA VAL A 39 2.16 8.21 1.59
C VAL A 39 3.54 8.16 2.23
N PRO A 40 3.59 7.67 3.47
CA PRO A 40 4.84 7.56 4.23
C PRO A 40 5.77 6.49 3.66
N VAL A 41 7.02 6.86 3.41
CA VAL A 41 8.00 5.94 2.86
C VAL A 41 8.30 4.81 3.86
N THR A 42 8.33 3.58 3.35
CA THR A 42 8.61 2.43 4.19
C THR A 42 10.09 2.05 4.14
N THR A 43 10.54 1.29 5.14
CA THR A 43 11.92 0.87 5.22
C THR A 43 12.24 -0.14 4.11
N SER A 44 13.54 -0.31 3.83
CA SER A 44 13.98 -1.24 2.79
C SER A 44 13.95 -2.67 3.30
N PHE A 45 13.51 -3.59 2.46
CA PHE A 45 13.42 -5.00 2.81
C PHE A 45 14.64 -5.75 2.30
N ASN A 46 14.89 -6.93 2.88
CA ASN A 46 16.02 -7.76 2.50
C ASN A 46 15.83 -9.20 2.94
N CYS A 47 16.14 -10.14 2.05
CA CYS A 47 15.99 -11.55 2.36
C CYS A 47 16.90 -11.95 3.52
N ALA A 48 16.65 -13.14 4.08
CA ALA A 48 17.45 -13.63 5.20
C ALA A 48 18.73 -14.30 4.70
N LYS A 49 19.86 -13.68 5.01
CA LYS A 49 21.16 -14.21 4.60
C LYS A 49 21.56 -15.39 5.48
N GLU A 50 22.56 -16.15 5.02
CA GLU A 50 23.04 -17.31 5.77
C GLU A 50 23.32 -16.94 7.23
N GLY A 51 22.67 -17.64 8.15
CA GLY A 51 22.86 -17.37 9.55
C GLY A 51 21.65 -16.73 10.19
N GLU A 52 20.90 -15.97 9.40
CA GLU A 52 19.70 -15.29 9.90
C GLU A 52 18.65 -16.31 10.34
N VAL A 53 17.85 -15.93 11.33
CA VAL A 53 16.81 -16.80 11.85
C VAL A 53 15.54 -16.72 10.99
N CYS A 54 14.81 -17.82 10.93
CA CYS A 54 13.59 -17.88 10.14
C CYS A 54 12.39 -18.26 11.01
N GLY A 55 11.21 -17.80 10.62
CA GLY A 55 10.01 -18.10 11.38
C GLY A 55 9.02 -16.95 11.38
N TRP A 56 9.46 -15.80 11.89
CA TRP A 56 8.61 -14.61 11.95
C TRP A 56 8.49 -13.96 10.58
N GLY A 57 7.95 -14.69 9.62
CA GLY A 57 7.79 -14.16 8.28
C GLY A 57 9.11 -13.84 7.62
N SER A 58 10.14 -14.62 7.95
CA SER A 58 11.47 -14.41 7.38
C SER A 58 11.88 -15.60 6.53
N LYS A 59 12.28 -15.32 5.29
CA LYS A 59 12.70 -16.37 4.37
C LYS A 59 14.14 -16.13 3.90
N CYS A 60 14.80 -17.20 3.45
CA CYS A 60 16.17 -17.10 2.98
C CYS A 60 16.22 -16.66 1.53
N CYS A 61 17.37 -16.13 1.10
CA CYS A 61 17.55 -15.67 -0.26
C CYS A 61 17.56 -16.84 -1.24
N HIS A 62 17.50 -16.53 -2.54
CA HIS A 62 17.51 -17.56 -3.57
C HIS A 62 18.74 -18.45 -3.45
N GLY A 63 18.51 -19.73 -3.18
CA GLY A 63 19.62 -20.66 -3.04
C GLY A 63 19.81 -21.13 -1.60
N LEU A 64 19.34 -20.31 -0.67
CA LEU A 64 19.46 -20.64 0.76
C LEU A 64 18.14 -21.16 1.32
N ASP A 65 18.22 -21.90 2.41
CA ASP A 65 17.04 -22.45 3.05
C ASP A 65 17.22 -22.56 4.56
N CYS A 66 16.12 -22.70 5.28
CA CYS A 66 16.16 -22.81 6.73
C CYS A 66 15.67 -24.18 7.19
N PRO A 67 16.35 -24.75 8.20
CA PRO A 67 16.00 -26.07 8.75
C PRO A 67 14.67 -26.04 9.51
N LEU A 68 14.16 -27.23 9.83
CA LEU A 68 12.90 -27.34 10.55
C LEU A 68 13.15 -27.53 12.04
N ALA A 69 13.11 -26.43 12.79
CA ALA A 69 13.33 -26.47 14.24
C ALA A 69 12.85 -25.19 14.90
N PHE A 70 13.10 -25.07 16.19
CA PHE A 70 12.69 -23.90 16.96
C PHE A 70 13.27 -22.63 16.34
N ILE A 71 14.58 -22.49 16.39
CA ILE A 71 15.26 -21.33 15.83
C ILE A 71 16.23 -21.73 14.74
N PRO A 72 15.70 -21.93 13.52
CA PRO A 72 16.51 -22.31 12.36
C PRO A 72 17.42 -21.19 11.89
N TYR A 73 18.33 -21.51 10.97
CA TYR A 73 19.26 -20.53 10.44
C TYR A 73 19.54 -20.78 8.96
N CYS A 74 19.42 -19.73 8.15
CA CYS A 74 19.66 -19.83 6.71
C CYS A 74 21.00 -20.51 6.44
N GLU A 75 21.03 -21.34 5.39
CA GLU A 75 22.24 -22.04 5.02
C GLU A 75 22.17 -22.52 3.57
N LYS A 76 23.31 -22.55 2.89
CA LYS A 76 23.38 -23.00 1.51
C LYS A 76 22.68 -24.35 1.33
N TYR A 77 21.64 -24.36 0.50
CA TYR A 77 20.89 -25.58 0.24
C TYR A 77 21.82 -26.71 -0.18
N ARG A 78 21.86 -27.78 0.61
CA ARG A 78 22.70 -28.92 0.32
C ARG A 78 21.98 -29.91 -0.59
N GLY A 1 -21.85 26.35 -14.58
CA GLY A 1 -22.76 25.32 -14.11
C GLY A 1 -22.62 25.04 -12.63
N ASP A 2 -23.52 24.23 -12.10
CA ASP A 2 -23.49 23.89 -10.68
C ASP A 2 -22.32 22.96 -10.37
N CYS A 3 -22.21 22.56 -9.11
CA CYS A 3 -21.14 21.67 -8.68
C CYS A 3 -21.35 21.21 -7.24
N ALA A 4 -20.59 20.20 -6.83
CA ALA A 4 -20.69 19.68 -5.47
C ALA A 4 -19.62 20.26 -4.57
N LYS A 5 -19.95 20.44 -3.29
CA LYS A 5 -19.01 21.00 -2.32
C LYS A 5 -18.03 19.93 -1.84
N GLU A 6 -17.07 20.35 -1.02
CA GLU A 6 -16.07 19.43 -0.49
C GLU A 6 -16.71 18.38 0.40
N GLY A 7 -16.39 17.12 0.15
CA GLY A 7 -16.95 16.03 0.94
C GLY A 7 -18.21 15.45 0.31
N GLU A 8 -18.93 16.27 -0.43
CA GLU A 8 -20.16 15.83 -1.08
C GLU A 8 -19.87 14.79 -2.16
N VAL A 9 -20.88 14.02 -2.51
CA VAL A 9 -20.74 12.98 -3.53
C VAL A 9 -20.79 13.57 -4.93
N CYS A 10 -20.08 12.95 -5.87
CA CYS A 10 -20.05 13.42 -7.25
C CYS A 10 -20.74 12.41 -8.17
N SER A 11 -21.44 12.93 -9.17
CA SER A 11 -22.15 12.09 -10.13
C SER A 11 -21.93 12.58 -11.56
N TRP A 12 -22.50 11.86 -12.52
CA TRP A 12 -22.36 12.23 -13.92
C TRP A 12 -22.84 13.65 -14.17
N GLY A 13 -23.87 14.05 -13.43
CA GLY A 13 -24.41 15.39 -13.59
C GLY A 13 -23.84 16.37 -12.56
N LYS A 14 -23.39 15.83 -11.43
CA LYS A 14 -22.83 16.65 -10.36
C LYS A 14 -21.30 16.54 -10.35
N LYS A 15 -20.62 17.59 -10.80
CA LYS A 15 -19.17 17.61 -10.83
C LYS A 15 -18.62 18.53 -9.74
N CYS A 16 -17.62 18.05 -9.01
CA CYS A 16 -17.00 18.82 -7.94
C CYS A 16 -16.57 20.19 -8.44
N CYS A 17 -16.77 21.22 -7.61
CA CYS A 17 -16.41 22.58 -7.98
C CYS A 17 -14.92 22.66 -8.31
N ASP A 18 -14.11 21.89 -7.60
CA ASP A 18 -12.67 21.88 -7.82
C ASP A 18 -12.19 20.50 -8.27
N LEU A 19 -12.39 20.21 -9.54
CA LEU A 19 -11.99 18.92 -10.11
C LEU A 19 -10.48 18.83 -10.22
N ASP A 20 -9.84 19.97 -10.51
CA ASP A 20 -8.38 20.02 -10.64
C ASP A 20 -7.71 19.53 -9.37
N ASN A 21 -8.31 19.84 -8.22
CA ASN A 21 -7.76 19.44 -6.93
C ASN A 21 -8.35 18.11 -6.49
N PHE A 22 -9.67 18.06 -6.37
CA PHE A 22 -10.36 16.85 -5.94
C PHE A 22 -10.83 16.04 -7.14
N TYR A 23 -10.77 14.71 -7.02
CA TYR A 23 -11.19 13.83 -8.10
C TYR A 23 -12.18 12.80 -7.60
N CYS A 24 -12.70 11.98 -8.52
CA CYS A 24 -13.66 10.94 -8.17
C CYS A 24 -13.08 9.55 -8.42
N PRO A 25 -12.45 8.98 -7.37
CA PRO A 25 -11.85 7.65 -7.44
C PRO A 25 -12.89 6.54 -7.56
N MET A 26 -12.54 5.49 -8.29
CA MET A 26 -13.45 4.36 -8.48
C MET A 26 -13.70 3.64 -7.15
N GLU A 27 -14.90 3.81 -6.61
CA GLU A 27 -15.27 3.19 -5.35
C GLU A 27 -16.77 3.20 -5.15
N PHE A 28 -17.24 2.51 -4.10
CA PHE A 28 -18.66 2.45 -3.80
C PHE A 28 -19.27 3.86 -3.76
N ILE A 29 -18.73 4.71 -2.90
CA ILE A 29 -19.22 6.07 -2.76
C ILE A 29 -18.10 7.09 -2.97
N PRO A 30 -18.07 7.69 -4.17
CA PRO A 30 -17.05 8.69 -4.53
C PRO A 30 -17.23 9.99 -3.76
N HIS A 31 -16.16 10.43 -3.11
CA HIS A 31 -16.19 11.67 -2.34
C HIS A 31 -15.14 12.66 -2.84
N CYS A 32 -15.36 13.94 -2.58
CA CYS A 32 -14.44 14.98 -3.01
C CYS A 32 -13.35 15.20 -1.97
N LYS A 33 -12.44 14.23 -1.86
CA LYS A 33 -11.34 14.31 -0.91
C LYS A 33 -10.00 14.39 -1.63
N LYS A 34 -9.17 15.35 -1.23
CA LYS A 34 -7.86 15.53 -1.83
C LYS A 34 -7.07 14.22 -1.84
N TYR A 35 -6.16 14.09 -2.80
CA TYR A 35 -5.35 12.88 -2.91
C TYR A 35 -4.68 12.55 -1.58
N LYS A 36 -4.30 11.28 -1.42
CA LYS A 36 -3.66 10.83 -0.20
C LYS A 36 -2.41 11.67 0.10
N PRO A 37 -1.97 11.63 1.36
CA PRO A 37 -0.79 12.38 1.81
C PRO A 37 0.50 11.81 1.24
N TYR A 38 1.58 12.58 1.34
CA TYR A 38 2.88 12.15 0.85
C TYR A 38 3.30 10.84 1.50
N VAL A 39 3.93 9.96 0.71
CA VAL A 39 4.39 8.67 1.20
C VAL A 39 5.62 8.83 2.09
N PRO A 40 5.60 8.17 3.26
CA PRO A 40 6.70 8.22 4.22
C PRO A 40 7.95 7.50 3.72
N VAL A 41 9.10 7.87 4.27
CA VAL A 41 10.37 7.25 3.87
C VAL A 41 10.47 5.82 4.39
N THR A 42 11.00 4.94 3.56
CA THR A 42 11.16 3.54 3.93
C THR A 42 12.09 3.39 5.13
N THR A 43 11.93 2.28 5.86
CA THR A 43 12.75 2.02 7.03
C THR A 43 14.09 1.41 6.64
N SER A 44 14.90 1.08 7.63
CA SER A 44 16.22 0.50 7.39
C SER A 44 16.09 -0.91 6.84
N PHE A 45 16.98 -1.27 5.91
CA PHE A 45 16.96 -2.59 5.30
C PHE A 45 17.82 -3.57 6.10
N ASN A 46 17.27 -4.76 6.34
CA ASN A 46 17.98 -5.78 7.10
C ASN A 46 17.53 -7.17 6.68
N CYS A 47 18.49 -7.99 6.25
CA CYS A 47 18.21 -9.34 5.81
C CYS A 47 17.62 -10.18 6.95
N ALA A 48 16.93 -11.26 6.59
CA ALA A 48 16.33 -12.14 7.59
C ALA A 48 17.38 -13.05 8.23
N LYS A 49 17.63 -12.84 9.51
CA LYS A 49 18.61 -13.64 10.24
C LYS A 49 18.04 -15.02 10.57
N GLU A 50 18.91 -15.92 10.99
CA GLU A 50 18.50 -17.28 11.35
C GLU A 50 17.34 -17.24 12.34
N GLY A 51 16.27 -17.97 12.02
CA GLY A 51 15.12 -18.01 12.89
C GLY A 51 13.97 -17.15 12.37
N GLU A 52 14.31 -16.08 11.66
CA GLU A 52 13.30 -15.17 11.11
C GLU A 52 12.44 -15.90 10.08
N VAL A 53 11.22 -15.38 9.89
CA VAL A 53 10.30 -15.97 8.93
C VAL A 53 10.45 -15.34 7.55
N CYS A 54 10.17 -16.12 6.51
CA CYS A 54 10.29 -15.64 5.14
C CYS A 54 8.94 -15.64 4.45
N GLY A 55 8.70 -14.64 3.60
CA GLY A 55 7.44 -14.54 2.89
C GLY A 55 7.08 -13.12 2.54
N TRP A 56 7.46 -12.19 3.41
CA TRP A 56 7.17 -10.77 3.18
C TRP A 56 8.30 -10.10 2.43
N GLY A 57 8.77 -10.74 1.36
CA GLY A 57 9.85 -10.18 0.57
C GLY A 57 11.14 -10.08 1.35
N SER A 58 11.35 -11.02 2.27
CA SER A 58 12.56 -11.02 3.09
C SER A 58 13.45 -12.20 2.74
N LYS A 59 14.68 -11.90 2.30
CA LYS A 59 15.62 -12.95 1.93
C LYS A 59 16.67 -13.15 3.02
N CYS A 60 16.96 -14.40 3.34
CA CYS A 60 17.93 -14.73 4.36
C CYS A 60 19.30 -14.14 4.03
N CYS A 61 20.10 -13.87 5.05
CA CYS A 61 21.43 -13.30 4.86
C CYS A 61 22.36 -14.31 4.20
N HIS A 62 23.52 -13.82 3.74
CA HIS A 62 24.49 -14.68 3.09
C HIS A 62 24.81 -15.90 3.95
N GLY A 63 24.72 -17.09 3.35
CA GLY A 63 25.00 -18.30 4.08
C GLY A 63 23.74 -18.96 4.61
N LEU A 64 22.69 -18.18 4.78
CA LEU A 64 21.42 -18.69 5.29
C LEU A 64 20.41 -18.87 4.16
N ASP A 65 19.40 -19.68 4.41
CA ASP A 65 18.36 -19.94 3.41
C ASP A 65 17.05 -20.33 4.09
N CYS A 66 15.95 -20.18 3.34
CA CYS A 66 14.63 -20.52 3.86
C CYS A 66 14.01 -21.67 3.08
N PRO A 67 13.49 -22.67 3.82
CA PRO A 67 12.86 -23.85 3.22
C PRO A 67 11.53 -23.52 2.55
N LEU A 68 11.03 -24.46 1.75
CA LEU A 68 9.76 -24.27 1.06
C LEU A 68 8.61 -24.92 1.82
N ALA A 69 7.93 -24.12 2.64
CA ALA A 69 6.80 -24.61 3.42
C ALA A 69 5.90 -23.47 3.86
N PHE A 70 4.90 -23.80 4.68
CA PHE A 70 3.95 -22.80 5.17
C PHE A 70 4.69 -21.61 5.79
N ILE A 71 5.38 -21.87 6.89
CA ILE A 71 6.13 -20.83 7.58
C ILE A 71 7.58 -21.25 7.82
N PRO A 72 8.42 -21.07 6.80
CA PRO A 72 9.85 -21.42 6.86
C PRO A 72 10.63 -20.51 7.79
N TYR A 73 11.87 -20.87 8.08
CA TYR A 73 12.72 -20.08 8.96
C TYR A 73 14.17 -20.12 8.49
N CYS A 74 14.78 -18.94 8.40
CA CYS A 74 16.17 -18.84 7.97
C CYS A 74 17.07 -19.78 8.76
N GLU A 75 17.98 -20.46 8.07
CA GLU A 75 18.90 -21.39 8.72
C GLU A 75 20.15 -21.59 7.87
N LYS A 76 21.28 -21.80 8.54
CA LYS A 76 22.55 -22.01 7.86
C LYS A 76 22.42 -23.11 6.80
N TYR A 77 22.66 -22.74 5.54
CA TYR A 77 22.56 -23.70 4.44
C TYR A 77 23.46 -24.90 4.69
N ARG A 78 22.89 -26.09 4.55
CA ARG A 78 23.64 -27.33 4.76
C ARG A 78 24.48 -27.67 3.52
N GLY A 1 -22.54 22.95 -1.02
CA GLY A 1 -22.69 21.70 -1.75
C GLY A 1 -22.42 20.49 -0.88
N ASP A 2 -22.02 19.39 -1.51
CA ASP A 2 -21.74 18.16 -0.78
C ASP A 2 -20.50 17.47 -1.35
N CYS A 3 -19.83 16.70 -0.50
CA CYS A 3 -18.63 15.98 -0.92
C CYS A 3 -18.16 15.03 0.17
N ALA A 4 -17.18 14.19 -0.16
CA ALA A 4 -16.65 13.22 0.78
C ALA A 4 -15.35 13.72 1.40
N LYS A 5 -15.38 13.97 2.71
CA LYS A 5 -14.19 14.45 3.42
C LYS A 5 -13.04 13.47 3.28
N GLU A 6 -11.87 13.87 3.78
CA GLU A 6 -10.69 13.02 3.71
C GLU A 6 -10.92 11.68 4.39
N GLY A 7 -10.69 10.59 3.66
CA GLY A 7 -10.89 9.27 4.21
C GLY A 7 -12.27 8.72 3.91
N GLU A 8 -13.25 9.61 3.77
CA GLU A 8 -14.62 9.21 3.49
C GLU A 8 -14.69 8.42 2.18
N VAL A 9 -15.78 7.67 2.01
CA VAL A 9 -15.98 6.88 0.80
C VAL A 9 -16.45 7.74 -0.36
N CYS A 10 -16.01 7.40 -1.56
CA CYS A 10 -16.39 8.14 -2.75
C CYS A 10 -17.14 7.25 -3.73
N SER A 11 -18.22 7.79 -4.31
CA SER A 11 -19.02 7.04 -5.26
C SER A 11 -19.46 7.93 -6.42
N TRP A 12 -20.37 7.41 -7.25
CA TRP A 12 -20.88 8.16 -8.39
C TRP A 12 -21.64 9.41 -7.94
N GLY A 13 -22.34 9.29 -6.82
CA GLY A 13 -23.10 10.41 -6.30
C GLY A 13 -22.32 11.23 -5.29
N LYS A 14 -21.34 10.59 -4.65
CA LYS A 14 -20.50 11.27 -3.66
C LYS A 14 -19.13 11.60 -4.24
N LYS A 15 -18.84 12.89 -4.38
CA LYS A 15 -17.56 13.33 -4.91
C LYS A 15 -16.65 13.81 -3.79
N CYS A 16 -15.41 13.30 -3.79
CA CYS A 16 -14.44 13.68 -2.78
C CYS A 16 -14.20 15.19 -2.77
N CYS A 17 -14.15 15.77 -1.58
CA CYS A 17 -13.93 17.21 -1.44
C CYS A 17 -12.62 17.63 -2.10
N ASP A 18 -11.62 16.76 -2.00
CA ASP A 18 -10.31 17.03 -2.59
C ASP A 18 -9.95 15.98 -3.62
N LEU A 19 -10.53 16.08 -4.80
CA LEU A 19 -10.27 15.14 -5.88
C LEU A 19 -8.84 15.26 -6.39
N ASP A 20 -8.32 16.50 -6.38
CA ASP A 20 -6.97 16.76 -6.84
C ASP A 20 -5.96 15.95 -6.02
N ASN A 21 -6.24 15.79 -4.73
CA ASN A 21 -5.35 15.05 -3.84
C ASN A 21 -5.78 13.59 -3.76
N PHE A 22 -7.01 13.35 -3.33
CA PHE A 22 -7.54 11.99 -3.21
C PHE A 22 -8.30 11.59 -4.47
N TYR A 23 -8.23 10.30 -4.81
CA TYR A 23 -8.90 9.79 -5.99
C TYR A 23 -9.82 8.63 -5.63
N CYS A 24 -10.64 8.21 -6.59
CA CYS A 24 -11.56 7.11 -6.37
C CYS A 24 -11.12 5.86 -7.14
N PRO A 25 -10.26 5.05 -6.50
CA PRO A 25 -9.76 3.82 -7.10
C PRO A 25 -10.83 2.74 -7.23
N MET A 26 -10.53 1.69 -8.00
CA MET A 26 -11.46 0.60 -8.20
C MET A 26 -11.18 -0.55 -7.23
N GLU A 27 -12.04 -0.69 -6.24
CA GLU A 27 -11.88 -1.75 -5.24
C GLU A 27 -13.19 -1.97 -4.46
N PHE A 28 -13.17 -2.95 -3.57
CA PHE A 28 -14.34 -3.26 -2.77
C PHE A 28 -14.88 -2.01 -2.08
N ILE A 29 -14.03 -1.35 -1.30
CA ILE A 29 -14.42 -0.14 -0.59
C ILE A 29 -13.50 1.02 -0.94
N PRO A 30 -13.98 1.92 -1.81
CA PRO A 30 -13.21 3.09 -2.25
C PRO A 30 -13.04 4.12 -1.13
N HIS A 31 -11.85 4.69 -1.03
CA HIS A 31 -11.56 5.69 0.00
C HIS A 31 -10.81 6.88 -0.60
N CYS A 32 -10.75 7.97 0.15
CA CYS A 32 -10.05 9.17 -0.30
C CYS A 32 -8.68 9.28 0.32
N LYS A 33 -7.71 8.56 -0.25
CA LYS A 33 -6.35 8.57 0.25
C LYS A 33 -5.41 9.22 -0.76
N LYS A 34 -4.39 9.91 -0.26
CA LYS A 34 -3.41 10.58 -1.12
C LYS A 34 -2.55 9.57 -1.85
N TYR A 35 -2.14 9.91 -3.07
CA TYR A 35 -1.31 9.02 -3.88
C TYR A 35 -0.09 8.56 -3.09
N LYS A 36 0.41 7.37 -3.43
CA LYS A 36 1.57 6.81 -2.76
C LYS A 36 2.72 7.81 -2.75
N PRO A 37 3.68 7.60 -1.83
CA PRO A 37 4.86 8.47 -1.70
C PRO A 37 5.82 8.33 -2.87
N TYR A 38 6.75 9.27 -2.99
CA TYR A 38 7.73 9.25 -4.07
C TYR A 38 8.67 8.05 -3.94
N VAL A 39 9.22 7.62 -5.07
CA VAL A 39 10.13 6.49 -5.07
C VAL A 39 11.48 6.86 -4.48
N PRO A 40 11.99 6.00 -3.58
CA PRO A 40 13.29 6.22 -2.92
C PRO A 40 14.46 6.08 -3.89
N VAL A 41 15.61 6.60 -3.48
CA VAL A 41 16.81 6.53 -4.30
C VAL A 41 17.40 5.12 -4.30
N THR A 42 18.03 4.76 -5.41
CA THR A 42 18.63 3.44 -5.55
C THR A 42 19.55 3.13 -4.38
N THR A 43 19.64 1.85 -4.00
CA THR A 43 20.49 1.43 -2.90
C THR A 43 20.02 2.03 -1.59
N SER A 44 18.70 2.14 -1.43
CA SER A 44 18.12 2.69 -0.21
C SER A 44 17.94 1.62 0.85
N PHE A 45 17.89 2.05 2.11
CA PHE A 45 17.72 1.11 3.22
C PHE A 45 16.24 1.00 3.63
N ASN A 46 15.70 -0.20 3.52
CA ASN A 46 14.30 -0.43 3.88
C ASN A 46 14.02 -1.92 4.04
N CYS A 47 13.21 -2.26 5.04
CA CYS A 47 12.88 -3.66 5.29
C CYS A 47 12.12 -4.25 4.11
N ALA A 48 12.08 -5.58 4.06
CA ALA A 48 11.38 -6.28 2.97
C ALA A 48 9.89 -6.33 3.22
N LYS A 49 9.13 -5.62 2.38
CA LYS A 49 7.68 -5.58 2.51
C LYS A 49 7.04 -6.87 1.99
N GLU A 50 5.76 -7.04 2.26
CA GLU A 50 5.04 -8.23 1.82
C GLU A 50 5.24 -8.45 0.32
N GLY A 51 5.69 -9.65 -0.03
CA GLY A 51 5.92 -9.98 -1.42
C GLY A 51 7.39 -9.99 -1.79
N GLU A 52 8.17 -9.17 -1.09
CA GLU A 52 9.60 -9.08 -1.35
C GLU A 52 10.29 -10.41 -1.05
N VAL A 53 11.41 -10.65 -1.72
CA VAL A 53 12.17 -11.89 -1.53
C VAL A 53 13.19 -11.73 -0.41
N CYS A 54 13.49 -12.84 0.26
CA CYS A 54 14.45 -12.84 1.36
C CYS A 54 15.65 -13.71 1.03
N GLY A 55 16.75 -13.47 1.72
CA GLY A 55 17.96 -14.25 1.49
C GLY A 55 19.16 -13.38 1.17
N TRP A 56 18.91 -12.27 0.49
CA TRP A 56 19.98 -11.35 0.12
C TRP A 56 20.07 -10.18 1.10
N GLY A 57 20.23 -10.50 2.38
CA GLY A 57 20.32 -9.47 3.39
C GLY A 57 19.05 -8.66 3.51
N SER A 58 17.91 -9.31 3.28
CA SER A 58 16.61 -8.63 3.35
C SER A 58 15.75 -9.24 4.46
N LYS A 59 15.44 -8.44 5.47
CA LYS A 59 14.62 -8.89 6.58
C LYS A 59 13.23 -8.28 6.52
N CYS A 60 12.21 -9.12 6.65
CA CYS A 60 10.82 -8.65 6.62
C CYS A 60 10.57 -7.62 7.70
N CYS A 61 9.62 -6.72 7.44
CA CYS A 61 9.29 -5.67 8.40
C CYS A 61 8.55 -6.25 9.60
N HIS A 62 8.37 -5.42 10.63
CA HIS A 62 7.68 -5.85 11.84
C HIS A 62 6.30 -6.41 11.51
N GLY A 63 6.04 -7.64 11.94
CA GLY A 63 4.76 -8.27 11.69
C GLY A 63 4.83 -9.25 10.53
N LEU A 64 5.80 -9.07 9.65
CA LEU A 64 5.96 -9.94 8.49
C LEU A 64 7.05 -10.97 8.74
N ASP A 65 7.02 -12.05 7.96
CA ASP A 65 8.01 -13.12 8.10
C ASP A 65 8.23 -13.82 6.76
N CYS A 66 9.36 -14.50 6.64
CA CYS A 66 9.70 -15.22 5.41
C CYS A 66 9.82 -16.72 5.68
N PRO A 67 9.16 -17.53 4.84
CA PRO A 67 9.18 -18.99 4.96
C PRO A 67 10.54 -19.58 4.62
N LEU A 68 10.73 -20.85 4.96
CA LEU A 68 11.98 -21.54 4.68
C LEU A 68 11.90 -22.35 3.39
N ALA A 69 12.33 -21.75 2.29
CA ALA A 69 12.31 -22.42 1.00
C ALA A 69 13.29 -21.77 0.02
N PHE A 70 13.27 -22.23 -1.22
CA PHE A 70 14.16 -21.70 -2.25
C PHE A 70 14.05 -20.17 -2.32
N ILE A 71 12.88 -19.69 -2.73
CA ILE A 71 12.65 -18.26 -2.84
C ILE A 71 11.40 -17.84 -2.08
N PRO A 72 11.56 -17.63 -0.76
CA PRO A 72 10.44 -17.23 0.11
C PRO A 72 10.00 -15.80 -0.16
N TYR A 73 8.87 -15.41 0.44
CA TYR A 73 8.32 -14.07 0.25
C TYR A 73 7.69 -13.57 1.55
N CYS A 74 8.03 -12.34 1.93
CA CYS A 74 7.50 -11.73 3.13
C CYS A 74 5.98 -11.82 3.17
N GLU A 75 5.43 -12.10 4.35
CA GLU A 75 3.99 -12.23 4.51
C GLU A 75 3.58 -12.03 5.97
N LYS A 76 2.46 -11.35 6.18
CA LYS A 76 1.96 -11.08 7.53
C LYS A 76 1.90 -12.37 8.34
N TYR A 77 2.65 -12.40 9.44
CA TYR A 77 2.68 -13.58 10.31
C TYR A 77 1.28 -13.97 10.73
N ARG A 78 0.94 -15.24 10.53
CA ARG A 78 -0.38 -15.75 10.88
C ARG A 78 -0.60 -15.64 12.39
N GLY A 1 -20.19 18.62 -20.59
CA GLY A 1 -19.97 17.59 -19.58
C GLY A 1 -20.25 18.09 -18.17
N ASP A 2 -20.04 17.23 -17.20
CA ASP A 2 -20.26 17.58 -15.80
C ASP A 2 -19.24 16.90 -14.89
N CYS A 3 -19.20 17.33 -13.63
CA CYS A 3 -18.26 16.77 -12.66
C CYS A 3 -18.56 17.30 -11.26
N ALA A 4 -17.85 16.74 -10.27
CA ALA A 4 -18.03 17.16 -8.88
C ALA A 4 -16.86 18.02 -8.41
N LYS A 5 -17.17 19.25 -8.02
CA LYS A 5 -16.15 20.17 -7.55
C LYS A 5 -15.39 19.59 -6.35
N GLU A 6 -14.37 20.30 -5.89
CA GLU A 6 -13.58 19.85 -4.75
C GLU A 6 -14.39 19.95 -3.46
N GLY A 7 -14.29 18.92 -2.62
CA GLY A 7 -15.01 18.91 -1.36
C GLY A 7 -16.34 18.20 -1.47
N GLU A 8 -16.93 18.23 -2.66
CA GLU A 8 -18.23 17.59 -2.89
C GLU A 8 -18.08 16.07 -2.92
N VAL A 9 -19.20 15.37 -2.74
CA VAL A 9 -19.19 13.92 -2.75
C VAL A 9 -19.14 13.38 -4.17
N CYS A 10 -18.54 12.20 -4.34
CA CYS A 10 -18.43 11.58 -5.65
C CYS A 10 -19.28 10.31 -5.72
N SER A 11 -19.88 10.07 -6.88
CA SER A 11 -20.71 8.89 -7.08
C SER A 11 -20.40 8.22 -8.41
N TRP A 12 -21.18 7.21 -8.76
CA TRP A 12 -20.99 6.48 -10.01
C TRP A 12 -21.29 7.36 -11.20
N GLY A 13 -22.35 8.16 -11.10
CA GLY A 13 -22.73 9.04 -12.18
C GLY A 13 -22.00 10.37 -12.13
N LYS A 14 -21.57 10.76 -10.94
CA LYS A 14 -20.86 12.02 -10.75
C LYS A 14 -19.36 11.78 -10.59
N LYS A 15 -18.57 12.25 -11.55
CA LYS A 15 -17.12 12.08 -11.51
C LYS A 15 -16.44 13.40 -11.14
N CYS A 16 -15.57 13.36 -10.14
CA CYS A 16 -14.85 14.54 -9.70
C CYS A 16 -14.16 15.22 -10.87
N CYS A 17 -14.17 16.56 -10.88
CA CYS A 17 -13.55 17.33 -11.94
C CYS A 17 -12.06 17.01 -12.03
N ASP A 18 -11.43 16.79 -10.88
CA ASP A 18 -10.00 16.47 -10.84
C ASP A 18 -9.77 15.10 -10.21
N LEU A 19 -10.03 14.05 -10.99
CA LEU A 19 -9.85 12.69 -10.52
C LEU A 19 -8.37 12.38 -10.28
N ASP A 20 -7.52 12.94 -11.13
CA ASP A 20 -6.08 12.73 -11.03
C ASP A 20 -5.58 13.17 -9.65
N ASN A 21 -6.16 14.24 -9.13
CA ASN A 21 -5.77 14.76 -7.82
C ASN A 21 -6.61 14.16 -6.71
N PHE A 22 -7.93 14.34 -6.82
CA PHE A 22 -8.85 13.81 -5.81
C PHE A 22 -9.39 12.45 -6.25
N TYR A 23 -9.57 11.56 -5.28
CA TYR A 23 -10.08 10.22 -5.56
C TYR A 23 -11.24 9.87 -4.63
N CYS A 24 -11.82 8.70 -4.84
CA CYS A 24 -12.93 8.24 -4.01
C CYS A 24 -12.51 7.09 -3.11
N PRO A 25 -11.99 7.44 -1.92
CA PRO A 25 -11.53 6.45 -0.94
C PRO A 25 -12.68 5.67 -0.32
N MET A 26 -12.36 4.57 0.35
CA MET A 26 -13.37 3.74 0.99
C MET A 26 -13.75 4.30 2.35
N GLU A 27 -14.91 4.94 2.42
CA GLU A 27 -15.39 5.53 3.66
C GLU A 27 -16.88 5.85 3.58
N PHE A 28 -17.47 6.24 4.70
CA PHE A 28 -18.88 6.56 4.77
C PHE A 28 -19.25 7.58 3.69
N ILE A 29 -18.57 8.73 3.71
CA ILE A 29 -18.83 9.78 2.73
C ILE A 29 -17.55 10.16 1.99
N PRO A 30 -17.41 9.66 0.75
CA PRO A 30 -16.24 9.95 -0.09
C PRO A 30 -16.19 11.40 -0.55
N HIS A 31 -15.12 12.09 -0.22
CA HIS A 31 -14.95 13.48 -0.60
C HIS A 31 -13.78 13.64 -1.57
N CYS A 32 -13.79 14.73 -2.33
CA CYS A 32 -12.73 15.00 -3.30
C CYS A 32 -11.56 15.71 -2.63
N LYS A 33 -10.77 14.96 -1.88
CA LYS A 33 -9.62 15.51 -1.17
C LYS A 33 -8.32 14.95 -1.75
N LYS A 34 -7.26 15.76 -1.74
CA LYS A 34 -5.97 15.34 -2.25
C LYS A 34 -5.40 14.21 -1.42
N TYR A 35 -4.59 13.36 -2.06
CA TYR A 35 -3.97 12.23 -1.36
C TYR A 35 -3.25 12.69 -0.10
N LYS A 36 -3.14 11.79 0.87
CA LYS A 36 -2.47 12.10 2.12
C LYS A 36 -1.08 12.68 1.88
N PRO A 37 -0.54 13.37 2.90
CA PRO A 37 0.79 13.98 2.81
C PRO A 37 1.91 12.95 2.80
N TYR A 38 3.11 13.39 2.44
CA TYR A 38 4.26 12.49 2.39
C TYR A 38 4.42 11.74 3.70
N VAL A 39 4.88 10.49 3.60
CA VAL A 39 5.08 9.65 4.78
C VAL A 39 6.28 10.14 5.60
N PRO A 40 6.09 10.24 6.92
CA PRO A 40 7.14 10.68 7.84
C PRO A 40 8.26 9.66 7.98
N VAL A 41 9.40 10.11 8.48
CA VAL A 41 10.55 9.23 8.67
C VAL A 41 10.18 8.02 9.52
N THR A 42 10.66 6.84 9.13
CA THR A 42 10.38 5.62 9.86
C THR A 42 11.67 4.96 10.35
N THR A 43 11.54 4.05 11.32
CA THR A 43 12.69 3.36 11.87
C THR A 43 13.50 2.66 10.78
N SER A 44 14.67 2.15 11.15
CA SER A 44 15.54 1.47 10.20
C SER A 44 14.95 0.11 9.82
N PHE A 45 15.19 -0.31 8.58
CA PHE A 45 14.69 -1.59 8.09
C PHE A 45 15.77 -2.65 8.13
N ASN A 46 15.36 -3.91 8.11
CA ASN A 46 16.30 -5.04 8.15
C ASN A 46 15.70 -6.27 7.49
N CYS A 47 16.31 -6.72 6.40
CA CYS A 47 15.85 -7.89 5.68
C CYS A 47 15.89 -9.13 6.57
N ALA A 48 15.14 -10.16 6.19
CA ALA A 48 15.10 -11.41 6.96
C ALA A 48 16.31 -12.27 6.65
N LYS A 49 17.17 -12.44 7.67
CA LYS A 49 18.37 -13.26 7.50
C LYS A 49 18.04 -14.74 7.53
N GLU A 50 19.00 -15.58 7.16
CA GLU A 50 18.82 -17.02 7.15
C GLU A 50 18.26 -17.51 8.48
N GLY A 51 17.17 -18.25 8.43
CA GLY A 51 16.56 -18.77 9.64
C GLY A 51 15.31 -18.01 10.04
N GLU A 52 15.27 -16.73 9.69
CA GLU A 52 14.13 -15.87 10.02
C GLU A 52 12.87 -16.37 9.30
N VAL A 53 11.72 -16.06 9.88
CA VAL A 53 10.44 -16.46 9.30
C VAL A 53 9.91 -15.41 8.33
N CYS A 54 9.17 -15.85 7.32
CA CYS A 54 8.61 -14.95 6.32
C CYS A 54 7.08 -14.97 6.37
N GLY A 55 6.46 -13.87 5.95
CA GLY A 55 5.02 -13.78 5.94
C GLY A 55 4.51 -12.51 6.57
N TRP A 56 5.23 -12.01 7.57
CA TRP A 56 4.85 -10.78 8.26
C TRP A 56 5.61 -9.59 7.70
N GLY A 57 5.50 -9.38 6.39
CA GLY A 57 6.20 -8.27 5.76
C GLY A 57 7.70 -8.38 5.87
N SER A 58 8.21 -9.62 5.86
CA SER A 58 9.64 -9.85 5.97
C SER A 58 10.17 -10.53 4.71
N LYS A 59 11.06 -9.84 4.00
CA LYS A 59 11.64 -10.37 2.78
C LYS A 59 13.10 -10.76 3.00
N CYS A 60 13.47 -11.95 2.55
CA CYS A 60 14.84 -12.43 2.69
C CYS A 60 15.84 -11.49 2.02
N CYS A 61 17.06 -11.45 2.54
CA CYS A 61 18.09 -10.59 1.99
C CYS A 61 18.54 -11.09 0.62
N HIS A 62 19.35 -10.28 -0.06
CA HIS A 62 19.86 -10.64 -1.38
C HIS A 62 20.60 -11.97 -1.33
N GLY A 63 20.17 -12.91 -2.17
CA GLY A 63 20.81 -14.22 -2.21
C GLY A 63 20.01 -15.27 -1.47
N LEU A 64 19.17 -14.83 -0.53
CA LEU A 64 18.34 -15.74 0.25
C LEU A 64 16.91 -15.75 -0.27
N ASP A 65 16.18 -16.82 0.07
CA ASP A 65 14.79 -16.95 -0.36
C ASP A 65 13.98 -17.76 0.65
N CYS A 66 12.66 -17.62 0.59
CA CYS A 66 11.77 -18.33 1.51
C CYS A 66 10.86 -19.29 0.74
N PRO A 67 10.78 -20.53 1.24
CA PRO A 67 9.95 -21.58 0.62
C PRO A 67 8.46 -21.31 0.79
N LEU A 68 7.64 -22.04 0.04
CA LEU A 68 6.20 -21.87 0.12
C LEU A 68 5.57 -22.92 1.03
N ALA A 69 5.36 -22.55 2.29
CA ALA A 69 4.78 -23.46 3.27
C ALA A 69 4.17 -22.68 4.45
N PHE A 70 3.70 -23.41 5.45
CA PHE A 70 3.10 -22.80 6.62
C PHE A 70 4.04 -21.74 7.23
N ILE A 71 5.19 -22.20 7.71
CA ILE A 71 6.17 -21.30 8.31
C ILE A 71 7.55 -21.51 7.69
N PRO A 72 7.79 -20.88 6.53
CA PRO A 72 9.06 -20.97 5.83
C PRO A 72 10.19 -20.26 6.57
N TYR A 73 11.42 -20.46 6.10
CA TYR A 73 12.58 -19.85 6.72
C TYR A 73 13.62 -19.46 5.66
N CYS A 74 14.11 -18.23 5.76
CA CYS A 74 15.11 -17.74 4.81
C CYS A 74 16.28 -18.71 4.70
N GLU A 75 16.73 -18.96 3.48
CA GLU A 75 17.85 -19.86 3.24
C GLU A 75 18.53 -19.55 1.92
N LYS A 76 19.85 -19.74 1.88
CA LYS A 76 20.63 -19.48 0.67
C LYS A 76 20.01 -20.18 -0.53
N TYR A 77 19.61 -19.39 -1.53
CA TYR A 77 19.00 -19.93 -2.73
C TYR A 77 19.92 -20.96 -3.39
N ARG A 78 19.35 -22.11 -3.77
CA ARG A 78 20.12 -23.17 -4.41
C ARG A 78 20.42 -22.82 -5.86
N GLY A 1 -19.41 25.44 -15.85
CA GLY A 1 -20.05 24.30 -15.22
C GLY A 1 -20.05 24.40 -13.71
N ASP A 2 -20.97 23.68 -13.07
CA ASP A 2 -21.08 23.70 -11.62
C ASP A 2 -19.97 22.88 -10.98
N CYS A 3 -20.00 22.76 -9.66
CA CYS A 3 -19.00 21.99 -8.92
C CYS A 3 -19.38 21.87 -7.45
N ALA A 4 -19.04 20.73 -6.86
CA ALA A 4 -19.34 20.48 -5.46
C ALA A 4 -18.41 21.27 -4.54
N LYS A 5 -18.98 21.89 -3.51
CA LYS A 5 -18.20 22.66 -2.55
C LYS A 5 -17.12 21.82 -1.91
N GLU A 6 -16.24 22.46 -1.15
CA GLU A 6 -15.15 21.76 -0.47
C GLU A 6 -15.70 20.79 0.57
N GLY A 7 -15.36 19.51 0.42
CA GLY A 7 -15.83 18.51 1.35
C GLY A 7 -17.10 17.83 0.89
N GLU A 8 -17.91 18.56 0.12
CA GLU A 8 -19.16 18.02 -0.39
C GLU A 8 -18.91 16.82 -1.30
N VAL A 9 -19.89 15.93 -1.37
CA VAL A 9 -19.78 14.74 -2.22
C VAL A 9 -19.74 15.11 -3.69
N CYS A 10 -18.93 14.39 -4.46
CA CYS A 10 -18.81 14.64 -5.89
C CYS A 10 -19.20 13.41 -6.70
N SER A 11 -19.94 13.63 -7.78
CA SER A 11 -20.39 12.53 -8.63
C SER A 11 -19.71 12.59 -9.99
N TRP A 12 -20.18 11.78 -10.93
CA TRP A 12 -19.61 11.75 -12.27
C TRP A 12 -19.83 13.07 -12.99
N GLY A 13 -20.99 13.68 -12.75
CA GLY A 13 -21.29 14.95 -13.38
C GLY A 13 -20.89 16.14 -12.53
N LYS A 14 -20.80 15.93 -11.22
CA LYS A 14 -20.41 16.99 -10.29
C LYS A 14 -18.98 16.79 -9.83
N LYS A 15 -18.11 17.73 -10.21
CA LYS A 15 -16.70 17.67 -9.83
C LYS A 15 -16.38 18.72 -8.77
N CYS A 16 -15.24 18.56 -8.12
CA CYS A 16 -14.82 19.49 -7.08
C CYS A 16 -14.35 20.81 -7.69
N CYS A 17 -14.84 21.91 -7.12
CA CYS A 17 -14.47 23.24 -7.60
C CYS A 17 -12.95 23.39 -7.69
N ASP A 18 -12.25 22.78 -6.74
CA ASP A 18 -10.80 22.85 -6.71
C ASP A 18 -10.19 21.48 -6.99
N LEU A 19 -9.80 21.25 -8.24
CA LEU A 19 -9.20 19.98 -8.64
C LEU A 19 -7.73 19.92 -8.25
N ASP A 20 -7.06 21.07 -8.33
CA ASP A 20 -5.64 21.15 -7.99
C ASP A 20 -5.41 20.74 -6.53
N ASN A 21 -6.36 21.09 -5.67
CA ASN A 21 -6.26 20.76 -4.25
C ASN A 21 -7.09 19.52 -3.92
N PHE A 22 -8.39 19.60 -4.17
CA PHE A 22 -9.29 18.48 -3.91
C PHE A 22 -9.48 17.63 -5.17
N TYR A 23 -10.13 16.48 -5.00
CA TYR A 23 -10.37 15.57 -6.11
C TYR A 23 -11.48 14.57 -5.77
N CYS A 24 -11.90 13.80 -6.76
CA CYS A 24 -12.95 12.81 -6.56
C CYS A 24 -12.37 11.39 -6.61
N PRO A 25 -11.93 10.89 -5.44
CA PRO A 25 -11.35 9.55 -5.33
C PRO A 25 -12.39 8.45 -5.53
N MET A 26 -11.93 7.25 -5.84
CA MET A 26 -12.82 6.11 -6.06
C MET A 26 -13.02 5.34 -4.76
N GLU A 27 -14.21 5.50 -4.16
CA GLU A 27 -14.53 4.81 -2.92
C GLU A 27 -16.03 4.83 -2.67
N PHE A 28 -16.44 4.26 -1.54
CA PHE A 28 -17.85 4.20 -1.18
C PHE A 28 -18.49 5.59 -1.26
N ILE A 29 -17.88 6.55 -0.56
CA ILE A 29 -18.39 7.92 -0.56
C ILE A 29 -17.31 8.90 -1.02
N PRO A 30 -17.42 9.35 -2.28
CA PRO A 30 -16.47 10.29 -2.87
C PRO A 30 -16.59 11.69 -2.26
N HIS A 31 -15.50 12.18 -1.69
CA HIS A 31 -15.48 13.50 -1.08
C HIS A 31 -14.55 14.45 -1.83
N CYS A 32 -14.62 15.73 -1.51
CA CYS A 32 -13.78 16.74 -2.15
C CYS A 32 -12.69 17.21 -1.20
N LYS A 33 -11.80 16.30 -0.81
CA LYS A 33 -10.71 16.64 0.09
C LYS A 33 -9.36 16.52 -0.62
N LYS A 34 -8.31 17.03 0.03
CA LYS A 34 -6.97 16.99 -0.54
C LYS A 34 -6.39 15.57 -0.46
N TYR A 35 -5.41 15.30 -1.31
CA TYR A 35 -4.78 13.98 -1.34
C TYR A 35 -4.33 13.57 0.06
N LYS A 36 -4.33 12.27 0.32
CA LYS A 36 -3.92 11.73 1.61
C LYS A 36 -2.67 10.87 1.47
N PRO A 37 -1.94 10.71 2.59
CA PRO A 37 -0.72 9.91 2.61
C PRO A 37 -1.00 8.42 2.46
N TYR A 38 -0.36 7.80 1.49
CA TYR A 38 -0.54 6.37 1.24
C TYR A 38 -0.29 5.56 2.51
N VAL A 39 -0.97 4.42 2.61
CA VAL A 39 -0.81 3.56 3.78
C VAL A 39 -0.45 2.13 3.36
N PRO A 40 0.55 1.55 4.03
CA PRO A 40 1.02 0.19 3.75
C PRO A 40 0.01 -0.86 4.17
N VAL A 41 -0.35 -1.75 3.24
CA VAL A 41 -1.31 -2.81 3.51
C VAL A 41 -0.60 -4.12 3.81
N THR A 42 -1.20 -4.92 4.70
CA THR A 42 -0.62 -6.20 5.08
C THR A 42 -0.30 -7.04 3.85
N THR A 43 0.53 -8.06 4.03
CA THR A 43 0.92 -8.95 2.94
C THR A 43 1.69 -8.19 1.86
N SER A 44 2.51 -7.23 2.29
CA SER A 44 3.30 -6.43 1.36
C SER A 44 4.64 -7.10 1.07
N PHE A 45 5.32 -6.64 0.02
CA PHE A 45 6.61 -7.19 -0.36
C PHE A 45 7.68 -6.80 0.66
N ASN A 46 8.54 -7.75 1.00
CA ASN A 46 9.61 -7.51 1.96
C ASN A 46 10.53 -8.73 2.08
N CYS A 47 11.75 -8.50 2.52
CA CYS A 47 12.72 -9.58 2.68
C CYS A 47 12.24 -10.60 3.71
N ALA A 48 12.66 -11.84 3.53
CA ALA A 48 12.27 -12.91 4.44
C ALA A 48 13.02 -12.80 5.77
N LYS A 49 12.28 -12.46 6.82
CA LYS A 49 12.88 -12.32 8.14
C LYS A 49 13.16 -13.69 8.76
N GLU A 50 13.90 -13.70 9.87
CA GLU A 50 14.25 -14.94 10.55
C GLU A 50 13.01 -15.77 10.83
N GLY A 51 13.03 -17.03 10.40
CA GLY A 51 11.90 -17.91 10.62
C GLY A 51 11.09 -18.13 9.36
N GLU A 52 11.09 -17.14 8.48
CA GLU A 52 10.35 -17.23 7.22
C GLU A 52 10.90 -18.35 6.34
N VAL A 53 10.05 -18.87 5.47
CA VAL A 53 10.45 -19.95 4.57
C VAL A 53 10.96 -19.39 3.23
N CYS A 54 11.89 -20.11 2.62
CA CYS A 54 12.45 -19.69 1.34
C CYS A 54 12.12 -20.70 0.25
N GLY A 55 11.85 -20.19 -0.96
CA GLY A 55 11.52 -21.06 -2.07
C GLY A 55 10.89 -20.31 -3.22
N TRP A 56 10.17 -19.25 -2.92
CA TRP A 56 9.51 -18.45 -3.94
C TRP A 56 10.39 -17.27 -4.36
N GLY A 57 11.69 -17.54 -4.49
CA GLY A 57 12.62 -16.49 -4.88
C GLY A 57 12.71 -15.37 -3.87
N SER A 58 12.55 -15.72 -2.60
CA SER A 58 12.60 -14.74 -1.52
C SER A 58 13.90 -14.86 -0.74
N LYS A 59 14.72 -13.81 -0.78
CA LYS A 59 15.99 -13.80 -0.08
C LYS A 59 15.80 -13.41 1.38
N CYS A 60 16.75 -13.81 2.22
CA CYS A 60 16.69 -13.50 3.65
C CYS A 60 17.16 -12.08 3.92
N CYS A 61 16.50 -11.40 4.86
CA CYS A 61 16.84 -10.03 5.21
C CYS A 61 18.34 -9.92 5.52
N HIS A 62 18.82 -8.69 5.60
CA HIS A 62 20.23 -8.43 5.89
C HIS A 62 20.65 -9.10 7.19
N GLY A 63 21.71 -9.90 7.13
CA GLY A 63 22.19 -10.59 8.32
C GLY A 63 21.51 -11.93 8.52
N LEU A 64 20.91 -12.46 7.47
CA LEU A 64 20.21 -13.73 7.53
C LEU A 64 20.44 -14.55 6.26
N ASP A 65 20.22 -15.86 6.36
CA ASP A 65 20.40 -16.74 5.22
C ASP A 65 19.52 -17.98 5.35
N CYS A 66 19.31 -18.67 4.23
CA CYS A 66 18.48 -19.87 4.23
C CYS A 66 19.30 -21.10 3.85
N PRO A 67 19.17 -22.17 4.66
CA PRO A 67 19.90 -23.43 4.44
C PRO A 67 19.40 -24.17 3.20
N LEU A 68 20.17 -25.16 2.77
CA LEU A 68 19.81 -25.95 1.60
C LEU A 68 19.10 -27.24 2.01
N ALA A 69 17.77 -27.20 1.99
CA ALA A 69 16.97 -28.38 2.36
C ALA A 69 15.56 -28.26 1.82
N PHE A 70 14.71 -29.21 2.18
CA PHE A 70 13.33 -29.22 1.73
C PHE A 70 12.65 -27.88 2.03
N ILE A 71 12.49 -27.58 3.31
CA ILE A 71 11.85 -26.34 3.73
C ILE A 71 12.75 -25.58 4.71
N PRO A 72 13.71 -24.82 4.17
CA PRO A 72 14.64 -24.03 4.98
C PRO A 72 13.96 -22.84 5.65
N TYR A 73 14.68 -22.20 6.57
CA TYR A 73 14.14 -21.05 7.29
C TYR A 73 15.22 -20.02 7.56
N CYS A 74 14.94 -18.76 7.24
CA CYS A 74 15.88 -17.68 7.44
C CYS A 74 16.42 -17.69 8.88
N GLU A 75 17.73 -17.54 9.02
CA GLU A 75 18.36 -17.52 10.33
C GLU A 75 19.68 -16.76 10.30
N LYS A 76 20.12 -16.30 11.46
CA LYS A 76 21.38 -15.57 11.56
C LYS A 76 22.51 -16.32 10.89
N TYR A 77 23.10 -15.70 9.87
CA TYR A 77 24.20 -16.31 9.14
C TYR A 77 25.32 -16.73 10.09
N ARG A 78 25.60 -18.02 10.14
CA ARG A 78 26.65 -18.54 11.01
C ARG A 78 28.00 -17.93 10.67
#